data_2PGN
#
_entry.id   2PGN
#
_cell.length_a   123.600
_cell.length_b   123.600
_cell.length_c   144.300
_cell.angle_alpha   90.00
_cell.angle_beta   90.00
_cell.angle_gamma   90.00
#
_symmetry.space_group_name_H-M   'P 41 21 2'
#
loop_
_entity.id
_entity.type
_entity.pdbx_description
1 polymer 'Cyclohexane-1,2-dione Hydrolase (Cdh)'
2 non-polymer 'MAGNESIUM ION'
3 non-polymer 'HEXAETHYLENE GLYCOL'
4 non-polymer 'FLAVIN-ADENINE DINUCLEOTIDE'
5 non-polymer 'THIAMINE DIPHOSPHATE'
6 non-polymer CYCLOHEXANE-1,2-DIONE
7 water water
#
_entity_poly.entity_id   1
_entity_poly.type   'polypeptide(L)'
_entity_poly.pdbx_seq_one_letter_code
;MAIKRGADLIVEALEEYGTEQVVGFIGHTSHFVADAFSKSHLGKRVINPATELGGAWMVNGYNYVKDRSAAVGAWHCVGN
LLLHAAMQEARTGRIPAVHIGLNSDGRLAGRSEAAQQVPWQSFTPIARSTQRVERLDKVGEAIHEAFRVAEGHPAGPAYV
DIPFDLTADQIDDKALVPRGATRAKSVLHAPNEDVREAAAQLVAAKNPVILAGGGVARSGGSEALLKLAEMVGVPVVTTS
TGAGVFPETHALAMGSAGFCGWKSANDMMAAADFVLVLGSRLSDWGIAQGYITKMPKFVHVDTDPAVLGTFYFPLLSVVA
DAKTFMEQLIEVLPGTSGFKAVRYQERENFRQATEFRAAWDGWVREQESGDGMPASMFRAMAEVRKVQRPEDIIVTDIGN
HTLPMFGGAILQRPRRLVTSMAEGILGCGFPMALGAQLAEPNSRVFLGTGDGALYYHFNEFRVAVEHKLPVITMVFTNES
YGANWTLMNHQFGQNNWTEFMNPDWVGIAKAFGAYGESVRETGDIAGALQRAIDSGKPALIEIPVSKTQGLASDPVGGVG
PNLLLKGREIPVDTGGSMYPGENLLHLKS
;
_entity_poly.pdbx_strand_id   A,B
#
loop_
_chem_comp.id
_chem_comp.type
_chem_comp.name
_chem_comp.formula
CXO non-polymer CYCLOHEXANE-1,2-DIONE 'C6 H8 O2'
FAD non-polymer 'FLAVIN-ADENINE DINUCLEOTIDE' 'C27 H33 N9 O15 P2'
MG non-polymer 'MAGNESIUM ION' 'Mg 2'
P6G non-polymer 'HEXAETHYLENE GLYCOL' 'C12 H26 O7'
TPP non-polymer 'THIAMINE DIPHOSPHATE' 'C12 H19 N4 O7 P2 S 1'
#
# COMPACT_ATOMS: atom_id res chain seq x y z
N ALA A 2 26.06 30.38 -5.82
CA ALA A 2 25.23 30.88 -4.68
C ALA A 2 24.91 29.67 -3.81
N ILE A 3 25.00 29.84 -2.50
CA ILE A 3 24.69 28.76 -1.55
C ILE A 3 23.18 28.46 -1.54
N LYS A 4 22.80 27.17 -1.69
CA LYS A 4 21.36 26.76 -1.71
C LYS A 4 21.24 25.49 -0.89
N ARG A 5 20.11 25.28 -0.20
CA ARG A 5 19.78 23.99 0.43
C ARG A 5 19.49 22.91 -0.60
N GLY A 6 19.77 21.66 -0.27
CA GLY A 6 19.36 20.55 -1.16
C GLY A 6 17.88 20.57 -1.45
N ALA A 7 17.04 20.91 -0.45
CA ALA A 7 15.61 21.03 -0.70
C ALA A 7 15.26 22.03 -1.83
N ASP A 8 15.90 23.19 -1.82
CA ASP A 8 15.69 24.19 -2.86
C ASP A 8 16.13 23.69 -4.21
N LEU A 9 17.23 22.96 -4.29
CA LEU A 9 17.74 22.40 -5.54
C LEU A 9 16.79 21.34 -6.09
N ILE A 10 16.17 20.55 -5.24
CA ILE A 10 15.16 19.57 -5.67
C ILE A 10 14.03 20.27 -6.36
N VAL A 11 13.54 21.33 -5.73
CA VAL A 11 12.41 22.12 -6.31
C VAL A 11 12.81 22.74 -7.66
N GLU A 12 14.02 23.32 -7.70
CA GLU A 12 14.51 23.91 -8.94
C GLU A 12 14.58 22.88 -10.10
N ALA A 13 15.09 21.69 -9.83
CA ALA A 13 15.19 20.63 -10.81
C ALA A 13 13.81 20.18 -11.29
N LEU A 14 12.90 19.95 -10.36
CA LEU A 14 11.53 19.62 -10.75
C LEU A 14 10.87 20.67 -11.67
N GLU A 15 11.09 21.91 -11.36
CA GLU A 15 10.54 23.00 -12.16
C GLU A 15 11.18 22.97 -13.57
N GLU A 16 12.51 22.85 -13.63
CA GLU A 16 13.26 22.84 -14.91
C GLU A 16 12.71 21.81 -15.90
N TYR A 17 12.31 20.62 -15.41
CA TYR A 17 11.90 19.52 -16.26
C TYR A 17 10.38 19.48 -16.45
N GLY A 18 9.68 20.54 -16.10
CA GLY A 18 8.31 20.69 -16.50
C GLY A 18 7.22 20.29 -15.53
N THR A 19 7.55 20.12 -14.25
CA THR A 19 6.56 19.76 -13.23
C THR A 19 5.51 20.86 -13.09
N GLU A 20 4.26 20.46 -13.15
CA GLU A 20 3.06 21.34 -13.03
C GLU A 20 2.31 21.15 -11.67
N GLN A 21 2.39 19.94 -11.12
CA GLN A 21 1.55 19.51 -10.01
C GLN A 21 2.38 18.61 -9.10
N VAL A 22 2.39 18.92 -7.84
CA VAL A 22 3.02 18.11 -6.78
C VAL A 22 1.95 17.42 -5.91
N VAL A 23 2.06 16.12 -5.72
CA VAL A 23 1.33 15.40 -4.74
C VAL A 23 2.30 14.97 -3.62
N GLY A 24 2.14 15.53 -2.43
CA GLY A 24 3.15 15.46 -1.36
C GLY A 24 2.54 15.05 -0.04
N PHE A 25 3.31 14.35 0.78
CA PHE A 25 2.90 13.93 2.11
C PHE A 25 3.99 14.34 3.14
N ILE A 26 3.54 15.03 4.19
CA ILE A 26 4.40 15.57 5.23
C ILE A 26 4.88 14.49 6.24
N GLY A 27 6.08 14.73 6.76
CA GLY A 27 6.74 14.04 7.84
C GLY A 27 8.08 14.70 8.04
N HIS A 28 8.80 14.45 9.12
CA HIS A 28 10.04 15.23 9.36
C HIS A 28 11.05 15.11 8.24
N THR A 29 11.09 13.98 7.51
CA THR A 29 11.99 13.82 6.37
C THR A 29 11.62 14.65 5.15
N SER A 30 10.36 15.06 4.99
CA SER A 30 9.94 15.93 3.90
C SER A 30 9.75 17.39 4.37
N HIS A 31 10.09 17.73 5.63
CA HIS A 31 9.89 19.10 6.15
C HIS A 31 10.63 20.15 5.29
N PHE A 32 11.92 19.93 5.02
CA PHE A 32 12.70 20.91 4.21
C PHE A 32 12.15 21.06 2.82
N VAL A 33 11.78 19.93 2.19
CA VAL A 33 11.17 19.95 0.86
C VAL A 33 9.85 20.71 0.86
N ALA A 34 8.98 20.47 1.84
CA ALA A 34 7.70 21.22 1.94
C ALA A 34 7.96 22.73 2.11
N ASP A 35 8.91 23.08 2.95
CA ASP A 35 9.32 24.47 3.19
C ASP A 35 9.81 25.11 1.88
N ALA A 36 10.66 24.38 1.18
CA ALA A 36 11.17 24.85 -0.15
C ALA A 36 10.03 25.04 -1.19
N PHE A 37 9.11 24.09 -1.30
CA PHE A 37 7.97 24.23 -2.21
C PHE A 37 7.12 25.46 -1.91
N SER A 38 7.01 25.83 -0.64
CA SER A 38 6.17 26.97 -0.23
C SER A 38 6.71 28.29 -0.83
N LYS A 39 7.97 28.31 -1.20
CA LYS A 39 8.63 29.46 -1.78
CA LYS A 39 8.64 29.46 -1.79
C LYS A 39 8.62 29.46 -3.33
N SER A 40 8.03 28.44 -3.92
CA SER A 40 7.96 28.23 -5.37
C SER A 40 6.56 28.41 -5.90
N HIS A 41 6.42 28.64 -7.22
CA HIS A 41 5.10 28.64 -7.80
C HIS A 41 4.37 27.31 -7.78
N LEU A 42 5.07 26.21 -7.52
CA LEU A 42 4.44 24.88 -7.28
C LEU A 42 3.73 24.77 -5.92
N GLY A 43 4.11 25.63 -4.98
CA GLY A 43 3.61 25.50 -3.62
C GLY A 43 2.11 25.60 -3.45
N LYS A 44 1.50 26.48 -4.21
CA LYS A 44 0.10 26.81 -3.99
C LYS A 44 -0.85 25.68 -4.21
N ARG A 45 -0.66 24.96 -5.28
CA ARG A 45 -1.62 23.91 -5.58
C ARG A 45 -1.17 22.48 -5.21
N VAL A 46 -0.19 22.33 -4.31
CA VAL A 46 0.19 20.97 -3.79
C VAL A 46 -1.06 20.24 -3.27
N ILE A 47 -1.21 18.99 -3.66
CA ILE A 47 -2.20 18.08 -3.08
C ILE A 47 -1.62 17.24 -1.95
N ASN A 48 -2.22 17.29 -0.78
CA ASN A 48 -1.86 16.45 0.37
C ASN A 48 -2.94 15.37 0.50
N PRO A 49 -2.68 14.15 0.00
CA PRO A 49 -3.74 13.15 -0.11
C PRO A 49 -4.01 12.47 1.26
N ALA A 50 -5.14 11.79 1.38
CA ALA A 50 -5.45 11.00 2.61
C ALA A 50 -4.44 9.88 2.85
N THR A 51 -3.99 9.23 1.78
CA THR A 51 -2.93 8.22 1.89
C THR A 51 -1.95 8.35 0.72
N GLU A 52 -0.74 7.82 0.83
CA GLU A 52 0.26 7.85 -0.24
C GLU A 52 -0.11 6.99 -1.47
N LEU A 53 -0.79 5.86 -1.28
CA LEU A 53 -1.26 5.09 -2.43
C LEU A 53 -2.37 5.83 -3.16
N GLY A 54 -3.32 6.45 -2.48
CA GLY A 54 -4.29 7.31 -3.14
C GLY A 54 -3.62 8.41 -3.95
N GLY A 55 -2.64 9.10 -3.34
CA GLY A 55 -1.89 10.13 -4.04
C GLY A 55 -1.12 9.61 -5.25
N ALA A 56 -0.53 8.42 -5.16
CA ALA A 56 0.16 7.84 -6.27
C ALA A 56 -0.78 7.45 -7.43
N TRP A 57 -1.99 7.05 -7.14
CA TRP A 57 -3.05 6.90 -8.14
C TRP A 57 -3.43 8.23 -8.82
N MET A 58 -3.51 9.33 -8.06
CA MET A 58 -3.74 10.66 -8.64
C MET A 58 -2.64 11.03 -9.62
N VAL A 59 -1.37 10.79 -9.29
CA VAL A 59 -0.24 11.03 -10.21
C VAL A 59 -0.44 10.22 -11.49
N ASN A 60 -0.86 8.96 -11.38
CA ASN A 60 -1.12 8.13 -12.58
C ASN A 60 -2.28 8.65 -13.43
N GLY A 61 -3.38 9.09 -12.85
CA GLY A 61 -4.49 9.66 -13.64
C GLY A 61 -4.11 10.94 -14.36
N TYR A 62 -3.38 11.82 -13.65
CA TYR A 62 -2.93 13.09 -14.15
C TYR A 62 -2.02 12.88 -15.38
N ASN A 63 -1.03 11.97 -15.20
CA ASN A 63 0.01 11.77 -16.21
C ASN A 63 -0.47 10.93 -17.39
N TYR A 64 -1.44 10.05 -17.14
CA TYR A 64 -2.01 9.24 -18.23
C TYR A 64 -2.64 10.19 -19.28
N VAL A 65 -3.40 11.19 -18.80
CA VAL A 65 -4.05 12.14 -19.73
C VAL A 65 -3.08 13.17 -20.33
N LYS A 66 -1.94 13.43 -19.65
CA LYS A 66 -0.92 14.40 -20.12
C LYS A 66 0.19 13.81 -21.00
N ASP A 67 0.41 12.50 -20.95
CA ASP A 67 1.48 11.85 -21.70
C ASP A 67 2.89 12.42 -21.38
N ARG A 68 3.07 12.87 -20.14
CA ARG A 68 4.38 13.29 -19.61
C ARG A 68 4.27 13.25 -18.07
N SER A 69 5.39 13.40 -17.34
CA SER A 69 5.43 13.39 -15.86
C SER A 69 5.16 14.83 -15.36
N ALA A 70 3.99 15.37 -15.72
CA ALA A 70 3.53 16.70 -15.32
C ALA A 70 3.22 16.76 -13.81
N ALA A 71 2.73 15.65 -13.26
CA ALA A 71 2.53 15.45 -11.82
C ALA A 71 3.72 14.62 -11.24
N VAL A 72 4.20 14.99 -10.07
CA VAL A 72 5.29 14.29 -9.38
C VAL A 72 4.87 14.01 -7.94
N GLY A 73 5.34 12.90 -7.36
CA GLY A 73 5.14 12.60 -5.94
C GLY A 73 6.36 12.99 -5.09
N ALA A 74 6.11 13.42 -3.86
CA ALA A 74 7.19 13.76 -2.92
C ALA A 74 6.75 13.28 -1.52
N TRP A 75 7.50 12.30 -0.95
CA TRP A 75 7.01 11.47 0.14
C TRP A 75 7.99 11.34 1.30
N HIS A 76 7.48 11.59 2.51
CA HIS A 76 8.20 11.26 3.74
C HIS A 76 8.46 9.74 3.83
N CYS A 77 9.70 9.39 4.13
CA CYS A 77 10.24 8.05 4.29
C CYS A 77 9.25 6.88 4.21
N VAL A 78 8.64 6.48 5.30
CA VAL A 78 7.87 5.20 5.33
C VAL A 78 6.61 5.29 4.49
N GLY A 79 6.12 6.49 4.19
CA GLY A 79 5.00 6.60 3.21
C GLY A 79 5.34 6.08 1.82
N ASN A 80 6.62 6.05 1.45
CA ASN A 80 7.05 5.47 0.17
C ASN A 80 6.72 3.97 0.11
N LEU A 81 6.58 3.31 1.27
CA LEU A 81 6.23 1.87 1.32
C LEU A 81 4.85 1.53 0.82
N LEU A 82 4.00 2.54 0.64
CA LEU A 82 2.63 2.39 0.05
C LEU A 82 2.57 2.54 -1.50
N LEU A 83 3.68 2.85 -2.15
CA LEU A 83 3.65 3.22 -3.59
C LEU A 83 3.56 2.06 -4.57
N HIS A 84 3.94 0.84 -4.14
CA HIS A 84 4.26 -0.24 -5.12
C HIS A 84 3.13 -0.58 -6.10
N ALA A 85 1.91 -0.66 -5.64
CA ALA A 85 0.80 -1.03 -6.55
C ALA A 85 0.61 -0.03 -7.71
N ALA A 86 0.51 1.27 -7.37
CA ALA A 86 0.38 2.29 -8.40
C ALA A 86 1.63 2.34 -9.29
N MET A 87 2.82 2.14 -8.70
CA MET A 87 4.06 2.16 -9.47
C MET A 87 4.09 1.04 -10.50
N GLN A 88 3.59 -0.14 -10.15
CA GLN A 88 3.56 -1.28 -11.09
C GLN A 88 2.62 -1.00 -12.27
N GLU A 89 1.43 -0.44 -12.00
CA GLU A 89 0.56 -0.02 -13.11
C GLU A 89 1.25 1.00 -14.06
N ALA A 90 1.98 1.95 -13.48
CA ALA A 90 2.66 2.92 -14.34
C ALA A 90 3.71 2.23 -15.26
N ARG A 91 4.41 1.20 -14.71
CA ARG A 91 5.39 0.48 -15.51
C ARG A 91 4.76 -0.22 -16.72
N THR A 92 3.88 -1.19 -16.46
CA THR A 92 3.30 -1.93 -17.59
C THR A 92 2.31 -1.17 -18.44
N GLY A 93 1.67 -0.17 -17.83
CA GLY A 93 0.70 0.73 -18.46
C GLY A 93 1.32 1.95 -19.16
N ARG A 94 2.65 2.05 -19.18
CA ARG A 94 3.36 3.12 -19.94
C ARG A 94 2.94 4.53 -19.53
N ILE A 95 2.91 4.75 -18.20
CA ILE A 95 2.57 6.07 -17.63
C ILE A 95 3.85 6.71 -17.10
N PRO A 96 4.24 7.88 -17.63
CA PRO A 96 5.41 8.56 -17.09
C PRO A 96 5.07 9.03 -15.66
N ALA A 97 5.98 8.81 -14.72
CA ALA A 97 5.75 9.23 -13.34
C ALA A 97 7.00 9.25 -12.42
C ALA A 97 7.18 9.36 -12.70
N VAL A 98 7.42 10.46 -12.04
CA VAL A 98 8.61 10.65 -11.20
C VAL A 98 8.11 10.77 -9.75
N HIS A 99 8.71 9.97 -8.86
CA HIS A 99 8.51 9.92 -7.40
C HIS A 99 9.83 10.22 -6.67
N ILE A 100 9.83 11.20 -5.76
CA ILE A 100 10.96 11.57 -4.95
C ILE A 100 10.62 11.11 -3.52
N GLY A 101 11.38 10.13 -3.01
CA GLY A 101 11.30 9.63 -1.63
C GLY A 101 12.39 10.21 -0.78
N LEU A 102 11.98 10.86 0.33
CA LEU A 102 12.96 11.41 1.28
C LEU A 102 13.12 10.34 2.36
N ASN A 103 14.30 9.72 2.41
CA ASN A 103 14.59 8.70 3.40
C ASN A 103 15.08 9.35 4.74
N SER A 104 15.25 8.53 5.77
CA SER A 104 15.81 8.98 7.02
C SER A 104 17.32 9.32 6.90
N ASP A 105 17.87 9.92 7.97
CA ASP A 105 19.24 10.46 7.99
C ASP A 105 20.24 9.40 7.52
N GLY A 106 21.06 9.78 6.54
CA GLY A 106 22.06 8.88 6.03
C GLY A 106 23.11 8.45 7.06
N ARG A 107 23.31 9.23 8.13
CA ARG A 107 24.19 8.85 9.23
C ARG A 107 23.74 7.52 9.88
N LEU A 108 22.44 7.25 9.89
CA LEU A 108 21.81 6.14 10.63
C LEU A 108 21.58 4.91 9.71
N ALA A 109 21.87 5.04 8.42
CA ALA A 109 21.64 3.95 7.47
C ALA A 109 22.48 2.73 7.82
N GLY A 110 21.92 1.57 7.61
CA GLY A 110 22.63 0.31 7.79
C GLY A 110 22.72 -0.22 9.22
N ARG A 111 22.18 0.54 10.18
CA ARG A 111 22.11 0.12 11.59
C ARG A 111 20.97 -0.83 11.78
N SER A 112 21.21 -1.95 12.45
CA SER A 112 20.21 -3.00 12.46
C SER A 112 18.95 -2.63 13.20
N GLU A 113 19.06 -1.77 14.21
CA GLU A 113 17.89 -1.35 15.05
C GLU A 113 17.40 0.08 14.73
N ALA A 114 17.73 0.54 13.51
CA ALA A 114 17.28 1.88 13.05
C ALA A 114 15.77 1.90 12.76
N ALA A 115 15.18 3.07 12.94
CA ALA A 115 13.75 3.33 12.59
C ALA A 115 13.61 4.03 11.29
N GLN A 116 12.62 3.62 10.50
CA GLN A 116 12.27 4.35 9.29
C GLN A 116 13.38 4.46 8.24
N GLN A 117 14.24 3.45 8.17
CA GLN A 117 15.25 3.33 7.09
C GLN A 117 14.60 2.52 5.96
N VAL A 118 14.09 3.24 4.95
CA VAL A 118 13.23 2.60 3.96
C VAL A 118 14.03 1.74 2.98
N PRO A 119 13.59 0.49 2.74
CA PRO A 119 14.29 -0.39 1.78
C PRO A 119 13.97 0.00 0.33
N TRP A 120 14.64 1.05 -0.14
CA TRP A 120 14.49 1.55 -1.51
C TRP A 120 14.76 0.45 -2.60
N GLN A 121 15.48 -0.61 -2.24
CA GLN A 121 15.77 -1.74 -3.17
C GLN A 121 14.50 -2.55 -3.47
N SER A 122 13.43 -2.36 -2.69
CA SER A 122 12.11 -2.97 -3.03
C SER A 122 11.51 -2.43 -4.31
N PHE A 123 11.94 -1.23 -4.78
CA PHE A 123 11.45 -0.65 -6.02
C PHE A 123 12.21 -1.14 -7.27
N THR A 124 13.41 -1.72 -7.06
CA THR A 124 14.25 -2.14 -8.21
C THR A 124 13.51 -3.04 -9.22
N PRO A 125 12.69 -4.01 -8.76
CA PRO A 125 11.95 -4.86 -9.69
C PRO A 125 10.75 -4.21 -10.35
N ILE A 126 10.42 -2.99 -9.96
CA ILE A 126 9.19 -2.30 -10.42
C ILE A 126 9.45 -1.07 -11.28
N ALA A 127 10.19 -0.08 -10.70
CA ALA A 127 10.41 1.17 -11.43
C ALA A 127 11.24 0.93 -12.67
N ARG A 128 11.03 1.73 -13.74
CA ARG A 128 11.96 1.69 -14.89
C ARG A 128 13.35 2.23 -14.50
N SER A 129 13.44 3.11 -13.50
CA SER A 129 14.70 3.63 -12.96
C SER A 129 14.54 3.72 -11.44
N THR A 130 15.49 3.18 -10.70
CA THR A 130 15.57 3.28 -9.24
C THR A 130 16.95 3.84 -8.89
N GLN A 131 17.04 4.98 -8.21
CA GLN A 131 18.31 5.62 -7.86
C GLN A 131 18.30 5.93 -6.37
N ARG A 132 19.34 5.61 -5.65
CA ARG A 132 19.67 6.09 -4.28
C ARG A 132 20.79 7.13 -4.39
N VAL A 133 20.49 8.35 -4.00
CA VAL A 133 21.41 9.48 -4.03
C VAL A 133 22.28 9.52 -2.79
N GLU A 134 23.59 9.47 -2.94
CA GLU A 134 24.54 9.43 -1.84
C GLU A 134 25.07 10.77 -1.42
N ARG A 135 25.10 11.71 -2.33
CA ARG A 135 25.85 12.98 -2.25
C ARG A 135 24.95 14.15 -2.68
N LEU A 136 25.02 15.28 -1.97
CA LEU A 136 24.24 16.50 -2.29
C LEU A 136 24.51 16.96 -3.74
N ASP A 137 25.76 16.92 -4.21
CA ASP A 137 26.06 17.41 -5.55
C ASP A 137 25.53 16.54 -6.69
N LYS A 138 24.88 15.42 -6.34
CA LYS A 138 24.24 14.51 -7.34
C LYS A 138 22.71 14.66 -7.38
N VAL A 139 22.10 15.55 -6.58
CA VAL A 139 20.64 15.65 -6.54
C VAL A 139 20.05 16.14 -7.87
N GLY A 140 20.65 17.16 -8.47
CA GLY A 140 20.13 17.68 -9.79
C GLY A 140 20.25 16.64 -10.89
N GLU A 141 21.44 16.05 -10.95
CA GLU A 141 21.78 14.95 -11.85
C GLU A 141 20.78 13.82 -11.77
N ALA A 142 20.48 13.36 -10.55
CA ALA A 142 19.59 12.22 -10.41
C ALA A 142 18.15 12.56 -10.86
N ILE A 143 17.65 13.76 -10.55
CA ILE A 143 16.32 14.16 -11.02
C ILE A 143 16.26 14.29 -12.57
N HIS A 144 17.34 14.81 -13.19
CA HIS A 144 17.45 14.87 -14.65
C HIS A 144 17.32 13.45 -15.27
N GLU A 145 18.07 12.50 -14.72
CA GLU A 145 17.99 11.11 -15.18
C GLU A 145 16.59 10.53 -15.03
N ALA A 146 15.96 10.78 -13.88
CA ALA A 146 14.58 10.27 -13.63
C ALA A 146 13.57 10.70 -14.71
N PHE A 147 13.56 11.98 -15.05
CA PHE A 147 12.69 12.47 -16.15
C PHE A 147 13.05 11.85 -17.50
N ARG A 148 14.33 11.74 -17.79
CA ARG A 148 14.79 11.08 -19.04
C ARG A 148 14.21 9.67 -19.18
N VAL A 149 14.29 8.86 -18.14
CA VAL A 149 13.73 7.51 -18.21
C VAL A 149 12.22 7.51 -18.22
N ALA A 150 11.59 8.31 -17.36
CA ALA A 150 10.13 8.32 -17.24
C ALA A 150 9.44 8.68 -18.55
N GLU A 151 10.02 9.63 -19.31
CA GLU A 151 9.40 10.23 -20.50
C GLU A 151 10.01 9.62 -21.77
N GLY A 152 10.75 8.52 -21.65
CA GLY A 152 11.27 7.82 -22.82
C GLY A 152 10.24 6.93 -23.48
N HIS A 153 10.74 6.04 -24.35
CA HIS A 153 9.96 4.99 -25.03
C HIS A 153 10.62 3.67 -24.64
N PRO A 154 9.95 2.85 -23.78
CA PRO A 154 8.62 3.02 -23.17
C PRO A 154 8.59 4.05 -22.04
N ALA A 155 7.48 4.69 -21.88
CA ALA A 155 7.26 5.56 -20.70
C ALA A 155 7.12 4.70 -19.44
N GLY A 156 7.37 5.28 -18.27
CA GLY A 156 7.13 4.55 -17.01
C GLY A 156 7.56 5.35 -15.84
N PRO A 157 7.57 4.69 -14.67
CA PRO A 157 7.90 5.35 -13.38
C PRO A 157 9.39 5.36 -13.07
N ALA A 158 9.83 6.44 -12.42
CA ALA A 158 11.24 6.56 -11.92
C ALA A 158 11.16 6.98 -10.46
N TYR A 159 11.91 6.29 -9.59
CA TYR A 159 11.96 6.55 -8.15
C TYR A 159 13.37 7.03 -7.78
N VAL A 160 13.46 8.10 -7.03
CA VAL A 160 14.70 8.67 -6.51
C VAL A 160 14.61 8.74 -4.97
N ASP A 161 15.53 8.05 -4.31
CA ASP A 161 15.64 7.97 -2.85
C ASP A 161 16.74 8.96 -2.40
N ILE A 162 16.39 9.91 -1.52
CA ILE A 162 17.35 10.92 -1.05
C ILE A 162 17.32 10.97 0.47
N PRO A 163 18.44 10.58 1.15
CA PRO A 163 18.46 10.71 2.63
C PRO A 163 18.28 12.19 3.00
N PHE A 164 17.41 12.48 3.95
CA PHE A 164 16.92 13.86 4.10
C PHE A 164 17.92 14.84 4.67
N ASP A 165 19.00 14.35 5.28
CA ASP A 165 20.07 15.26 5.68
C ASP A 165 20.62 16.05 4.50
N LEU A 166 20.66 15.44 3.31
CA LEU A 166 21.09 16.15 2.08
C LEU A 166 20.17 17.30 1.71
N THR A 167 18.88 17.21 2.10
CA THR A 167 17.90 18.27 1.81
C THR A 167 18.12 19.49 2.74
N ALA A 168 18.73 19.27 3.92
CA ALA A 168 19.07 20.36 4.88
C ALA A 168 20.42 20.99 4.55
N ASP A 169 21.36 20.16 4.12
CA ASP A 169 22.71 20.62 3.78
C ASP A 169 22.68 21.68 2.68
N GLN A 170 23.74 22.50 2.63
CA GLN A 170 23.88 23.61 1.71
C GLN A 170 25.15 23.46 0.87
N ILE A 171 25.08 23.95 -0.36
CA ILE A 171 26.25 23.83 -1.25
C ILE A 171 26.19 25.00 -2.24
N ASP A 172 27.36 25.40 -2.75
CA ASP A 172 27.31 26.30 -3.88
C ASP A 172 26.65 25.68 -5.15
N ASP A 173 25.73 26.40 -5.78
CA ASP A 173 24.82 25.85 -6.82
C ASP A 173 25.29 25.94 -8.26
N LYS A 174 26.48 26.50 -8.47
CA LYS A 174 26.97 26.66 -9.84
C LYS A 174 26.90 25.37 -10.69
N ALA A 175 26.06 25.40 -11.72
CA ALA A 175 25.91 24.28 -12.73
C ALA A 175 25.32 22.97 -12.19
N LEU A 176 24.80 23.00 -10.96
CA LEU A 176 24.39 21.78 -10.25
C LEU A 176 23.11 21.16 -10.80
N VAL A 177 22.12 22.01 -11.13
CA VAL A 177 20.90 21.57 -11.80
C VAL A 177 21.13 21.65 -13.32
N PRO A 178 21.12 20.49 -14.04
CA PRO A 178 21.35 20.56 -15.50
C PRO A 178 20.24 21.31 -16.25
N ARG A 179 20.63 22.34 -16.98
CA ARG A 179 19.67 23.21 -17.68
C ARG A 179 19.89 23.22 -19.17
N GLY A 180 18.84 23.50 -19.90
CA GLY A 180 19.02 23.84 -21.33
C GLY A 180 19.16 22.74 -22.37
N ALA A 181 18.76 21.54 -21.99
CA ALA A 181 18.71 20.40 -22.94
C ALA A 181 17.52 20.53 -23.89
N THR A 182 17.73 20.11 -25.15
CA THR A 182 16.63 19.81 -26.05
C THR A 182 16.62 18.31 -26.44
N ARG A 183 15.54 17.61 -26.11
CA ARG A 183 15.32 16.17 -26.41
C ARG A 183 15.29 15.84 -27.91
N ALA A 184 15.66 14.62 -28.29
CA ALA A 184 15.54 14.16 -29.68
C ALA A 184 14.06 14.12 -30.11
N LYS A 185 13.79 14.45 -31.37
CA LYS A 185 12.43 14.32 -31.93
C LYS A 185 12.01 12.82 -31.87
N SER A 186 10.71 12.56 -31.71
CA SER A 186 10.21 11.18 -31.74
C SER A 186 9.44 10.88 -33.02
N VAL A 187 9.63 11.71 -34.06
CA VAL A 187 9.01 11.51 -35.39
C VAL A 187 9.89 10.61 -36.26
N LEU A 188 10.13 9.41 -35.75
CA LEU A 188 10.92 8.41 -36.46
C LEU A 188 10.23 7.95 -37.77
N HIS A 189 10.93 8.09 -38.92
CA HIS A 189 10.38 7.71 -40.23
C HIS A 189 10.74 6.26 -40.58
N ALA A 190 9.83 5.55 -41.23
CA ALA A 190 10.08 4.19 -41.71
C ALA A 190 10.83 4.23 -43.03
N PRO A 191 11.54 3.12 -43.38
CA PRO A 191 12.15 2.95 -44.71
C PRO A 191 11.06 2.93 -45.78
N ASN A 192 11.30 3.53 -46.94
CA ASN A 192 10.28 3.61 -48.00
C ASN A 192 9.79 2.22 -48.43
N GLU A 193 10.70 1.24 -48.48
CA GLU A 193 10.31 -0.10 -48.87
C GLU A 193 9.27 -0.73 -47.96
N ASP A 194 9.36 -0.42 -46.66
CA ASP A 194 8.42 -0.94 -45.65
C ASP A 194 7.04 -0.27 -45.78
N VAL A 195 7.08 1.02 -46.06
CA VAL A 195 5.84 1.77 -46.33
C VAL A 195 5.14 1.17 -47.55
N ARG A 196 5.89 0.92 -48.60
CA ARG A 196 5.33 0.32 -49.83
C ARG A 196 4.82 -1.11 -49.64
N GLU A 197 5.51 -1.94 -48.83
CA GLU A 197 5.02 -3.28 -48.56
C GLU A 197 3.70 -3.22 -47.76
N ALA A 198 3.60 -2.36 -46.74
CA ALA A 198 2.38 -2.19 -46.01
C ALA A 198 1.25 -1.70 -46.93
N ALA A 199 1.55 -0.76 -47.83
CA ALA A 199 0.52 -0.26 -48.79
C ALA A 199 0.01 -1.41 -49.69
N ALA A 200 0.93 -2.22 -50.17
CA ALA A 200 0.60 -3.33 -51.08
C ALA A 200 -0.32 -4.38 -50.38
N GLN A 201 -0.03 -4.66 -49.12
CA GLN A 201 -0.90 -5.56 -48.32
C GLN A 201 -2.30 -5.02 -48.08
N LEU A 202 -2.39 -3.74 -47.69
CA LEU A 202 -3.69 -3.10 -47.48
C LEU A 202 -4.58 -3.16 -48.71
N VAL A 203 -4.00 -2.84 -49.86
CA VAL A 203 -4.77 -2.83 -51.11
C VAL A 203 -5.13 -4.25 -51.62
N ALA A 204 -4.31 -5.24 -51.30
CA ALA A 204 -4.57 -6.63 -51.73
C ALA A 204 -5.60 -7.38 -50.90
N ALA A 205 -5.78 -6.96 -49.65
CA ALA A 205 -6.63 -7.63 -48.74
C ALA A 205 -8.09 -7.57 -49.10
N LYS A 206 -8.80 -8.67 -48.83
CA LYS A 206 -10.24 -8.79 -49.00
C LYS A 206 -11.00 -8.17 -47.85
N ASN A 207 -10.45 -8.31 -46.64
CA ASN A 207 -11.12 -7.86 -45.42
C ASN A 207 -10.08 -7.22 -44.45
N PRO A 208 -9.47 -6.12 -44.86
CA PRO A 208 -8.45 -5.50 -43.99
C PRO A 208 -8.99 -4.83 -42.76
N VAL A 209 -8.07 -4.61 -41.80
CA VAL A 209 -8.38 -3.83 -40.58
C VAL A 209 -7.16 -2.99 -40.23
N ILE A 210 -7.39 -1.78 -39.74
CA ILE A 210 -6.36 -0.96 -39.05
C ILE A 210 -6.65 -1.05 -37.56
N LEU A 211 -5.65 -1.53 -36.79
CA LEU A 211 -5.70 -1.68 -35.34
C LEU A 211 -4.82 -0.59 -34.69
N ALA A 212 -5.49 0.37 -34.06
CA ALA A 212 -4.83 1.57 -33.44
C ALA A 212 -4.85 1.44 -31.93
N GLY A 213 -3.66 1.43 -31.34
CA GLY A 213 -3.54 1.38 -29.89
C GLY A 213 -3.20 2.74 -29.26
N GLY A 214 -2.80 2.69 -27.99
CA GLY A 214 -2.49 3.90 -27.25
C GLY A 214 -1.32 4.70 -27.80
N GLY A 215 -0.39 4.05 -28.52
CA GLY A 215 0.67 4.77 -29.23
C GLY A 215 0.15 5.80 -30.23
N VAL A 216 -0.98 5.52 -30.89
CA VAL A 216 -1.56 6.55 -31.79
C VAL A 216 -1.93 7.82 -31.00
N ALA A 217 -2.41 7.62 -29.78
CA ALA A 217 -2.74 8.76 -28.89
C ALA A 217 -1.45 9.50 -28.49
N ARG A 218 -0.45 8.76 -28.04
CA ARG A 218 0.83 9.42 -27.67
C ARG A 218 1.45 10.18 -28.88
N SER A 219 1.36 9.61 -30.08
CA SER A 219 1.89 10.20 -31.31
C SER A 219 1.15 11.43 -31.80
N GLY A 220 -0.08 11.60 -31.35
CA GLY A 220 -0.96 12.65 -31.90
C GLY A 220 -1.46 12.39 -33.32
N GLY A 221 -1.73 11.10 -33.60
CA GLY A 221 -2.08 10.63 -34.90
C GLY A 221 -3.55 10.58 -35.33
N SER A 222 -4.49 11.25 -34.62
CA SER A 222 -5.90 11.16 -34.95
C SER A 222 -6.22 11.64 -36.38
N GLU A 223 -5.72 12.81 -36.75
CA GLU A 223 -6.00 13.39 -38.09
C GLU A 223 -5.50 12.47 -39.21
N ALA A 224 -4.28 11.93 -39.07
CA ALA A 224 -3.72 11.05 -40.06
C ALA A 224 -4.50 9.74 -40.16
N LEU A 225 -4.96 9.22 -39.04
CA LEU A 225 -5.72 7.97 -39.02
C LEU A 225 -7.06 8.12 -39.75
N LEU A 226 -7.76 9.21 -39.47
CA LEU A 226 -9.04 9.50 -40.18
C LEU A 226 -8.85 9.58 -41.69
N LYS A 227 -7.84 10.33 -42.13
CA LYS A 227 -7.51 10.41 -43.58
C LYS A 227 -7.16 9.05 -44.18
N LEU A 228 -6.27 8.32 -43.52
CA LEU A 228 -5.88 6.99 -44.02
C LEU A 228 -7.10 6.03 -44.11
N ALA A 229 -7.84 5.87 -43.02
CA ALA A 229 -8.94 4.91 -43.00
C ALA A 229 -9.99 5.26 -44.09
N GLU A 230 -10.36 6.53 -44.26
CA GLU A 230 -11.29 6.92 -45.34
C GLU A 230 -10.70 6.71 -46.75
N MET A 231 -9.40 6.93 -46.94
CA MET A 231 -8.70 6.84 -48.26
C MET A 231 -8.68 5.38 -48.73
N VAL A 232 -8.32 4.45 -47.82
CA VAL A 232 -8.28 3.02 -48.17
C VAL A 232 -9.63 2.36 -48.02
N GLY A 233 -10.50 2.93 -47.18
CA GLY A 233 -11.80 2.38 -46.92
C GLY A 233 -11.76 1.14 -46.06
N VAL A 234 -11.14 1.23 -44.88
CA VAL A 234 -10.79 0.09 -44.03
C VAL A 234 -11.32 0.34 -42.61
N PRO A 235 -12.08 -0.62 -42.05
CA PRO A 235 -12.59 -0.49 -40.67
C PRO A 235 -11.42 -0.36 -39.65
N VAL A 236 -11.72 0.42 -38.61
CA VAL A 236 -10.76 0.69 -37.55
C VAL A 236 -11.19 -0.01 -36.25
N VAL A 237 -10.28 -0.81 -35.72
CA VAL A 237 -10.41 -1.44 -34.43
C VAL A 237 -9.38 -0.77 -33.50
N THR A 238 -9.73 -0.54 -32.25
CA THR A 238 -8.76 -0.04 -31.24
C THR A 238 -8.51 -1.02 -30.09
N THR A 239 -7.45 -0.72 -29.32
CA THR A 239 -7.32 -1.21 -27.96
C THR A 239 -8.02 -0.23 -27.04
N SER A 240 -8.13 -0.61 -25.76
CA SER A 240 -8.88 0.21 -24.79
C SER A 240 -8.16 1.57 -24.52
N THR A 241 -6.83 1.61 -24.71
CA THR A 241 -6.05 2.87 -24.57
C THR A 241 -6.07 3.73 -25.83
N GLY A 242 -6.35 3.09 -26.98
CA GLY A 242 -6.50 3.75 -28.22
C GLY A 242 -7.90 4.27 -28.51
N ALA A 243 -8.94 3.76 -27.83
CA ALA A 243 -10.32 4.17 -28.11
C ALA A 243 -10.40 5.71 -28.06
N GLY A 244 -11.06 6.27 -29.05
CA GLY A 244 -11.21 7.72 -29.19
C GLY A 244 -10.24 8.39 -30.15
N VAL A 245 -9.18 7.73 -30.57
CA VAL A 245 -8.32 8.26 -31.62
C VAL A 245 -9.02 8.27 -32.97
N PHE A 246 -10.05 7.45 -33.15
CA PHE A 246 -10.90 7.44 -34.37
C PHE A 246 -12.30 7.69 -33.86
N PRO A 247 -13.07 8.63 -34.46
CA PRO A 247 -14.38 8.94 -33.86
C PRO A 247 -15.31 7.75 -33.85
N GLU A 248 -15.88 7.42 -32.69
CA GLU A 248 -16.58 6.14 -32.60
C GLU A 248 -18.03 6.19 -33.06
N THR A 249 -18.42 7.35 -33.59
CA THR A 249 -19.73 7.53 -34.31
C THR A 249 -19.57 7.28 -35.83
N HIS A 250 -18.35 7.11 -36.31
CA HIS A 250 -18.01 6.93 -37.77
C HIS A 250 -18.51 5.56 -38.23
N ALA A 251 -18.99 5.45 -39.47
CA ALA A 251 -19.40 4.16 -40.07
C ALA A 251 -18.30 3.07 -40.10
N LEU A 252 -17.04 3.52 -40.16
CA LEU A 252 -15.90 2.61 -40.15
C LEU A 252 -15.45 2.18 -38.75
N ALA A 253 -16.01 2.77 -37.71
CA ALA A 253 -15.57 2.48 -36.34
C ALA A 253 -16.18 1.20 -35.75
N MET A 254 -15.34 0.20 -35.50
CA MET A 254 -15.77 -1.04 -34.87
C MET A 254 -15.68 -1.06 -33.36
N GLY A 255 -15.00 -0.06 -32.79
CA GLY A 255 -14.75 -0.01 -31.40
C GLY A 255 -13.49 -0.82 -31.04
N SER A 256 -13.39 -1.16 -29.74
CA SER A 256 -12.23 -1.86 -29.17
C SER A 256 -12.42 -3.38 -29.17
N ALA A 257 -11.44 -4.11 -29.65
CA ALA A 257 -11.38 -5.59 -29.53
C ALA A 257 -10.94 -5.92 -28.11
N GLY A 258 -11.25 -7.14 -27.68
CA GLY A 258 -10.81 -7.74 -26.43
C GLY A 258 -11.99 -8.24 -25.61
N PHE A 259 -11.69 -8.82 -24.43
CA PHE A 259 -12.73 -9.52 -23.64
C PHE A 259 -13.70 -8.64 -22.89
N CYS A 260 -13.39 -7.35 -22.71
CA CYS A 260 -14.38 -6.36 -22.20
C CYS A 260 -14.78 -5.31 -23.24
N GLY A 261 -14.47 -5.61 -24.49
CA GLY A 261 -14.68 -4.68 -25.63
C GLY A 261 -15.98 -4.87 -26.37
N TRP A 262 -16.01 -4.43 -27.64
CA TRP A 262 -17.23 -4.41 -28.45
C TRP A 262 -17.27 -5.63 -29.35
N LYS A 263 -18.43 -6.30 -29.44
CA LYS A 263 -18.50 -7.50 -30.27
C LYS A 263 -18.25 -7.19 -31.76
N SER A 264 -18.59 -5.97 -32.21
CA SER A 264 -18.30 -5.58 -33.60
C SER A 264 -16.79 -5.70 -33.92
N ALA A 265 -15.95 -5.21 -33.00
CA ALA A 265 -14.52 -5.34 -33.10
C ALA A 265 -14.00 -6.76 -33.06
N ASN A 266 -14.49 -7.57 -32.10
CA ASN A 266 -14.15 -8.99 -32.08
C ASN A 266 -14.61 -9.74 -33.33
N ASP A 267 -15.80 -9.43 -33.83
CA ASP A 267 -16.30 -10.03 -35.11
C ASP A 267 -15.39 -9.64 -36.30
N MET A 268 -15.00 -8.36 -36.36
CA MET A 268 -14.11 -7.89 -37.39
C MET A 268 -12.73 -8.54 -37.36
N MET A 269 -12.12 -8.65 -36.16
CA MET A 269 -10.83 -9.32 -36.04
C MET A 269 -10.91 -10.82 -36.46
N ALA A 270 -12.02 -11.50 -36.14
CA ALA A 270 -12.23 -12.91 -36.55
C ALA A 270 -12.39 -13.05 -38.09
N ALA A 271 -12.94 -12.03 -38.75
CA ALA A 271 -13.18 -11.97 -40.23
C ALA A 271 -11.99 -11.51 -41.06
N ALA A 272 -11.06 -10.79 -40.46
CA ALA A 272 -10.00 -10.12 -41.17
C ALA A 272 -8.97 -11.07 -41.77
N ASP A 273 -8.52 -10.71 -42.98
CA ASP A 273 -7.38 -11.42 -43.60
C ASP A 273 -6.01 -10.72 -43.48
N PHE A 274 -6.02 -9.45 -43.04
CA PHE A 274 -4.84 -8.64 -42.88
C PHE A 274 -5.09 -7.50 -41.89
N VAL A 275 -4.09 -7.24 -41.01
CA VAL A 275 -4.16 -6.16 -40.03
C VAL A 275 -2.93 -5.28 -40.11
N LEU A 276 -3.12 -3.94 -40.11
CA LEU A 276 -2.04 -2.96 -39.88
C LEU A 276 -2.13 -2.53 -38.43
N VAL A 277 -1.14 -2.93 -37.65
CA VAL A 277 -1.08 -2.66 -36.19
C VAL A 277 -0.18 -1.42 -35.94
N LEU A 278 -0.79 -0.40 -35.36
CA LEU A 278 -0.14 0.92 -35.08
C LEU A 278 -0.20 1.22 -33.59
N GLY A 279 0.96 1.29 -32.94
CA GLY A 279 0.97 1.70 -31.53
C GLY A 279 0.24 0.83 -30.51
N SER A 280 0.32 -0.49 -30.70
CA SER A 280 -0.20 -1.46 -29.72
C SER A 280 0.88 -2.46 -29.31
N ARG A 281 0.86 -2.87 -28.05
CA ARG A 281 1.80 -3.88 -27.56
C ARG A 281 1.18 -5.29 -27.58
N LEU A 282 -0.04 -5.44 -28.08
CA LEU A 282 -0.72 -6.75 -28.25
C LEU A 282 -0.65 -7.54 -26.94
N SER A 283 -1.21 -6.96 -25.89
CA SER A 283 -0.99 -7.41 -24.52
C SER A 283 -1.96 -8.53 -24.11
N ASP A 284 -1.62 -9.16 -22.99
CA ASP A 284 -2.34 -10.28 -22.32
C ASP A 284 -3.82 -10.00 -22.14
N TRP A 285 -4.19 -8.91 -21.43
CA TRP A 285 -5.60 -8.53 -21.24
C TRP A 285 -6.11 -7.53 -22.26
N GLY A 286 -5.28 -7.29 -23.30
CA GLY A 286 -5.68 -6.56 -24.49
C GLY A 286 -5.93 -7.50 -25.65
N ILE A 287 -5.30 -7.23 -26.79
CA ILE A 287 -5.58 -7.96 -28.00
C ILE A 287 -5.30 -9.47 -27.83
N ALA A 288 -4.28 -9.88 -27.06
CA ALA A 288 -3.93 -11.29 -26.99
C ALA A 288 -4.99 -12.16 -26.32
N GLN A 289 -5.77 -11.57 -25.43
CA GLN A 289 -6.77 -12.29 -24.59
C GLN A 289 -6.21 -13.57 -23.93
N GLY A 290 -5.12 -13.43 -23.17
CA GLY A 290 -4.48 -14.58 -22.54
C GLY A 290 -3.61 -15.42 -23.46
N TYR A 291 -3.20 -14.80 -24.59
CA TYR A 291 -2.39 -15.41 -25.63
C TYR A 291 -3.13 -16.52 -26.35
N ILE A 292 -4.43 -16.37 -26.44
CA ILE A 292 -5.36 -17.26 -27.15
C ILE A 292 -5.76 -16.68 -28.50
N THR A 293 -5.83 -15.35 -28.63
CA THR A 293 -6.23 -14.77 -29.91
C THR A 293 -5.31 -15.23 -31.04
N LYS A 294 -5.93 -15.56 -32.19
CA LYS A 294 -5.21 -15.89 -33.44
C LYS A 294 -5.21 -14.61 -34.30
N MET A 295 -4.06 -13.97 -34.42
CA MET A 295 -3.86 -12.84 -35.26
C MET A 295 -3.79 -13.24 -36.75
N PRO A 296 -4.57 -12.53 -37.61
CA PRO A 296 -4.34 -12.64 -39.05
C PRO A 296 -2.91 -12.20 -39.38
N LYS A 297 -2.45 -12.44 -40.61
CA LYS A 297 -1.18 -11.87 -41.04
C LYS A 297 -1.15 -10.34 -40.85
N PHE A 298 -0.05 -9.79 -40.34
CA PHE A 298 -0.05 -8.39 -39.92
C PHE A 298 1.29 -7.68 -40.02
N VAL A 299 1.22 -6.38 -40.30
CA VAL A 299 2.35 -5.45 -40.18
C VAL A 299 2.28 -4.75 -38.82
N HIS A 300 3.40 -4.67 -38.12
CA HIS A 300 3.46 -4.13 -36.76
C HIS A 300 4.43 -2.92 -36.66
N VAL A 301 3.88 -1.74 -36.31
CA VAL A 301 4.61 -0.47 -36.32
C VAL A 301 4.62 0.08 -34.90
N ASP A 302 5.81 0.30 -34.32
CA ASP A 302 5.94 0.80 -32.91
C ASP A 302 7.27 1.56 -32.78
N THR A 303 7.36 2.48 -31.83
CA THR A 303 8.62 3.15 -31.47
C THR A 303 9.49 2.30 -30.52
N ASP A 304 8.95 1.24 -29.93
CA ASP A 304 9.66 0.39 -28.98
C ASP A 304 9.92 -0.98 -29.57
N PRO A 305 11.17 -1.21 -30.03
CA PRO A 305 11.46 -2.51 -30.64
C PRO A 305 11.16 -3.74 -29.80
N ALA A 306 11.21 -3.62 -28.47
CA ALA A 306 10.94 -4.72 -27.56
C ALA A 306 9.55 -5.31 -27.70
N VAL A 307 8.56 -4.52 -28.19
CA VAL A 307 7.22 -5.10 -28.36
C VAL A 307 7.05 -5.85 -29.65
N LEU A 308 7.96 -5.59 -30.61
CA LEU A 308 7.83 -6.12 -31.97
C LEU A 308 8.38 -7.53 -32.02
N GLY A 309 7.50 -8.50 -32.15
CA GLY A 309 7.92 -9.90 -32.33
C GLY A 309 8.20 -10.68 -31.05
N THR A 310 7.79 -10.14 -29.90
CA THR A 310 8.00 -10.84 -28.62
C THR A 310 7.12 -12.12 -28.52
N PHE A 311 5.89 -12.03 -29.01
CA PHE A 311 4.97 -13.16 -28.94
C PHE A 311 4.30 -13.48 -30.28
N TYR A 312 3.67 -12.47 -30.87
CA TYR A 312 3.06 -12.58 -32.22
C TYR A 312 4.07 -12.19 -33.27
N PHE A 313 4.43 -13.09 -34.19
CA PHE A 313 5.41 -12.81 -35.24
C PHE A 313 4.72 -12.09 -36.41
N PRO A 314 5.08 -10.84 -36.67
CA PRO A 314 4.47 -10.12 -37.82
C PRO A 314 5.08 -10.56 -39.16
N LEU A 315 4.31 -10.36 -40.23
CA LEU A 315 4.84 -10.40 -41.60
C LEU A 315 6.00 -9.40 -41.78
N LEU A 316 5.88 -8.24 -41.17
CA LEU A 316 6.83 -7.14 -41.26
C LEU A 316 6.75 -6.33 -39.94
N SER A 317 7.88 -6.12 -39.29
CA SER A 317 8.02 -5.29 -38.06
C SER A 317 8.75 -4.02 -38.43
N VAL A 318 8.25 -2.88 -38.00
CA VAL A 318 8.74 -1.58 -38.39
C VAL A 318 8.89 -0.69 -37.14
N VAL A 319 10.11 -0.15 -36.94
CA VAL A 319 10.37 0.85 -35.89
C VAL A 319 10.10 2.27 -36.45
N ALA A 320 8.99 2.86 -36.09
CA ALA A 320 8.57 4.17 -36.55
C ALA A 320 7.50 4.76 -35.64
N ASP A 321 7.40 6.08 -35.71
CA ASP A 321 6.29 6.83 -35.12
C ASP A 321 4.99 6.60 -35.87
N ALA A 322 3.89 6.40 -35.17
CA ALA A 322 2.61 6.06 -35.76
C ALA A 322 2.04 7.13 -36.72
N LYS A 323 1.95 8.38 -36.24
CA LYS A 323 1.57 9.52 -37.09
C LYS A 323 2.41 9.60 -38.37
N THR A 324 3.72 9.59 -38.18
CA THR A 324 4.68 9.70 -39.27
C THR A 324 4.45 8.56 -40.27
N PHE A 325 4.34 7.31 -39.78
CA PHE A 325 4.08 6.17 -40.65
C PHE A 325 2.83 6.33 -41.53
N MET A 326 1.75 6.76 -40.89
CA MET A 326 0.50 6.98 -41.61
C MET A 326 0.59 8.06 -42.69
N GLU A 327 1.24 9.17 -42.36
CA GLU A 327 1.54 10.22 -43.35
C GLU A 327 2.36 9.65 -44.49
N GLN A 328 3.38 8.84 -44.20
CA GLN A 328 4.21 8.20 -45.28
C GLN A 328 3.32 7.32 -46.20
N LEU A 329 2.41 6.58 -45.58
CA LEU A 329 1.54 5.68 -46.29
C LEU A 329 0.55 6.45 -47.20
N ILE A 330 -0.08 7.48 -46.64
CA ILE A 330 -0.93 8.40 -47.44
C ILE A 330 -0.21 8.90 -48.71
N GLU A 331 1.05 9.27 -48.59
CA GLU A 331 1.86 9.75 -49.75
C GLU A 331 2.08 8.67 -50.79
N VAL A 332 2.31 7.42 -50.39
CA VAL A 332 2.63 6.33 -51.33
C VAL A 332 1.42 5.64 -51.96
N LEU A 333 0.25 5.70 -51.33
CA LEU A 333 -0.90 4.95 -51.79
C LEU A 333 -1.36 5.25 -53.24
N PRO A 334 -1.41 6.53 -53.69
CA PRO A 334 -1.80 6.76 -55.11
C PRO A 334 -0.94 6.06 -56.12
N GLY A 335 0.35 5.92 -55.86
CA GLY A 335 1.24 5.18 -56.72
C GLY A 335 1.39 3.68 -56.51
N THR A 336 0.55 3.12 -55.65
CA THR A 336 0.58 1.72 -55.32
C THR A 336 -0.31 0.95 -56.31
N SER A 337 0.27 -0.03 -56.99
CA SER A 337 -0.49 -0.88 -57.91
C SER A 337 -1.70 -1.45 -57.25
N GLY A 338 -2.86 -1.28 -57.87
CA GLY A 338 -4.07 -1.82 -57.30
C GLY A 338 -4.93 -0.83 -56.54
N PHE A 339 -4.37 0.31 -56.12
CA PHE A 339 -5.14 1.30 -55.36
C PHE A 339 -6.15 2.02 -56.23
N LYS A 340 -7.35 2.17 -55.69
CA LYS A 340 -8.47 2.85 -56.37
C LYS A 340 -9.00 3.94 -55.45
N ALA A 341 -9.03 5.19 -55.91
CA ALA A 341 -9.57 6.27 -55.10
C ALA A 341 -11.10 6.42 -55.24
N VAL A 342 -11.83 5.74 -54.36
CA VAL A 342 -13.28 5.76 -54.29
C VAL A 342 -13.73 6.01 -52.87
N ARG A 343 -14.97 6.43 -52.71
CA ARG A 343 -15.55 6.71 -51.39
C ARG A 343 -15.63 5.42 -50.62
N TYR A 344 -15.32 5.48 -49.31
CA TYR A 344 -15.34 4.26 -48.51
C TYR A 344 -16.68 3.48 -48.52
N GLN A 345 -17.80 4.23 -48.66
CA GLN A 345 -19.12 3.61 -48.69
C GLN A 345 -19.37 2.67 -49.88
N GLU A 346 -18.54 2.83 -50.92
CA GLU A 346 -18.70 2.07 -52.16
C GLU A 346 -17.86 0.82 -52.24
N ARG A 347 -17.04 0.57 -51.23
CA ARG A 347 -16.16 -0.61 -51.20
C ARG A 347 -16.91 -1.90 -50.82
N GLU A 348 -16.48 -3.04 -51.37
CA GLU A 348 -17.08 -4.35 -51.13
C GLU A 348 -17.03 -4.77 -49.66
N ASN A 349 -15.96 -4.36 -48.96
CA ASN A 349 -15.76 -4.72 -47.55
C ASN A 349 -16.58 -3.88 -46.55
N PHE A 350 -17.23 -2.82 -47.01
CA PHE A 350 -17.97 -1.88 -46.15
C PHE A 350 -19.21 -2.49 -45.54
N ARG A 351 -20.09 -3.12 -46.34
CA ARG A 351 -21.27 -3.80 -45.80
C ARG A 351 -20.99 -4.74 -44.61
N GLN A 352 -20.02 -5.63 -44.71
CA GLN A 352 -19.79 -6.56 -43.61
C GLN A 352 -19.45 -5.83 -42.33
N ALA A 353 -18.63 -4.79 -42.45
CA ALA A 353 -18.24 -4.00 -41.24
C ALA A 353 -19.42 -3.28 -40.64
N THR A 354 -20.22 -2.62 -41.48
CA THR A 354 -21.40 -1.94 -40.97
C THR A 354 -22.42 -2.94 -40.35
N GLU A 355 -22.54 -4.15 -40.87
CA GLU A 355 -23.38 -5.21 -40.27
C GLU A 355 -22.93 -5.60 -38.87
N PHE A 356 -21.63 -5.81 -38.71
CA PHE A 356 -21.06 -6.10 -37.38
C PHE A 356 -21.38 -4.98 -36.40
N ARG A 357 -21.19 -3.72 -36.80
CA ARG A 357 -21.53 -2.60 -35.92
C ARG A 357 -23.01 -2.48 -35.61
N ALA A 358 -23.88 -2.70 -36.59
CA ALA A 358 -25.31 -2.66 -36.37
C ALA A 358 -25.79 -3.72 -35.39
N ALA A 359 -25.24 -4.91 -35.51
CA ALA A 359 -25.60 -6.02 -34.64
C ALA A 359 -25.17 -5.72 -33.19
N TRP A 360 -23.95 -5.20 -33.02
CA TRP A 360 -23.49 -4.75 -31.71
C TRP A 360 -24.41 -3.64 -31.14
N ASP A 361 -24.69 -2.60 -31.94
CA ASP A 361 -25.50 -1.51 -31.49
C ASP A 361 -26.91 -2.00 -31.05
N GLY A 362 -27.47 -2.96 -31.79
CA GLY A 362 -28.74 -3.56 -31.41
C GLY A 362 -28.73 -4.27 -30.07
N TRP A 363 -27.67 -5.02 -29.83
CA TRP A 363 -27.49 -5.66 -28.55
C TRP A 363 -27.37 -4.64 -27.41
N VAL A 364 -26.58 -3.60 -27.62
CA VAL A 364 -26.40 -2.57 -26.62
C VAL A 364 -27.72 -1.89 -26.30
N ARG A 365 -28.52 -1.55 -27.32
CA ARG A 365 -29.86 -1.00 -27.10
C ARG A 365 -30.73 -1.94 -26.26
N GLU A 366 -30.69 -3.24 -26.52
CA GLU A 366 -31.38 -4.24 -25.70
C GLU A 366 -30.94 -4.18 -24.21
N GLN A 367 -29.63 -4.03 -23.99
CA GLN A 367 -29.11 -3.93 -22.59
C GLN A 367 -29.53 -2.64 -21.88
N GLU A 368 -29.87 -1.59 -22.63
CA GLU A 368 -30.29 -0.32 -22.05
C GLU A 368 -31.75 -0.36 -21.65
N SER A 369 -32.48 -1.39 -22.08
CA SER A 369 -33.92 -1.48 -21.92
C SER A 369 -34.29 -2.12 -20.59
N GLY A 370 -35.54 -1.93 -20.18
CA GLY A 370 -36.05 -2.36 -18.89
C GLY A 370 -36.04 -1.11 -18.05
N ASP A 371 -36.84 -1.08 -17.00
CA ASP A 371 -36.68 -0.04 -15.99
C ASP A 371 -36.88 -0.76 -14.68
N GLY A 372 -35.98 -1.70 -14.42
CA GLY A 372 -36.05 -2.45 -13.19
C GLY A 372 -35.29 -1.77 -12.08
N MET A 373 -35.51 -2.27 -10.87
CA MET A 373 -34.42 -2.40 -9.93
C MET A 373 -34.21 -3.89 -9.88
N PRO A 374 -32.97 -4.32 -10.02
CA PRO A 374 -31.81 -3.47 -10.22
C PRO A 374 -31.72 -2.87 -11.63
N ALA A 375 -31.00 -1.78 -11.74
CA ALA A 375 -30.78 -1.12 -13.01
C ALA A 375 -29.68 -1.77 -13.81
N SER A 376 -29.75 -1.59 -15.11
CA SER A 376 -28.70 -1.96 -16.04
C SER A 376 -27.59 -0.89 -16.11
N MET A 377 -26.34 -1.35 -16.03
CA MET A 377 -25.21 -0.41 -16.15
C MET A 377 -25.05 0.15 -17.57
N PHE A 378 -25.52 -0.57 -18.59
CA PHE A 378 -25.66 0.02 -19.93
C PHE A 378 -26.67 1.17 -19.97
N ARG A 379 -27.75 1.06 -19.24
CA ARG A 379 -28.72 2.16 -19.14
C ARG A 379 -28.02 3.36 -18.47
N ALA A 380 -27.23 3.13 -17.39
CA ALA A 380 -26.52 4.23 -16.71
C ALA A 380 -25.62 4.98 -17.73
N MET A 381 -24.85 4.23 -18.54
CA MET A 381 -23.99 4.85 -19.54
C MET A 381 -24.78 5.60 -20.65
N ALA A 382 -25.93 5.09 -21.09
CA ALA A 382 -26.77 5.80 -22.06
C ALA A 382 -27.18 7.15 -21.48
N GLU A 383 -27.45 7.23 -20.17
CA GLU A 383 -27.77 8.51 -19.57
C GLU A 383 -26.59 9.47 -19.46
N VAL A 384 -25.42 8.91 -19.13
CA VAL A 384 -24.18 9.74 -19.21
C VAL A 384 -23.96 10.32 -20.59
N ARG A 385 -24.15 9.52 -21.64
CA ARG A 385 -23.91 10.02 -23.01
C ARG A 385 -24.77 11.26 -23.37
N LYS A 386 -25.95 11.40 -22.76
CA LYS A 386 -26.84 12.53 -23.05
C LYS A 386 -26.32 13.85 -22.46
N VAL A 387 -25.43 13.78 -21.48
CA VAL A 387 -24.80 14.95 -20.83
C VAL A 387 -23.25 14.99 -21.00
N GLN A 388 -22.72 14.29 -22.02
CA GLN A 388 -21.26 14.10 -22.21
C GLN A 388 -20.79 14.88 -23.47
N ARG A 389 -19.76 15.68 -23.29
CA ARG A 389 -19.10 16.45 -24.36
C ARG A 389 -17.87 15.70 -24.93
N PRO A 390 -17.35 16.11 -26.13
CA PRO A 390 -16.19 15.45 -26.69
C PRO A 390 -14.91 15.43 -25.81
N GLU A 391 -14.71 16.48 -25.00
CA GLU A 391 -13.53 16.58 -24.15
C GLU A 391 -13.68 15.82 -22.82
N ASP A 392 -14.89 15.36 -22.51
CA ASP A 392 -15.16 14.78 -21.19
C ASP A 392 -14.52 13.39 -21.05
N ILE A 393 -14.23 13.01 -19.79
CA ILE A 393 -13.40 11.83 -19.50
C ILE A 393 -14.28 10.80 -18.80
N ILE A 394 -14.18 9.55 -19.18
CA ILE A 394 -14.82 8.40 -18.58
C ILE A 394 -13.79 7.55 -17.81
N VAL A 395 -14.07 7.26 -16.55
CA VAL A 395 -13.16 6.45 -15.68
C VAL A 395 -13.94 5.23 -15.23
N THR A 396 -13.25 4.10 -15.05
CA THR A 396 -13.86 2.91 -14.47
C THR A 396 -12.90 2.29 -13.47
N ASP A 397 -13.44 1.45 -12.56
CA ASP A 397 -12.65 0.53 -11.81
C ASP A 397 -12.73 -0.89 -12.43
N ILE A 398 -12.33 -1.89 -11.65
CA ILE A 398 -12.11 -3.26 -12.11
C ILE A 398 -13.19 -4.18 -11.54
N GLY A 399 -13.88 -4.94 -12.39
CA GLY A 399 -14.87 -5.86 -11.94
C GLY A 399 -15.88 -6.18 -13.06
N ASN A 400 -17.01 -6.79 -12.69
CA ASN A 400 -18.09 -6.94 -13.70
C ASN A 400 -18.40 -5.62 -14.41
N HIS A 401 -18.43 -4.53 -13.67
CA HIS A 401 -18.76 -3.19 -14.19
C HIS A 401 -17.83 -2.66 -15.27
N THR A 402 -16.60 -3.20 -15.37
CA THR A 402 -15.65 -2.70 -16.42
C THR A 402 -16.26 -2.88 -17.83
N LEU A 403 -16.91 -4.03 -18.06
CA LEU A 403 -17.47 -4.32 -19.40
C LEU A 403 -18.53 -3.28 -19.86
N PRO A 404 -19.60 -3.03 -19.06
CA PRO A 404 -20.59 -2.00 -19.47
C PRO A 404 -19.97 -0.60 -19.54
N MET A 405 -18.94 -0.29 -18.76
CA MET A 405 -18.27 1.02 -18.86
C MET A 405 -17.53 1.14 -20.20
N PHE A 406 -16.76 0.11 -20.61
CA PHE A 406 -16.10 0.10 -21.91
C PHE A 406 -17.10 0.05 -23.08
N GLY A 407 -18.18 -0.73 -22.90
CA GLY A 407 -19.18 -0.85 -23.98
C GLY A 407 -20.11 0.32 -24.16
N GLY A 408 -20.29 1.08 -23.10
CA GLY A 408 -21.14 2.24 -23.12
C GLY A 408 -20.40 3.58 -23.35
N ALA A 409 -19.07 3.53 -23.35
CA ALA A 409 -18.25 4.67 -23.66
C ALA A 409 -18.11 4.79 -25.18
N ILE A 410 -18.64 5.89 -25.76
CA ILE A 410 -18.51 6.18 -27.20
C ILE A 410 -17.77 7.52 -27.32
N LEU A 411 -16.51 7.44 -27.74
CA LEU A 411 -15.51 8.53 -27.63
C LEU A 411 -15.06 9.09 -28.99
N GLN A 412 -14.65 10.37 -28.95
CA GLN A 412 -14.33 11.22 -30.13
C GLN A 412 -12.96 11.86 -30.03
N ARG A 413 -12.29 11.74 -28.88
CA ARG A 413 -10.98 12.37 -28.67
C ARG A 413 -10.08 11.37 -27.95
N PRO A 414 -8.75 11.54 -28.04
CA PRO A 414 -7.82 10.62 -27.34
C PRO A 414 -7.73 10.79 -25.83
N ARG A 415 -7.31 9.73 -25.14
CA ARG A 415 -7.05 9.72 -23.69
C ARG A 415 -8.26 10.12 -22.80
N ARG A 416 -9.47 9.73 -23.23
CA ARG A 416 -10.71 10.01 -22.51
C ARG A 416 -11.22 8.82 -21.70
N LEU A 417 -10.50 7.68 -21.72
CA LEU A 417 -10.92 6.45 -21.03
C LEU A 417 -9.81 6.08 -20.08
N VAL A 418 -10.10 6.01 -18.79
CA VAL A 418 -9.04 5.87 -17.75
C VAL A 418 -9.32 4.74 -16.76
N THR A 419 -8.32 3.89 -16.50
CA THR A 419 -8.35 2.90 -15.45
C THR A 419 -6.96 2.35 -15.24
N SER A 420 -6.86 1.35 -14.35
CA SER A 420 -5.68 0.50 -14.17
C SER A 420 -5.62 -0.53 -15.31
N MET A 421 -5.31 -0.02 -16.51
CA MET A 421 -5.41 -0.78 -17.77
C MET A 421 -4.51 -2.03 -17.78
N ALA A 422 -3.22 -1.87 -17.40
CA ALA A 422 -2.22 -2.90 -17.57
C ALA A 422 -2.26 -3.99 -16.53
N GLU A 423 -2.72 -3.64 -15.32
CA GLU A 423 -2.62 -4.51 -14.14
C GLU A 423 -3.94 -4.82 -13.48
N GLY A 424 -5.03 -4.10 -13.79
CA GLY A 424 -6.31 -4.38 -13.18
C GLY A 424 -6.30 -4.32 -11.67
N ILE A 425 -5.66 -3.29 -11.10
CA ILE A 425 -5.60 -3.13 -9.66
C ILE A 425 -6.85 -2.44 -9.07
N LEU A 426 -7.61 -3.22 -8.27
CA LEU A 426 -8.84 -2.75 -7.70
C LEU A 426 -8.58 -1.51 -6.82
N GLY A 427 -9.52 -0.57 -6.92
CA GLY A 427 -9.54 0.67 -6.19
C GLY A 427 -9.01 1.89 -6.92
N CYS A 428 -8.31 1.68 -8.04
CA CYS A 428 -7.75 2.75 -8.88
C CYS A 428 -8.70 3.88 -9.27
N GLY A 429 -9.98 3.56 -9.49
CA GLY A 429 -10.82 4.46 -10.29
C GLY A 429 -11.04 5.83 -9.66
N PHE A 430 -11.51 5.90 -8.42
CA PHE A 430 -11.76 7.18 -7.77
C PHE A 430 -10.53 8.12 -7.73
N PRO A 431 -9.37 7.63 -7.24
CA PRO A 431 -8.21 8.56 -7.25
C PRO A 431 -7.68 8.85 -8.62
N MET A 432 -7.69 7.92 -9.57
CA MET A 432 -7.26 8.28 -10.96
C MET A 432 -8.22 9.38 -11.50
N ALA A 433 -9.51 9.31 -11.19
CA ALA A 433 -10.48 10.32 -11.66
C ALA A 433 -10.18 11.68 -11.09
N LEU A 434 -9.74 11.73 -9.85
CA LEU A 434 -9.34 13.02 -9.21
C LEU A 434 -8.08 13.55 -9.86
N GLY A 435 -7.09 12.69 -10.19
CA GLY A 435 -5.91 13.13 -10.91
C GLY A 435 -6.22 13.67 -12.28
N ALA A 436 -7.08 12.97 -13.05
CA ALA A 436 -7.50 13.45 -14.38
C ALA A 436 -8.22 14.83 -14.28
N GLN A 437 -9.05 14.99 -13.25
CA GLN A 437 -9.75 16.26 -13.03
C GLN A 437 -8.78 17.43 -12.71
N LEU A 438 -7.74 17.13 -11.94
CA LEU A 438 -6.68 18.13 -11.66
C LEU A 438 -5.93 18.51 -12.89
N ALA A 439 -5.70 17.54 -13.76
CA ALA A 439 -5.01 17.80 -15.03
C ALA A 439 -5.83 18.67 -15.98
N GLU A 440 -7.14 18.46 -16.02
CA GLU A 440 -8.06 19.16 -16.91
C GLU A 440 -9.23 19.76 -16.13
N PRO A 441 -8.99 20.88 -15.45
CA PRO A 441 -10.00 21.44 -14.55
C PRO A 441 -11.34 21.78 -15.19
N ASN A 442 -11.36 22.06 -16.51
CA ASN A 442 -12.56 22.44 -17.22
C ASN A 442 -13.18 21.29 -18.02
N SER A 443 -12.66 20.09 -17.90
CA SER A 443 -13.32 18.88 -18.45
C SER A 443 -14.24 18.29 -17.35
N ARG A 444 -15.34 17.69 -17.76
CA ARG A 444 -16.18 16.90 -16.83
C ARG A 444 -15.68 15.46 -16.82
N VAL A 445 -15.62 14.91 -15.62
CA VAL A 445 -15.10 13.55 -15.37
C VAL A 445 -16.22 12.72 -14.76
N PHE A 446 -16.62 11.65 -15.46
CA PHE A 446 -17.58 10.67 -14.99
C PHE A 446 -16.92 9.34 -14.63
N LEU A 447 -17.11 8.88 -13.39
CA LEU A 447 -16.60 7.60 -12.92
C LEU A 447 -17.73 6.59 -12.71
N GLY A 448 -17.63 5.41 -13.27
CA GLY A 448 -18.47 4.26 -12.95
C GLY A 448 -17.61 3.29 -12.14
N THR A 449 -17.96 3.08 -10.85
CA THR A 449 -17.17 2.25 -9.91
C THR A 449 -18.05 1.20 -9.24
N GLY A 450 -17.53 0.00 -9.10
CA GLY A 450 -18.14 -0.96 -8.21
C GLY A 450 -18.03 -0.56 -6.76
N ASP A 451 -18.83 -1.21 -5.93
CA ASP A 451 -18.84 -1.02 -4.48
C ASP A 451 -17.61 -1.58 -3.77
N GLY A 452 -17.14 -2.73 -4.22
CA GLY A 452 -15.90 -3.29 -3.67
C GLY A 452 -14.69 -2.39 -3.99
N ALA A 453 -14.70 -1.81 -5.19
CA ALA A 453 -13.68 -0.86 -5.62
C ALA A 453 -13.69 0.45 -4.82
N LEU A 454 -14.86 1.08 -4.69
CA LEU A 454 -14.95 2.37 -4.02
C LEU A 454 -14.44 2.31 -2.56
N TYR A 455 -14.61 1.14 -1.93
CA TYR A 455 -14.13 0.91 -0.60
C TYR A 455 -12.67 1.31 -0.39
N TYR A 456 -11.82 1.14 -1.41
CA TYR A 456 -10.35 1.38 -1.28
C TYR A 456 -10.01 2.84 -0.89
N HIS A 457 -10.38 3.79 -1.73
CA HIS A 457 -9.85 5.15 -1.66
C HIS A 457 -10.94 6.23 -1.59
N PHE A 458 -12.15 5.91 -1.11
CA PHE A 458 -13.16 6.96 -0.92
C PHE A 458 -12.71 7.93 0.19
N ASN A 459 -11.69 7.58 0.99
CA ASN A 459 -11.08 8.54 1.90
C ASN A 459 -10.57 9.82 1.23
N GLU A 460 -10.28 9.72 -0.06
CA GLU A 460 -9.84 10.86 -0.89
C GLU A 460 -10.97 11.84 -1.21
N PHE A 461 -12.22 11.58 -0.77
CA PHE A 461 -13.23 12.64 -0.75
C PHE A 461 -12.69 13.88 0.02
N ARG A 462 -11.76 13.72 0.98
CA ARG A 462 -11.14 14.90 1.57
C ARG A 462 -10.55 15.85 0.53
N VAL A 463 -9.78 15.29 -0.39
CA VAL A 463 -9.13 16.05 -1.47
C VAL A 463 -10.19 16.59 -2.43
N ALA A 464 -11.15 15.75 -2.83
CA ALA A 464 -12.20 16.19 -3.75
C ALA A 464 -12.99 17.39 -3.24
N VAL A 465 -13.38 17.37 -1.95
CA VAL A 465 -14.19 18.42 -1.41
C VAL A 465 -13.32 19.69 -1.17
N GLU A 466 -12.13 19.54 -0.58
CA GLU A 466 -11.25 20.71 -0.33
C GLU A 466 -10.88 21.46 -1.60
N HIS A 467 -10.55 20.72 -2.66
CA HIS A 467 -10.10 21.26 -3.93
C HIS A 467 -11.23 21.43 -4.91
N LYS A 468 -12.49 21.18 -4.48
CA LYS A 468 -13.69 21.37 -5.35
C LYS A 468 -13.49 20.69 -6.73
N LEU A 469 -13.19 19.39 -6.71
CA LEU A 469 -12.98 18.54 -7.88
C LEU A 469 -14.31 17.85 -8.21
N PRO A 470 -15.10 18.40 -9.19
CA PRO A 470 -16.50 17.99 -9.36
C PRO A 470 -16.71 16.69 -10.17
N VAL A 471 -15.95 15.66 -9.79
CA VAL A 471 -16.06 14.33 -10.43
C VAL A 471 -17.47 13.82 -10.12
N ILE A 472 -18.16 13.30 -11.14
CA ILE A 472 -19.43 12.64 -10.97
C ILE A 472 -19.29 11.13 -10.89
N THR A 473 -19.46 10.55 -9.69
CA THR A 473 -19.24 9.10 -9.42
C THR A 473 -20.57 8.38 -9.33
N MET A 474 -20.75 7.36 -10.15
CA MET A 474 -21.82 6.36 -10.04
C MET A 474 -21.22 5.15 -9.26
N VAL A 475 -21.78 4.83 -8.09
CA VAL A 475 -21.35 3.58 -7.39
C VAL A 475 -22.44 2.50 -7.61
N PHE A 476 -22.03 1.47 -8.32
CA PHE A 476 -22.90 0.35 -8.72
C PHE A 476 -22.91 -0.62 -7.53
N THR A 477 -24.09 -0.76 -6.88
CA THR A 477 -24.14 -1.57 -5.65
C THR A 477 -24.78 -2.97 -5.85
N ASN A 478 -24.06 -4.01 -5.45
CA ASN A 478 -24.56 -5.38 -5.52
C ASN A 478 -24.15 -6.18 -4.28
N GLU A 479 -23.57 -5.51 -3.27
CA GLU A 479 -23.10 -6.15 -2.02
C GLU A 479 -22.12 -7.32 -2.22
N SER A 480 -21.33 -7.19 -3.27
CA SER A 480 -20.49 -8.27 -3.71
C SER A 480 -19.35 -7.81 -4.57
N TYR A 481 -18.30 -8.65 -4.60
CA TYR A 481 -17.30 -8.67 -5.66
C TYR A 481 -17.98 -9.49 -6.76
N GLY A 482 -18.79 -8.85 -7.61
CA GLY A 482 -19.76 -9.56 -8.47
C GLY A 482 -19.09 -10.43 -9.51
N ALA A 483 -17.98 -9.97 -10.05
CA ALA A 483 -17.26 -10.80 -11.04
C ALA A 483 -16.91 -12.17 -10.39
N ASN A 484 -16.42 -12.15 -9.15
CA ASN A 484 -15.95 -13.37 -8.46
C ASN A 484 -17.17 -14.20 -8.00
N TRP A 485 -18.23 -13.55 -7.57
CA TRP A 485 -19.49 -14.25 -7.22
C TRP A 485 -19.91 -15.13 -8.40
N THR A 486 -19.97 -14.48 -9.57
CA THR A 486 -20.49 -15.10 -10.80
C THR A 486 -19.54 -16.23 -11.27
N LEU A 487 -18.28 -15.89 -11.36
CA LEU A 487 -17.27 -16.86 -11.83
C LEU A 487 -17.20 -18.09 -10.92
N MET A 488 -17.17 -17.89 -9.60
CA MET A 488 -17.06 -19.02 -8.63
C MET A 488 -18.31 -19.91 -8.64
N ASN A 489 -19.49 -19.32 -8.82
CA ASN A 489 -20.73 -20.15 -8.98
C ASN A 489 -20.63 -21.06 -10.19
N HIS A 490 -20.08 -20.55 -11.31
CA HIS A 490 -19.84 -21.34 -12.53
C HIS A 490 -18.80 -22.43 -12.23
N GLN A 491 -17.73 -22.07 -11.54
CA GLN A 491 -16.54 -22.89 -11.42
C GLN A 491 -16.70 -24.03 -10.42
N PHE A 492 -17.33 -23.75 -9.26
CA PHE A 492 -17.47 -24.67 -8.12
C PHE A 492 -18.91 -25.00 -7.71
N GLY A 493 -19.86 -24.23 -8.22
CA GLY A 493 -21.25 -24.31 -7.73
C GLY A 493 -21.50 -23.58 -6.42
N GLN A 494 -20.53 -22.77 -5.95
CA GLN A 494 -20.67 -22.00 -4.73
C GLN A 494 -19.61 -20.90 -4.74
N ASN A 495 -20.00 -19.73 -4.32
CA ASN A 495 -19.09 -18.59 -4.14
C ASN A 495 -18.60 -18.57 -2.69
N ASN A 496 -17.39 -18.06 -2.47
CA ASN A 496 -16.86 -17.86 -1.12
C ASN A 496 -15.97 -16.64 -1.16
N TRP A 497 -16.04 -15.84 -0.09
CA TRP A 497 -15.21 -14.59 0.06
C TRP A 497 -15.70 -13.42 -0.80
N THR A 498 -16.89 -13.51 -1.39
CA THR A 498 -17.34 -12.51 -2.40
C THR A 498 -18.32 -11.48 -1.85
N GLU A 499 -18.98 -11.75 -0.71
CA GLU A 499 -20.09 -10.92 -0.24
C GLU A 499 -19.64 -10.02 0.91
N PHE A 500 -20.25 -8.83 0.99
CA PHE A 500 -19.99 -7.87 2.08
C PHE A 500 -21.13 -6.87 2.20
N MET A 501 -21.17 -6.19 3.35
CA MET A 501 -22.11 -5.07 3.67
C MET A 501 -21.55 -3.77 3.07
N ASN A 502 -22.41 -2.97 2.47
CA ASN A 502 -22.08 -1.60 2.15
C ASN A 502 -22.48 -0.65 3.30
N PRO A 503 -21.77 0.50 3.41
CA PRO A 503 -22.29 1.56 4.24
C PRO A 503 -23.49 2.19 3.51
N ASP A 504 -24.14 3.11 4.18
CA ASP A 504 -25.04 4.08 3.55
C ASP A 504 -24.18 5.05 2.73
N TRP A 505 -23.97 4.78 1.43
CA TRP A 505 -23.03 5.57 0.61
C TRP A 505 -23.49 7.02 0.51
N VAL A 506 -24.80 7.25 0.43
CA VAL A 506 -25.30 8.64 0.44
C VAL A 506 -24.91 9.35 1.74
N GLY A 507 -25.04 8.65 2.87
CA GLY A 507 -24.57 9.14 4.12
C GLY A 507 -23.07 9.41 4.18
N ILE A 508 -22.26 8.55 3.58
CA ILE A 508 -20.81 8.82 3.49
C ILE A 508 -20.53 10.14 2.74
N ALA A 509 -21.16 10.31 1.57
CA ALA A 509 -20.97 11.52 0.76
C ALA A 509 -21.37 12.78 1.54
N LYS A 510 -22.49 12.70 2.21
CA LYS A 510 -23.00 13.87 3.00
C LYS A 510 -22.08 14.18 4.19
N ALA A 511 -21.52 13.15 4.81
CA ALA A 511 -20.56 13.32 5.94
C ALA A 511 -19.25 14.04 5.49
N PHE A 512 -18.92 13.95 4.18
CA PHE A 512 -17.77 14.70 3.67
C PHE A 512 -18.16 16.08 3.10
N GLY A 513 -19.45 16.37 2.97
CA GLY A 513 -19.86 17.58 2.25
C GLY A 513 -19.94 17.47 0.72
N ALA A 514 -19.94 16.24 0.19
CA ALA A 514 -20.16 15.97 -1.24
C ALA A 514 -21.68 15.86 -1.53
N TYR A 515 -22.06 15.99 -2.81
CA TYR A 515 -23.45 15.74 -3.21
C TYR A 515 -23.68 14.21 -3.15
N GLY A 516 -24.81 13.75 -2.56
CA GLY A 516 -25.21 12.35 -2.58
C GLY A 516 -26.65 12.12 -2.98
N GLU A 517 -26.93 11.02 -3.69
CA GLU A 517 -28.30 10.64 -4.05
C GLU A 517 -28.34 9.16 -4.39
N SER A 518 -29.39 8.44 -3.95
CA SER A 518 -29.66 7.07 -4.38
C SER A 518 -30.85 7.04 -5.31
N VAL A 519 -30.78 6.23 -6.36
CA VAL A 519 -31.90 5.95 -7.25
C VAL A 519 -32.56 4.60 -7.00
N ARG A 520 -32.29 4.00 -5.84
CA ARG A 520 -32.93 2.71 -5.46
C ARG A 520 -34.46 2.73 -5.55
N GLU A 521 -35.06 3.82 -5.14
CA GLU A 521 -36.53 3.88 -5.09
C GLU A 521 -37.14 4.58 -6.29
N THR A 522 -36.33 5.29 -7.06
CA THR A 522 -36.81 6.11 -8.20
C THR A 522 -36.42 5.67 -9.58
N GLY A 523 -35.28 4.98 -9.76
CA GLY A 523 -34.69 4.74 -11.07
C GLY A 523 -34.26 5.98 -11.86
N ASP A 524 -34.22 7.14 -11.19
CA ASP A 524 -34.06 8.43 -11.87
C ASP A 524 -32.58 8.78 -12.06
N ILE A 525 -31.90 7.96 -12.85
CA ILE A 525 -30.50 8.21 -13.20
C ILE A 525 -30.32 9.56 -13.93
N ALA A 526 -31.22 9.84 -14.87
CA ALA A 526 -31.16 11.13 -15.60
C ALA A 526 -31.20 12.36 -14.66
N GLY A 527 -32.18 12.38 -13.77
CA GLY A 527 -32.32 13.45 -12.79
C GLY A 527 -31.17 13.54 -11.81
N ALA A 528 -30.64 12.40 -11.37
CA ALA A 528 -29.50 12.39 -10.46
C ALA A 528 -28.26 13.02 -11.11
N LEU A 529 -28.03 12.70 -12.39
CA LEU A 529 -26.88 13.26 -13.11
C LEU A 529 -27.07 14.78 -13.21
N GLN A 530 -28.29 15.26 -13.52
CA GLN A 530 -28.56 16.71 -13.58
C GLN A 530 -28.28 17.43 -12.27
N ARG A 531 -28.78 16.84 -11.20
CA ARG A 531 -28.60 17.43 -9.87
C ARG A 531 -27.14 17.37 -9.43
N ALA A 532 -26.44 16.29 -9.76
CA ALA A 532 -25.02 16.15 -9.42
C ALA A 532 -24.22 17.23 -10.14
N ILE A 533 -24.47 17.40 -11.43
CA ILE A 533 -23.78 18.43 -12.21
C ILE A 533 -24.07 19.85 -11.70
N ASP A 534 -25.33 20.14 -11.38
CA ASP A 534 -25.75 21.42 -10.83
C ASP A 534 -25.08 21.75 -9.50
N SER A 535 -24.76 20.73 -8.71
CA SER A 535 -24.16 20.98 -7.39
C SER A 535 -22.83 21.66 -7.41
N GLY A 536 -22.07 21.50 -8.50
CA GLY A 536 -20.73 22.02 -8.52
C GLY A 536 -19.73 21.34 -7.59
N LYS A 537 -20.17 20.27 -6.93
CA LYS A 537 -19.34 19.51 -6.00
C LYS A 537 -18.95 18.13 -6.52
N PRO A 538 -17.94 17.46 -5.89
CA PRO A 538 -17.86 16.03 -6.12
C PRO A 538 -19.22 15.40 -5.74
N ALA A 539 -19.65 14.41 -6.49
CA ALA A 539 -20.98 13.80 -6.37
C ALA A 539 -20.90 12.27 -6.34
N LEU A 540 -21.81 11.65 -5.55
CA LEU A 540 -21.93 10.20 -5.48
C LEU A 540 -23.38 9.81 -5.70
N ILE A 541 -23.62 9.04 -6.76
CA ILE A 541 -24.96 8.52 -7.15
C ILE A 541 -24.96 6.99 -6.98
N GLU A 542 -25.76 6.50 -6.00
CA GLU A 542 -25.87 5.07 -5.73
C GLU A 542 -26.92 4.47 -6.68
N ILE A 543 -26.44 3.46 -7.42
CA ILE A 543 -27.26 2.75 -8.41
C ILE A 543 -27.22 1.26 -8.16
N PRO A 544 -28.30 0.66 -7.59
CA PRO A 544 -28.26 -0.83 -7.44
C PRO A 544 -28.22 -1.56 -8.80
N VAL A 545 -27.38 -2.59 -8.90
CA VAL A 545 -27.19 -3.43 -10.07
C VAL A 545 -27.25 -4.94 -9.64
N SER A 546 -27.30 -5.83 -10.64
CA SER A 546 -27.26 -7.26 -10.37
C SER A 546 -25.85 -7.73 -9.99
N LYS A 547 -25.74 -8.93 -9.40
CA LYS A 547 -24.44 -9.55 -9.17
C LYS A 547 -23.74 -10.08 -10.40
N THR A 548 -24.48 -10.28 -11.52
CA THR A 548 -23.99 -10.99 -12.70
C THR A 548 -23.73 -10.15 -13.93
N GLN A 549 -24.34 -8.97 -14.09
CA GLN A 549 -24.18 -8.21 -15.34
C GLN A 549 -22.71 -7.80 -15.55
N GLY A 550 -22.20 -8.00 -16.76
CA GLY A 550 -20.92 -7.45 -17.17
C GLY A 550 -19.87 -8.53 -17.46
N LEU A 551 -18.64 -8.26 -17.06
CA LEU A 551 -17.44 -9.03 -17.38
C LEU A 551 -17.69 -10.56 -17.34
N ALA A 552 -18.26 -11.08 -16.25
CA ALA A 552 -18.36 -12.55 -16.05
C ALA A 552 -19.50 -13.20 -16.81
N SER A 553 -20.36 -12.41 -17.48
CA SER A 553 -21.58 -12.96 -18.11
C SER A 553 -21.87 -12.57 -19.56
N ASP A 554 -21.51 -11.36 -19.94
CA ASP A 554 -22.12 -10.76 -21.16
C ASP A 554 -21.35 -11.25 -22.39
N PRO A 555 -22.03 -11.71 -23.45
CA PRO A 555 -21.37 -12.23 -24.68
C PRO A 555 -20.89 -11.13 -25.67
N VAL A 556 -19.59 -10.82 -25.65
CA VAL A 556 -19.01 -9.79 -26.53
C VAL A 556 -18.03 -10.39 -27.55
N GLY A 557 -18.08 -11.71 -27.75
CA GLY A 557 -17.21 -12.34 -28.74
C GLY A 557 -15.80 -12.67 -28.25
N GLY A 558 -15.58 -12.62 -26.94
CA GLY A 558 -14.27 -12.97 -26.39
C GLY A 558 -13.90 -14.42 -26.51
N VAL A 559 -12.59 -14.68 -26.47
CA VAL A 559 -11.99 -16.02 -26.44
C VAL A 559 -11.21 -16.33 -25.19
N GLY A 560 -10.89 -15.31 -24.38
CA GLY A 560 -10.08 -15.42 -23.20
C GLY A 560 -10.34 -14.28 -22.22
N PRO A 561 -9.42 -14.04 -21.27
CA PRO A 561 -8.27 -14.91 -20.91
C PRO A 561 -8.75 -16.18 -20.21
N ASN A 562 -7.82 -17.03 -19.80
CA ASN A 562 -8.10 -18.30 -19.16
C ASN A 562 -8.10 -18.17 -17.63
N LEU A 563 -9.09 -17.44 -17.16
CA LEU A 563 -9.29 -17.14 -15.69
C LEU A 563 -9.65 -18.40 -14.91
N LEU A 564 -10.45 -19.28 -15.51
CA LEU A 564 -11.00 -20.47 -14.82
C LEU A 564 -10.29 -21.71 -15.32
N LEU A 565 -8.98 -21.68 -15.13
CA LEU A 565 -8.10 -22.73 -15.63
C LEU A 565 -8.45 -24.10 -15.03
N LYS A 566 -8.18 -25.14 -15.80
CA LYS A 566 -8.41 -26.50 -15.38
C LYS A 566 -7.06 -27.11 -14.97
N GLY A 567 -7.03 -27.66 -13.79
CA GLY A 567 -5.79 -28.27 -13.29
C GLY A 567 -5.48 -29.55 -14.04
N ARG A 568 -4.20 -29.89 -14.04
CA ARG A 568 -3.66 -31.13 -14.58
C ARG A 568 -3.23 -32.02 -13.41
N GLU A 569 -3.29 -33.35 -13.62
CA GLU A 569 -2.70 -34.29 -12.66
C GLU A 569 -1.19 -34.39 -12.91
N ILE A 570 -0.41 -34.12 -11.85
CA ILE A 570 1.05 -34.05 -11.93
C ILE A 570 1.65 -35.33 -11.36
N PRO A 571 2.68 -35.90 -12.04
CA PRO A 571 3.35 -37.07 -11.49
C PRO A 571 4.17 -36.74 -10.25
N VAL A 572 4.22 -37.64 -9.30
CA VAL A 572 5.16 -37.54 -8.21
C VAL A 572 6.61 -37.67 -8.75
C VAL A 572 6.58 -37.95 -8.55
N ASP A 573 7.55 -37.28 -7.91
CA ASP A 573 8.99 -37.47 -8.16
C ASP A 573 9.34 -38.86 -7.54
N THR A 574 9.69 -39.85 -8.32
CA THR A 574 10.19 -41.15 -7.77
C THR A 574 11.72 -41.36 -7.88
N GLY A 575 12.51 -40.30 -8.06
CA GLY A 575 13.95 -40.41 -8.09
C GLY A 575 14.64 -40.93 -6.85
N GLY A 576 13.96 -40.90 -5.70
CA GLY A 576 14.53 -41.42 -4.45
C GLY A 576 14.65 -40.41 -3.30
N SER A 577 14.73 -39.14 -3.59
CA SER A 577 14.81 -38.10 -2.56
C SER A 577 13.47 -38.01 -1.84
N MET A 578 13.52 -37.62 -0.57
CA MET A 578 12.37 -37.55 0.35
C MET A 578 11.78 -36.16 0.48
N TYR A 579 10.54 -36.08 1.00
CA TYR A 579 9.98 -34.82 1.50
C TYR A 579 10.62 -34.46 2.87
N PRO A 580 10.61 -33.17 3.27
CA PRO A 580 10.93 -32.83 4.66
C PRO A 580 9.98 -33.58 5.61
N GLY A 581 10.54 -34.06 6.72
CA GLY A 581 9.80 -34.82 7.70
C GLY A 581 9.49 -36.27 7.33
N GLU A 582 9.73 -36.67 6.08
CA GLU A 582 9.44 -38.05 5.67
C GLU A 582 10.29 -39.07 6.44
N ASN A 583 11.44 -38.63 6.95
CA ASN A 583 12.28 -39.53 7.78
C ASN A 583 11.47 -40.27 8.83
N LEU A 584 10.51 -39.59 9.45
CA LEU A 584 9.75 -40.19 10.55
C LEU A 584 8.87 -41.34 10.05
N LEU A 585 8.47 -41.31 8.78
CA LEU A 585 7.60 -42.32 8.17
C LEU A 585 8.28 -43.64 7.87
N HIS A 586 9.62 -43.67 7.96
CA HIS A 586 10.42 -44.87 7.72
C HIS A 586 10.85 -45.59 8.98
N LEU A 587 10.56 -45.04 10.15
CA LEU A 587 10.96 -45.60 11.43
C LEU A 587 10.10 -46.79 11.77
N LYS A 588 10.73 -47.88 12.14
CA LYS A 588 9.89 -49.02 12.52
C LYS A 588 9.85 -49.23 14.04
N ALA B 2 -3.54 -40.13 -1.67
CA ALA B 2 -4.84 -39.62 -2.21
C ALA B 2 -4.51 -38.50 -3.16
N ILE B 3 -5.17 -38.46 -4.30
CA ILE B 3 -5.06 -37.30 -5.18
C ILE B 3 -5.69 -36.06 -4.59
N LYS B 4 -4.95 -34.96 -4.51
CA LYS B 4 -5.40 -33.71 -3.89
C LYS B 4 -5.03 -32.50 -4.76
N ARG B 5 -5.90 -31.47 -4.80
CA ARG B 5 -5.54 -30.18 -5.38
C ARG B 5 -4.49 -29.47 -4.58
N GLY B 6 -3.65 -28.69 -5.25
CA GLY B 6 -2.71 -27.80 -4.59
C GLY B 6 -3.39 -26.92 -3.54
N ALA B 7 -4.58 -26.39 -3.85
CA ALA B 7 -5.32 -25.52 -2.95
C ALA B 7 -5.63 -26.28 -1.63
N ASP B 8 -6.04 -27.55 -1.72
CA ASP B 8 -6.33 -28.35 -0.54
C ASP B 8 -5.09 -28.60 0.30
N LEU B 9 -3.98 -28.83 -0.35
CA LEU B 9 -2.67 -29.05 0.32
C LEU B 9 -2.18 -27.78 1.05
N ILE B 10 -2.41 -26.60 0.47
CA ILE B 10 -2.11 -25.33 1.15
C ILE B 10 -2.87 -25.21 2.48
N VAL B 11 -4.18 -25.47 2.41
CA VAL B 11 -5.00 -25.39 3.64
C VAL B 11 -4.57 -26.39 4.69
N GLU B 12 -4.30 -27.64 4.26
CA GLU B 12 -3.83 -28.67 5.16
C GLU B 12 -2.51 -28.22 5.89
N ALA B 13 -1.56 -27.68 5.11
CA ALA B 13 -0.29 -27.17 5.67
C ALA B 13 -0.51 -26.04 6.68
N LEU B 14 -1.36 -25.06 6.37
CA LEU B 14 -1.64 -23.98 7.29
C LEU B 14 -2.23 -24.52 8.59
N GLU B 15 -3.18 -25.44 8.51
CA GLU B 15 -3.72 -26.07 9.70
C GLU B 15 -2.63 -26.82 10.50
N GLU B 16 -1.75 -27.55 9.81
CA GLU B 16 -0.73 -28.32 10.49
C GLU B 16 0.19 -27.45 11.36
N TYR B 17 0.50 -26.25 10.90
CA TYR B 17 1.46 -25.37 11.57
C TYR B 17 0.78 -24.35 12.53
N GLY B 18 -0.49 -24.57 12.80
CA GLY B 18 -1.20 -23.88 13.89
C GLY B 18 -1.94 -22.62 13.56
N THR B 19 -2.27 -22.42 12.29
CA THR B 19 -3.06 -21.30 11.88
C THR B 19 -4.41 -21.35 12.52
N GLU B 20 -4.84 -20.20 13.09
CA GLU B 20 -6.15 -20.00 13.75
C GLU B 20 -7.07 -19.08 12.97
N GLN B 21 -6.47 -18.10 12.30
CA GLN B 21 -7.23 -17.00 11.68
C GLN B 21 -6.64 -16.76 10.29
N VAL B 22 -7.48 -16.67 9.26
CA VAL B 22 -7.09 -16.27 7.90
C VAL B 22 -7.64 -14.89 7.65
N VAL B 23 -6.82 -14.05 7.01
CA VAL B 23 -7.25 -12.78 6.35
C VAL B 23 -6.98 -12.93 4.87
N GLY B 24 -8.06 -13.02 4.11
CA GLY B 24 -7.98 -13.41 2.71
C GLY B 24 -8.74 -12.50 1.75
N PHE B 25 -8.26 -12.31 0.55
CA PHE B 25 -8.90 -11.43 -0.45
C PHE B 25 -9.09 -12.20 -1.74
N ILE B 26 -10.32 -12.21 -2.25
CA ILE B 26 -10.72 -12.96 -3.43
C ILE B 26 -10.26 -12.30 -4.75
N GLY B 27 -10.02 -13.17 -5.73
CA GLY B 27 -9.83 -12.84 -7.14
C GLY B 27 -9.64 -14.16 -7.84
N HIS B 28 -9.58 -14.24 -9.14
CA HIS B 28 -9.49 -15.58 -9.82
C HIS B 28 -8.28 -16.41 -9.39
N THR B 29 -7.16 -15.76 -9.04
CA THR B 29 -5.97 -16.50 -8.62
C THR B 29 -6.09 -17.12 -7.21
N SER B 30 -7.02 -16.58 -6.41
CA SER B 30 -7.34 -17.13 -5.07
C SER B 30 -8.62 -17.96 -5.00
N HIS B 31 -9.28 -18.18 -6.18
CA HIS B 31 -10.55 -18.93 -6.21
C HIS B 31 -10.38 -20.36 -5.64
N PHE B 32 -9.39 -21.10 -6.09
CA PHE B 32 -9.24 -22.49 -5.64
C PHE B 32 -8.93 -22.55 -4.13
N VAL B 33 -8.06 -21.65 -3.66
CA VAL B 33 -7.75 -21.54 -2.24
C VAL B 33 -9.00 -21.19 -1.41
N ALA B 34 -9.83 -20.23 -1.83
CA ALA B 34 -11.05 -19.90 -1.11
C ALA B 34 -12.03 -21.10 -1.07
N ASP B 35 -12.15 -21.81 -2.20
CA ASP B 35 -12.97 -23.01 -2.26
C ASP B 35 -12.47 -24.09 -1.26
N ALA B 36 -11.16 -24.30 -1.25
CA ALA B 36 -10.54 -25.21 -0.29
C ALA B 36 -10.81 -24.82 1.17
N PHE B 37 -10.64 -23.57 1.48
CA PHE B 37 -10.88 -23.09 2.87
C PHE B 37 -12.33 -23.34 3.28
N SER B 38 -13.28 -23.21 2.36
CA SER B 38 -14.73 -23.38 2.68
C SER B 38 -15.07 -24.82 3.13
N LYS B 39 -14.19 -25.77 2.79
CA LYS B 39 -14.34 -27.19 3.11
C LYS B 39 -13.50 -27.60 4.34
N SER B 40 -12.97 -26.66 5.10
CA SER B 40 -12.02 -26.93 6.18
C SER B 40 -12.46 -26.22 7.47
N HIS B 41 -11.95 -26.66 8.61
CA HIS B 41 -12.13 -26.01 9.93
C HIS B 41 -11.76 -24.53 9.86
N LEU B 42 -10.61 -24.21 9.25
CA LEU B 42 -10.15 -22.79 9.18
C LEU B 42 -11.05 -21.87 8.37
N GLY B 43 -11.83 -22.45 7.48
CA GLY B 43 -12.80 -21.70 6.72
C GLY B 43 -13.83 -20.96 7.52
N LYS B 44 -14.12 -21.38 8.76
CA LYS B 44 -14.98 -20.72 9.66
C LYS B 44 -14.43 -19.40 10.21
C LYS B 44 -14.46 -19.37 10.07
N ARG B 45 -13.12 -19.18 10.02
CA ARG B 45 -12.42 -17.99 10.55
C ARG B 45 -11.63 -17.29 9.44
N VAL B 46 -12.39 -16.68 8.54
CA VAL B 46 -11.82 -15.89 7.43
C VAL B 46 -12.37 -14.44 7.52
N ILE B 47 -11.49 -13.45 7.60
CA ILE B 47 -11.81 -12.02 7.45
C ILE B 47 -11.50 -11.63 5.98
N ASN B 48 -12.49 -11.06 5.28
CA ASN B 48 -12.32 -10.44 3.96
C ASN B 48 -12.24 -8.94 4.13
N PRO B 49 -11.01 -8.37 4.13
CA PRO B 49 -10.90 -6.94 4.52
C PRO B 49 -11.27 -5.99 3.36
N ALA B 50 -11.54 -4.71 3.70
CA ALA B 50 -11.76 -3.73 2.69
C ALA B 50 -10.59 -3.56 1.71
N THR B 51 -9.36 -3.62 2.23
CA THR B 51 -8.14 -3.58 1.40
C THR B 51 -7.14 -4.54 1.95
N GLU B 52 -6.16 -4.94 1.12
CA GLU B 52 -5.10 -5.87 1.52
C GLU B 52 -4.17 -5.23 2.54
N LEU B 53 -3.87 -3.92 2.46
CA LEU B 53 -2.98 -3.32 3.49
C LEU B 53 -3.70 -3.30 4.86
N GLY B 54 -4.99 -2.93 4.88
CA GLY B 54 -5.78 -3.04 6.09
C GLY B 54 -5.73 -4.47 6.67
N GLY B 55 -5.92 -5.47 5.81
CA GLY B 55 -5.87 -6.84 6.28
C GLY B 55 -4.50 -7.27 6.80
N ALA B 56 -3.42 -6.81 6.15
CA ALA B 56 -2.08 -7.06 6.60
C ALA B 56 -1.80 -6.40 7.95
N TRP B 57 -2.32 -5.25 8.22
CA TRP B 57 -2.22 -4.66 9.54
C TRP B 57 -2.98 -5.52 10.60
N MET B 58 -4.14 -6.09 10.23
CA MET B 58 -4.87 -7.00 11.15
C MET B 58 -4.01 -8.20 11.53
N VAL B 59 -3.32 -8.80 10.53
CA VAL B 59 -2.40 -9.91 10.76
C VAL B 59 -1.32 -9.48 11.75
N ASN B 60 -0.78 -8.27 11.59
CA ASN B 60 0.23 -7.77 12.56
C ASN B 60 -0.30 -7.62 13.97
N GLY B 61 -1.49 -7.04 14.14
CA GLY B 61 -2.06 -6.88 15.49
C GLY B 61 -2.38 -8.19 16.19
N TYR B 62 -2.94 -9.13 15.42
CA TYR B 62 -3.26 -10.46 15.90
C TYR B 62 -1.97 -11.14 16.37
N ASN B 63 -0.92 -11.11 15.54
CA ASN B 63 0.25 -11.90 15.83
C ASN B 63 1.21 -11.20 16.83
N TYR B 64 1.17 -9.89 16.92
CA TYR B 64 1.94 -9.17 17.97
C TYR B 64 1.54 -9.67 19.38
N VAL B 65 0.22 -9.76 19.60
CA VAL B 65 -0.26 -10.18 20.93
C VAL B 65 -0.11 -11.68 21.19
N LYS B 66 -0.05 -12.51 20.12
CA LYS B 66 0.10 -13.97 20.24
C LYS B 66 1.54 -14.49 20.25
N ASP B 67 2.51 -13.69 19.76
CA ASP B 67 3.92 -14.05 19.63
C ASP B 67 4.09 -15.31 18.80
N ARG B 68 3.23 -15.55 17.81
CA ARG B 68 3.40 -16.61 16.83
C ARG B 68 2.58 -16.21 15.59
N SER B 69 2.73 -16.92 14.48
CA SER B 69 1.95 -16.62 13.25
C SER B 69 0.58 -17.31 13.26
N ALA B 70 -0.24 -17.00 14.26
CA ALA B 70 -1.56 -17.58 14.42
C ALA B 70 -2.57 -17.05 13.35
N ALA B 71 -2.33 -15.83 12.86
CA ALA B 71 -3.01 -15.25 11.69
C ALA B 71 -2.09 -15.33 10.47
N VAL B 72 -2.70 -15.61 9.33
CA VAL B 72 -2.00 -15.74 8.03
C VAL B 72 -2.79 -14.94 6.98
N GLY B 73 -2.08 -14.30 6.05
CA GLY B 73 -2.67 -13.66 4.88
C GLY B 73 -2.69 -14.57 3.65
N ALA B 74 -3.74 -14.47 2.82
CA ALA B 74 -3.87 -15.23 1.55
C ALA B 74 -4.48 -14.31 0.52
N TRP B 75 -3.71 -13.96 -0.51
CA TRP B 75 -4.03 -12.83 -1.40
C TRP B 75 -3.97 -13.17 -2.88
N HIS B 76 -4.99 -12.79 -3.61
CA HIS B 76 -4.99 -12.73 -5.11
C HIS B 76 -3.89 -11.81 -5.58
N CYS B 77 -3.15 -12.31 -6.56
CA CYS B 77 -2.02 -11.68 -7.25
C CYS B 77 -1.78 -10.20 -6.92
N VAL B 78 -2.36 -9.27 -7.66
CA VAL B 78 -2.00 -7.84 -7.56
C VAL B 78 -2.30 -7.23 -6.20
N GLY B 79 -3.18 -7.86 -5.41
CA GLY B 79 -3.39 -7.39 -4.06
C GLY B 79 -2.15 -7.51 -3.15
N ASN B 80 -1.28 -8.45 -3.47
CA ASN B 80 0.03 -8.59 -2.79
C ASN B 80 0.85 -7.28 -2.88
N LEU B 81 0.66 -6.49 -3.93
CA LEU B 81 1.39 -5.23 -4.14
C LEU B 81 1.12 -4.19 -3.04
N LEU B 82 0.06 -4.39 -2.22
CA LEU B 82 -0.26 -3.49 -1.12
C LEU B 82 0.39 -3.87 0.19
N LEU B 83 1.13 -4.98 0.28
CA LEU B 83 1.56 -5.49 1.58
C LEU B 83 2.78 -4.80 2.21
N HIS B 84 3.62 -4.16 1.39
CA HIS B 84 5.01 -3.83 1.82
C HIS B 84 5.09 -3.01 3.11
N ALA B 85 4.25 -2.03 3.36
CA ALA B 85 4.33 -1.21 4.59
C ALA B 85 4.17 -2.05 5.83
N ALA B 86 3.08 -2.83 5.90
CA ALA B 86 2.82 -3.72 7.05
C ALA B 86 3.93 -4.77 7.19
N MET B 87 4.43 -5.30 6.07
CA MET B 87 5.49 -6.31 6.10
C MET B 87 6.78 -5.73 6.74
N GLN B 88 7.09 -4.48 6.43
CA GLN B 88 8.32 -3.85 6.93
C GLN B 88 8.20 -3.69 8.45
N GLU B 89 7.06 -3.25 8.99
CA GLU B 89 6.84 -3.22 10.44
C GLU B 89 7.03 -4.60 11.09
N ALA B 90 6.49 -5.66 10.49
CA ALA B 90 6.66 -6.97 11.05
C ALA B 90 8.14 -7.36 11.10
N ARG B 91 8.96 -6.95 10.11
CA ARG B 91 10.38 -7.30 10.13
C ARG B 91 11.14 -6.65 11.31
N THR B 92 11.17 -5.33 11.34
CA THR B 92 11.95 -4.64 12.38
C THR B 92 11.26 -4.74 13.76
N GLY B 93 9.93 -4.89 13.79
CA GLY B 93 9.17 -5.05 15.05
C GLY B 93 9.04 -6.46 15.53
N ARG B 94 9.71 -7.43 14.90
CA ARG B 94 9.73 -8.78 15.39
C ARG B 94 8.30 -9.39 15.56
N ILE B 95 7.50 -9.28 14.50
CA ILE B 95 6.16 -9.85 14.49
C ILE B 95 6.17 -11.07 13.53
N PRO B 96 5.87 -12.29 14.07
CA PRO B 96 5.75 -13.44 13.14
C PRO B 96 4.57 -13.25 12.21
N ALA B 97 4.75 -13.45 10.91
CA ALA B 97 3.64 -13.26 9.95
C ALA B 97 3.84 -13.91 8.56
C ALA B 97 4.02 -14.15 8.76
N VAL B 98 3.09 -14.97 8.32
CA VAL B 98 3.17 -15.71 7.06
C VAL B 98 2.09 -15.17 6.13
N HIS B 99 2.55 -14.84 4.91
CA HIS B 99 1.71 -14.33 3.82
C HIS B 99 1.88 -15.23 2.57
N ILE B 100 0.74 -15.73 2.06
CA ILE B 100 0.67 -16.60 0.92
C ILE B 100 0.09 -15.75 -0.24
N GLY B 101 0.90 -15.47 -1.28
CA GLY B 101 0.47 -14.75 -2.46
C GLY B 101 0.23 -15.71 -3.59
N LEU B 102 -0.95 -15.70 -4.21
CA LEU B 102 -1.24 -16.55 -5.34
C LEU B 102 -0.99 -15.67 -6.61
N ASN B 103 0.06 -15.99 -7.38
CA ASN B 103 0.41 -15.25 -8.59
C ASN B 103 -0.45 -15.72 -9.76
N SER B 104 -0.33 -15.03 -10.88
CA SER B 104 -0.95 -15.46 -12.14
C SER B 104 -0.28 -16.72 -12.72
N ASP B 105 -0.90 -17.28 -13.76
CA ASP B 105 -0.47 -18.56 -14.39
C ASP B 105 1.01 -18.55 -14.68
N GLY B 106 1.69 -19.56 -14.18
CA GLY B 106 3.10 -19.79 -14.43
C GLY B 106 3.45 -19.93 -15.92
N ARG B 107 2.49 -20.39 -16.71
CA ARG B 107 2.72 -20.46 -18.16
C ARG B 107 3.04 -19.07 -18.81
N LEU B 108 2.45 -18.03 -18.22
CA LEU B 108 2.50 -16.65 -18.77
C LEU B 108 3.63 -15.81 -18.20
N ALA B 109 4.33 -16.37 -17.21
CA ALA B 109 5.42 -15.66 -16.52
C ALA B 109 6.55 -15.31 -17.46
N GLY B 110 7.14 -14.15 -17.25
CA GLY B 110 8.28 -13.71 -18.04
C GLY B 110 7.97 -13.04 -19.36
N ARG B 111 6.70 -12.97 -19.76
CA ARG B 111 6.30 -12.29 -20.98
C ARG B 111 6.18 -10.80 -20.73
N SER B 112 6.74 -9.99 -21.64
CA SER B 112 6.82 -8.55 -21.33
C SER B 112 5.50 -7.87 -21.31
N GLU B 113 4.48 -8.38 -22.05
CA GLU B 113 3.15 -7.70 -22.12
C GLU B 113 2.09 -8.46 -21.29
N ALA B 114 2.54 -9.23 -20.31
CA ALA B 114 1.65 -10.01 -19.42
C ALA B 114 0.95 -9.11 -18.43
N ALA B 115 -0.25 -9.52 -18.03
CA ALA B 115 -1.07 -8.82 -17.02
C ALA B 115 -0.97 -9.55 -15.65
N GLN B 116 -0.84 -8.76 -14.58
CA GLN B 116 -0.97 -9.29 -13.23
C GLN B 116 0.14 -10.34 -12.87
N GLN B 117 1.31 -10.21 -13.51
CA GLN B 117 2.49 -11.01 -13.11
C GLN B 117 3.22 -10.23 -12.04
N VAL B 118 3.01 -10.62 -10.81
CA VAL B 118 3.43 -9.82 -9.63
C VAL B 118 4.93 -9.98 -9.37
N PRO B 119 5.67 -8.83 -9.24
CA PRO B 119 7.11 -8.88 -8.94
C PRO B 119 7.36 -9.24 -7.47
N TRP B 120 7.36 -10.55 -7.19
CA TRP B 120 7.62 -11.10 -5.85
C TRP B 120 9.05 -10.73 -5.37
N GLN B 121 10.00 -10.43 -6.28
CA GLN B 121 11.31 -9.99 -5.89
C GLN B 121 11.28 -8.64 -5.15
N SER B 122 10.21 -7.86 -5.27
CA SER B 122 10.04 -6.63 -4.45
C SER B 122 9.99 -6.88 -2.94
N PHE B 123 9.73 -8.12 -2.51
CA PHE B 123 9.69 -8.52 -1.07
C PHE B 123 11.03 -8.95 -0.56
N THR B 124 11.99 -9.24 -1.45
CA THR B 124 13.29 -9.80 -1.02
C THR B 124 14.00 -8.88 0.03
N PRO B 125 13.98 -7.54 -0.16
CA PRO B 125 14.67 -6.71 0.82
C PRO B 125 13.88 -6.46 2.12
N ILE B 126 12.67 -6.99 2.23
CA ILE B 126 11.76 -6.75 3.34
C ILE B 126 11.48 -7.99 4.18
N ALA B 127 10.98 -9.07 3.56
CA ALA B 127 10.64 -10.26 4.34
C ALA B 127 11.91 -10.91 4.91
N ARG B 128 11.77 -11.61 6.01
CA ARG B 128 12.87 -12.47 6.51
C ARG B 128 13.11 -13.68 5.62
N SER B 129 12.06 -14.13 4.93
CA SER B 129 12.12 -15.21 3.95
C SER B 129 11.18 -14.86 2.80
N THR B 130 11.71 -14.93 1.57
CA THR B 130 10.97 -14.76 0.32
C THR B 130 11.15 -15.99 -0.54
N GLN B 131 10.08 -16.72 -0.86
CA GLN B 131 10.17 -17.95 -1.67
C GLN B 131 9.17 -17.86 -2.83
N ARG B 132 9.62 -18.14 -4.04
CA ARG B 132 8.78 -18.35 -5.22
C ARG B 132 8.76 -19.88 -5.47
N VAL B 133 7.58 -20.49 -5.36
CA VAL B 133 7.38 -21.93 -5.53
C VAL B 133 7.21 -22.21 -7.05
N GLU B 134 8.02 -23.12 -7.57
CA GLU B 134 8.05 -23.49 -8.99
C GLU B 134 7.23 -24.73 -9.32
N ARG B 135 7.02 -25.60 -8.31
CA ARG B 135 6.53 -26.98 -8.48
C ARG B 135 5.48 -27.32 -7.44
N LEU B 136 4.43 -28.02 -7.84
CA LEU B 136 3.36 -28.41 -6.92
C LEU B 136 3.91 -29.22 -5.72
N ASP B 137 4.82 -30.13 -5.97
CA ASP B 137 5.33 -30.98 -4.90
C ASP B 137 6.22 -30.24 -3.92
N LYS B 138 6.43 -28.93 -4.07
CA LYS B 138 7.13 -28.09 -3.10
C LYS B 138 6.23 -27.20 -2.27
N VAL B 139 4.91 -27.25 -2.49
CA VAL B 139 3.99 -26.34 -1.77
C VAL B 139 3.96 -26.57 -0.23
N GLY B 140 3.93 -27.83 0.20
CA GLY B 140 3.95 -28.11 1.63
C GLY B 140 5.27 -27.75 2.31
N GLU B 141 6.37 -28.10 1.63
CA GLU B 141 7.72 -27.77 2.04
C GLU B 141 7.90 -26.26 2.22
N ALA B 142 7.42 -25.49 1.23
CA ALA B 142 7.57 -24.00 1.27
C ALA B 142 6.85 -23.39 2.47
N ILE B 143 5.63 -23.86 2.72
CA ILE B 143 4.83 -23.36 3.85
C ILE B 143 5.46 -23.73 5.17
N HIS B 144 5.95 -24.97 5.29
CA HIS B 144 6.73 -25.38 6.49
C HIS B 144 7.92 -24.44 6.78
N GLU B 145 8.73 -24.16 5.76
CA GLU B 145 9.86 -23.23 5.86
C GLU B 145 9.42 -21.83 6.29
N ALA B 146 8.35 -21.33 5.68
CA ALA B 146 7.83 -20.01 6.06
C ALA B 146 7.52 -19.87 7.57
N PHE B 147 6.83 -20.87 8.12
CA PHE B 147 6.56 -20.84 9.57
C PHE B 147 7.83 -20.93 10.41
N ARG B 148 8.78 -21.74 9.97
CA ARG B 148 10.05 -21.90 10.73
C ARG B 148 10.79 -20.57 10.80
N VAL B 149 10.86 -19.83 9.68
CA VAL B 149 11.55 -18.52 9.67
C VAL B 149 10.74 -17.45 10.46
N ALA B 150 9.43 -17.38 10.24
CA ALA B 150 8.59 -16.38 10.85
C ALA B 150 8.60 -16.43 12.40
N GLU B 151 8.63 -17.66 12.94
CA GLU B 151 8.49 -17.93 14.39
C GLU B 151 9.86 -18.15 15.08
N GLY B 152 10.96 -17.85 14.37
CA GLY B 152 12.31 -17.92 14.92
C GLY B 152 12.69 -16.74 15.80
N HIS B 153 13.97 -16.66 16.14
CA HIS B 153 14.62 -15.54 16.86
C HIS B 153 15.68 -14.98 15.91
N PRO B 154 15.46 -13.79 15.33
CA PRO B 154 14.31 -12.87 15.48
C PRO B 154 13.06 -13.34 14.73
N ALA B 155 11.91 -13.01 15.28
CA ALA B 155 10.65 -13.24 14.58
C ALA B 155 10.50 -12.26 13.42
N GLY B 156 9.65 -12.59 12.44
CA GLY B 156 9.38 -11.70 11.34
C GLY B 156 8.49 -12.28 10.29
N PRO B 157 8.29 -11.54 9.18
CA PRO B 157 7.44 -11.96 8.09
C PRO B 157 8.10 -12.90 7.09
N ALA B 158 7.31 -13.83 6.58
CA ALA B 158 7.71 -14.76 5.50
C ALA B 158 6.68 -14.70 4.38
N TYR B 159 7.13 -14.53 3.12
CA TYR B 159 6.24 -14.41 1.95
C TYR B 159 6.48 -15.63 1.06
N VAL B 160 5.39 -16.26 0.59
CA VAL B 160 5.43 -17.42 -0.29
C VAL B 160 4.57 -17.07 -1.57
N ASP B 161 5.21 -17.08 -2.73
CA ASP B 161 4.57 -16.75 -4.02
C ASP B 161 4.30 -18.04 -4.75
N ILE B 162 3.05 -18.35 -5.06
CA ILE B 162 2.68 -19.59 -5.68
C ILE B 162 1.83 -19.27 -6.96
N PRO B 163 2.36 -19.60 -8.15
CA PRO B 163 1.54 -19.36 -9.39
C PRO B 163 0.23 -20.20 -9.30
N PHE B 164 -0.92 -19.61 -9.64
CA PHE B 164 -2.19 -20.24 -9.23
C PHE B 164 -2.54 -21.52 -9.95
N ASP B 165 -1.96 -21.76 -11.11
CA ASP B 165 -2.13 -23.05 -11.81
C ASP B 165 -1.78 -24.22 -10.89
N LEU B 166 -0.75 -24.07 -10.03
CA LEU B 166 -0.33 -25.13 -9.10
C LEU B 166 -1.43 -25.37 -8.05
N THR B 167 -2.30 -24.36 -7.77
CA THR B 167 -3.41 -24.53 -6.82
C THR B 167 -4.55 -25.39 -7.42
N ALA B 168 -4.74 -25.29 -8.74
CA ALA B 168 -5.73 -26.10 -9.49
C ALA B 168 -5.24 -27.53 -9.82
N ASP B 169 -3.93 -27.66 -10.07
CA ASP B 169 -3.29 -28.94 -10.41
C ASP B 169 -3.49 -29.90 -9.21
N GLN B 170 -3.39 -31.20 -9.50
CA GLN B 170 -3.56 -32.24 -8.50
C GLN B 170 -2.39 -33.21 -8.52
N ILE B 171 -2.14 -33.86 -7.38
CA ILE B 171 -0.99 -34.80 -7.19
C ILE B 171 -1.34 -35.78 -6.08
N ASP B 172 -0.76 -36.98 -6.13
CA ASP B 172 -0.86 -37.85 -4.97
C ASP B 172 -0.13 -37.25 -3.76
N ASP B 173 -0.84 -37.21 -2.63
CA ASP B 173 -0.42 -36.46 -1.45
C ASP B 173 0.49 -37.14 -0.45
N LYS B 174 0.91 -38.38 -0.74
CA LYS B 174 1.72 -39.15 0.23
C LYS B 174 2.98 -38.38 0.69
N ALA B 175 3.06 -38.06 1.99
CA ALA B 175 4.21 -37.36 2.62
C ALA B 175 4.42 -35.87 2.18
N LEU B 176 3.51 -35.30 1.40
CA LEU B 176 3.78 -34.01 0.74
C LEU B 176 3.73 -32.84 1.76
N VAL B 177 2.78 -32.87 2.71
CA VAL B 177 2.69 -31.87 3.78
C VAL B 177 3.54 -32.41 4.95
N PRO B 178 4.67 -31.76 5.32
CA PRO B 178 5.50 -32.29 6.45
C PRO B 178 4.77 -32.28 7.78
N ARG B 179 4.61 -33.46 8.38
CA ARG B 179 3.92 -33.62 9.68
C ARG B 179 4.90 -33.97 10.77
N GLY B 180 4.49 -33.77 12.02
CA GLY B 180 5.33 -34.12 13.16
C GLY B 180 6.50 -33.17 13.44
N ALA B 181 6.39 -31.95 12.99
N ALA B 181 6.40 -31.92 13.01
CA ALA B 181 7.51 -31.04 13.12
CA ALA B 181 7.46 -30.89 13.19
C ALA B 181 7.90 -30.92 14.57
C ALA B 181 7.44 -30.32 14.61
N THR B 182 8.99 -30.17 14.68
N THR B 182 8.57 -30.40 15.28
CA THR B 182 10.00 -30.40 15.64
CA THR B 182 8.70 -29.93 16.67
C THR B 182 10.34 -29.00 16.15
C THR B 182 9.82 -28.92 16.77
N ARG B 183 10.57 -28.84 17.47
N ARG B 183 9.72 -28.02 17.76
CA ARG B 183 10.93 -27.48 17.93
CA ARG B 183 10.75 -27.04 18.09
C ARG B 183 11.74 -27.45 19.21
C ARG B 183 11.79 -27.54 19.11
N ALA B 184 12.94 -26.90 19.10
CA ALA B 184 13.83 -26.82 20.25
C ALA B 184 13.19 -25.84 21.26
N LYS B 185 13.41 -26.09 22.55
CA LYS B 185 13.08 -25.14 23.62
C LYS B 185 13.86 -23.81 23.44
N SER B 186 13.23 -22.72 23.88
CA SER B 186 13.91 -21.41 23.90
C SER B 186 14.34 -20.97 25.29
N VAL B 187 14.46 -21.92 26.22
CA VAL B 187 15.00 -21.66 27.56
C VAL B 187 16.51 -21.83 27.63
N LEU B 188 17.24 -21.04 26.84
CA LEU B 188 18.67 -21.02 26.80
C LEU B 188 19.22 -20.55 28.15
N HIS B 189 20.10 -21.37 28.74
CA HIS B 189 20.79 -21.08 30.03
C HIS B 189 22.16 -20.44 29.84
N ALA B 190 22.50 -19.41 30.63
CA ALA B 190 23.84 -18.80 30.64
C ALA B 190 24.87 -19.64 31.40
N PRO B 191 26.18 -19.46 31.10
CA PRO B 191 27.16 -20.15 31.96
C PRO B 191 27.21 -19.50 33.35
N ASN B 192 27.60 -20.31 34.33
CA ASN B 192 27.70 -19.82 35.72
C ASN B 192 28.53 -18.55 35.92
N GLU B 193 29.64 -18.44 35.20
CA GLU B 193 30.55 -17.27 35.24
C GLU B 193 29.78 -15.98 34.99
N ASP B 194 28.94 -16.02 33.96
CA ASP B 194 28.18 -14.84 33.53
C ASP B 194 27.11 -14.46 34.56
N VAL B 195 26.43 -15.48 35.09
CA VAL B 195 25.44 -15.29 36.11
C VAL B 195 26.07 -14.67 37.35
N ARG B 196 27.21 -15.20 37.78
CA ARG B 196 27.87 -14.68 38.98
C ARG B 196 28.37 -13.25 38.81
N GLU B 197 28.89 -12.91 37.64
CA GLU B 197 29.37 -11.56 37.37
C GLU B 197 28.23 -10.53 37.33
N ALA B 198 27.10 -10.89 36.69
CA ALA B 198 25.94 -10.01 36.65
C ALA B 198 25.39 -9.79 38.07
N ALA B 199 25.34 -10.84 38.89
CA ALA B 199 24.85 -10.68 40.24
C ALA B 199 25.74 -9.77 41.10
N ALA B 200 27.05 -9.96 40.97
CA ALA B 200 28.05 -9.14 41.70
C ALA B 200 27.94 -7.66 41.31
N GLN B 201 27.73 -7.36 40.01
CA GLN B 201 27.54 -5.98 39.51
C GLN B 201 26.28 -5.37 40.09
N LEU B 202 25.19 -6.14 40.10
CA LEU B 202 23.91 -5.66 40.58
C LEU B 202 23.95 -5.28 42.04
N VAL B 203 24.60 -6.12 42.84
CA VAL B 203 24.73 -5.93 44.29
C VAL B 203 25.67 -4.77 44.63
N ALA B 204 26.74 -4.61 43.88
CA ALA B 204 27.73 -3.55 44.12
C ALA B 204 27.26 -2.14 43.71
N ALA B 205 26.35 -2.07 42.74
CA ALA B 205 25.83 -0.78 42.28
C ALA B 205 25.17 0.06 43.38
N LYS B 206 25.36 1.38 43.32
CA LYS B 206 24.75 2.36 44.26
C LYS B 206 23.33 2.74 43.82
N ASN B 207 23.12 2.79 42.51
CA ASN B 207 21.85 3.22 41.88
C ASN B 207 21.54 2.34 40.64
N PRO B 208 21.32 1.03 40.87
CA PRO B 208 21.01 0.10 39.76
C PRO B 208 19.64 0.33 39.15
N VAL B 209 19.50 -0.21 37.95
CA VAL B 209 18.20 -0.31 37.25
C VAL B 209 18.14 -1.63 36.48
N ILE B 210 16.96 -2.25 36.46
CA ILE B 210 16.68 -3.36 35.51
C ILE B 210 15.85 -2.80 34.36
N LEU B 211 16.30 -2.98 33.14
CA LEU B 211 15.63 -2.50 31.94
C LEU B 211 15.05 -3.74 31.22
N ALA B 212 13.70 -3.85 31.18
CA ALA B 212 12.98 -5.00 30.66
C ALA B 212 12.31 -4.61 29.35
N GLY B 213 12.64 -5.27 28.23
CA GLY B 213 12.04 -5.02 26.93
C GLY B 213 11.05 -6.10 26.53
N GLY B 214 10.63 -6.05 25.29
CA GLY B 214 9.64 -6.96 24.73
C GLY B 214 10.07 -8.42 24.80
N GLY B 215 11.36 -8.70 24.82
CA GLY B 215 11.80 -10.08 25.03
C GLY B 215 11.38 -10.69 26.34
N VAL B 216 11.17 -9.88 27.39
CA VAL B 216 10.67 -10.38 28.68
C VAL B 216 9.21 -10.88 28.47
N ALA B 217 8.43 -10.14 27.67
CA ALA B 217 7.06 -10.53 27.31
C ALA B 217 7.11 -11.87 26.52
N ARG B 218 7.89 -11.95 25.42
CA ARG B 218 7.98 -13.19 24.65
C ARG B 218 8.42 -14.38 25.56
N SER B 219 9.34 -14.11 26.46
CA SER B 219 9.91 -15.13 27.41
C SER B 219 8.90 -15.64 28.46
N GLY B 220 7.89 -14.83 28.76
CA GLY B 220 6.97 -15.12 29.84
C GLY B 220 7.59 -14.87 31.21
N GLY B 221 8.47 -13.84 31.30
CA GLY B 221 9.28 -13.63 32.52
C GLY B 221 8.70 -12.72 33.62
N SER B 222 7.40 -12.39 33.58
CA SER B 222 6.83 -11.46 34.58
C SER B 222 7.06 -11.89 36.05
N GLU B 223 6.83 -13.19 36.35
CA GLU B 223 6.93 -13.67 37.73
C GLU B 223 8.37 -13.58 38.22
N ALA B 224 9.33 -14.03 37.41
CA ALA B 224 10.73 -13.92 37.77
C ALA B 224 11.20 -12.49 37.94
N LEU B 225 10.75 -11.58 37.07
CA LEU B 225 11.15 -10.18 37.16
C LEU B 225 10.65 -9.54 38.48
N LEU B 226 9.40 -9.80 38.90
CA LEU B 226 8.87 -9.29 40.16
C LEU B 226 9.70 -9.79 41.34
N LYS B 227 9.97 -11.08 41.37
CA LYS B 227 10.80 -11.65 42.43
C LYS B 227 12.22 -11.06 42.44
N LEU B 228 12.90 -10.96 41.28
CA LEU B 228 14.23 -10.41 41.23
C LEU B 228 14.28 -8.93 41.68
N ALA B 229 13.35 -8.11 41.17
CA ALA B 229 13.36 -6.70 41.52
C ALA B 229 13.14 -6.51 43.03
N GLU B 230 12.20 -7.26 43.59
CA GLU B 230 12.00 -7.13 45.06
C GLU B 230 13.15 -7.67 45.91
N MET B 231 13.79 -8.73 45.43
CA MET B 231 14.87 -9.42 46.18
C MET B 231 16.10 -8.50 46.28
N VAL B 232 16.50 -7.86 45.16
CA VAL B 232 17.65 -6.96 45.14
C VAL B 232 17.28 -5.54 45.54
N GLY B 233 16.01 -5.17 45.34
CA GLY B 233 15.48 -3.85 45.69
C GLY B 233 15.95 -2.87 44.60
N VAL B 234 15.55 -3.09 43.34
CA VAL B 234 16.00 -2.35 42.19
C VAL B 234 14.84 -1.82 41.35
N PRO B 235 14.85 -0.51 41.06
CA PRO B 235 13.81 0.02 40.16
C PRO B 235 13.80 -0.62 38.75
N VAL B 236 12.60 -0.72 38.20
CA VAL B 236 12.38 -1.33 36.89
C VAL B 236 11.95 -0.26 35.87
N VAL B 237 12.67 -0.21 34.76
CA VAL B 237 12.39 0.61 33.57
C VAL B 237 12.05 -0.37 32.45
N THR B 238 11.08 0.00 31.60
CA THR B 238 10.80 -0.82 30.43
C THR B 238 11.00 -0.06 29.12
N THR B 239 10.99 -0.81 28.02
CA THR B 239 10.72 -0.28 26.67
C THR B 239 9.19 -0.26 26.47
N SER B 240 8.74 0.35 25.37
CA SER B 240 7.30 0.43 25.07
C SER B 240 6.67 -0.94 24.78
N THR B 241 7.44 -1.88 24.24
CA THR B 241 6.95 -3.27 24.02
C THR B 241 7.06 -4.13 25.28
N GLY B 242 7.91 -3.71 26.22
CA GLY B 242 8.04 -4.36 27.53
C GLY B 242 7.04 -3.89 28.61
N ALA B 243 6.48 -2.68 28.48
CA ALA B 243 5.52 -2.13 29.45
C ALA B 243 4.45 -3.17 29.75
N GLY B 244 4.17 -3.32 31.03
CA GLY B 244 3.25 -4.33 31.53
C GLY B 244 3.83 -5.64 32.01
N VAL B 245 5.08 -5.93 31.70
CA VAL B 245 5.75 -7.13 32.26
C VAL B 245 6.02 -6.97 33.75
N PHE B 246 6.06 -5.73 34.23
CA PHE B 246 6.18 -5.37 35.67
C PHE B 246 4.97 -4.54 36.07
N PRO B 247 4.27 -4.85 37.16
CA PRO B 247 3.02 -4.12 37.50
C PRO B 247 3.29 -2.62 37.65
N GLU B 248 2.64 -1.76 36.83
CA GLU B 248 3.01 -0.35 36.80
C GLU B 248 2.51 0.49 37.94
N THR B 249 1.74 -0.12 38.86
CA THR B 249 1.36 0.50 40.15
C THR B 249 2.35 0.19 41.30
N HIS B 250 3.35 -0.65 41.03
CA HIS B 250 4.35 -1.03 42.06
C HIS B 250 5.23 0.19 42.38
N ALA B 251 5.68 0.24 43.64
CA ALA B 251 6.59 1.31 44.11
C ALA B 251 7.93 1.43 43.32
N LEU B 252 8.42 0.28 42.86
CA LEU B 252 9.63 0.23 42.06
C LEU B 252 9.42 0.50 40.57
N ALA B 253 8.19 0.63 40.10
CA ALA B 253 7.91 0.80 38.66
C ALA B 253 8.17 2.25 38.25
N MET B 254 9.14 2.47 37.39
CA MET B 254 9.41 3.79 36.84
C MET B 254 8.71 4.03 35.50
N GLY B 255 8.13 2.99 34.89
CA GLY B 255 7.52 3.14 33.56
C GLY B 255 8.57 2.96 32.46
N SER B 256 8.22 3.40 31.24
CA SER B 256 9.05 3.19 30.04
C SER B 256 9.94 4.40 29.83
N ALA B 257 11.22 4.15 29.58
CA ALA B 257 12.14 5.16 29.06
C ALA B 257 11.90 5.47 27.57
N GLY B 258 12.39 6.61 27.14
CA GLY B 258 12.35 7.05 25.73
C GLY B 258 11.65 8.36 25.49
N PHE B 259 11.60 8.79 24.26
CA PHE B 259 11.09 10.12 23.96
C PHE B 259 9.62 10.33 24.07
N CYS B 260 8.84 9.24 24.06
CA CYS B 260 7.39 9.29 24.33
C CYS B 260 6.99 8.57 25.63
N GLY B 261 7.98 8.35 26.46
CA GLY B 261 7.87 7.60 27.71
C GLY B 261 7.60 8.46 28.93
N TRP B 262 7.87 7.88 30.09
CA TRP B 262 7.59 8.48 31.42
C TRP B 262 8.85 9.19 31.91
N LYS B 263 8.72 10.42 32.42
CA LYS B 263 9.89 11.16 32.87
C LYS B 263 10.54 10.47 34.09
N SER B 264 9.77 9.71 34.88
CA SER B 264 10.37 8.95 36.00
C SER B 264 11.44 7.95 35.49
N ALA B 265 11.16 7.31 34.35
CA ALA B 265 12.07 6.35 33.74
C ALA B 265 13.30 7.04 33.13
N ASN B 266 13.09 8.19 32.44
CA ASN B 266 14.22 8.91 31.92
C ASN B 266 15.12 9.48 33.03
N ASP B 267 14.51 9.96 34.12
CA ASP B 267 15.25 10.43 35.31
C ASP B 267 16.07 9.30 35.87
N MET B 268 15.49 8.12 36.04
CA MET B 268 16.19 6.99 36.65
C MET B 268 17.35 6.53 35.77
N MET B 269 17.13 6.47 34.46
CA MET B 269 18.21 6.15 33.52
C MET B 269 19.38 7.17 33.57
N ALA B 270 19.06 8.45 33.77
CA ALA B 270 20.10 9.48 33.94
C ALA B 270 20.86 9.39 35.26
N ALA B 271 20.22 8.86 36.29
CA ALA B 271 20.81 8.72 37.63
C ALA B 271 21.57 7.42 37.85
N ALA B 272 21.32 6.42 37.01
CA ALA B 272 21.82 5.06 37.27
C ALA B 272 23.30 4.91 37.07
N ASP B 273 23.93 4.10 37.91
CA ASP B 273 25.34 3.73 37.70
C ASP B 273 25.59 2.36 37.02
N PHE B 274 24.52 1.56 36.87
CA PHE B 274 24.57 0.22 36.32
C PHE B 274 23.15 -0.15 35.83
N VAL B 275 23.09 -0.78 34.66
CA VAL B 275 21.82 -1.32 34.16
C VAL B 275 21.99 -2.80 33.75
N LEU B 276 20.99 -3.61 34.14
CA LEU B 276 20.84 -4.99 33.62
C LEU B 276 19.74 -4.97 32.58
N VAL B 277 20.12 -5.13 31.33
CA VAL B 277 19.20 -5.06 30.15
C VAL B 277 18.78 -6.49 29.77
N LEU B 278 17.46 -6.73 29.79
CA LEU B 278 16.86 -8.05 29.50
C LEU B 278 15.85 -7.95 28.37
N GLY B 279 16.11 -8.61 27.26
CA GLY B 279 15.15 -8.62 26.16
C GLY B 279 14.85 -7.28 25.51
N SER B 280 15.88 -6.45 25.27
CA SER B 280 15.70 -5.18 24.54
C SER B 280 16.76 -5.10 23.43
N ARG B 281 16.36 -4.55 22.27
CA ARG B 281 17.30 -4.30 21.19
C ARG B 281 17.91 -2.90 21.21
N LEU B 282 17.62 -2.09 22.22
CA LEU B 282 18.20 -0.75 22.41
C LEU B 282 18.11 0.08 21.11
N SER B 283 16.86 0.22 20.60
CA SER B 283 16.61 0.69 19.26
C SER B 283 16.56 2.21 19.14
N ASP B 284 16.67 2.67 17.87
CA ASP B 284 16.68 4.10 17.50
C ASP B 284 15.57 4.89 18.15
N TRP B 285 14.32 4.50 17.92
CA TRP B 285 13.21 5.24 18.55
C TRP B 285 12.75 4.66 19.89
N GLY B 286 13.52 3.71 20.40
CA GLY B 286 13.40 3.21 21.77
C GLY B 286 14.54 3.79 22.63
N ILE B 287 15.26 2.91 23.34
CA ILE B 287 16.21 3.38 24.33
C ILE B 287 17.31 4.26 23.78
N ALA B 288 17.74 4.05 22.52
CA ALA B 288 18.81 4.85 21.93
C ALA B 288 18.46 6.34 21.71
N GLN B 289 17.20 6.62 21.49
CA GLN B 289 16.74 8.00 21.18
C GLN B 289 17.60 8.67 20.09
N GLY B 290 17.65 8.03 18.92
CA GLY B 290 18.44 8.55 17.77
C GLY B 290 19.94 8.39 17.99
N TYR B 291 20.34 7.42 18.81
CA TYR B 291 21.75 7.12 19.06
C TYR B 291 22.42 8.26 19.85
N ILE B 292 21.62 9.00 20.63
CA ILE B 292 22.09 10.04 21.53
C ILE B 292 22.19 9.61 22.99
N THR B 293 21.33 8.67 23.42
CA THR B 293 21.33 8.24 24.81
C THR B 293 22.69 7.76 25.29
N LYS B 294 23.12 8.23 26.44
CA LYS B 294 24.34 7.74 27.12
C LYS B 294 24.01 6.62 28.10
N MET B 295 24.34 5.39 27.78
CA MET B 295 24.06 4.26 28.63
C MET B 295 25.09 4.21 29.78
N PRO B 296 24.67 3.97 31.04
CA PRO B 296 25.57 3.61 32.11
C PRO B 296 26.27 2.27 31.72
N LYS B 297 27.32 1.86 32.44
CA LYS B 297 27.82 0.49 32.32
C LYS B 297 26.67 -0.52 32.46
N PHE B 298 26.65 -1.54 31.58
CA PHE B 298 25.48 -2.44 31.50
C PHE B 298 25.87 -3.89 31.12
N VAL B 299 25.06 -4.81 31.61
CA VAL B 299 25.01 -6.20 31.18
C VAL B 299 23.83 -6.35 30.24
N HIS B 300 24.01 -7.06 29.14
CA HIS B 300 23.00 -7.13 28.04
C HIS B 300 22.72 -8.64 27.78
N VAL B 301 21.46 -9.08 27.96
CA VAL B 301 21.03 -10.46 27.84
C VAL B 301 19.93 -10.62 26.80
N ASP B 302 20.18 -11.43 25.76
CA ASP B 302 19.19 -11.58 24.65
C ASP B 302 19.36 -13.02 24.07
N THR B 303 18.27 -13.50 23.45
CA THR B 303 18.31 -14.72 22.63
C THR B 303 18.92 -14.56 21.24
N ASP B 304 19.03 -13.32 20.75
CA ASP B 304 19.49 -13.01 19.40
C ASP B 304 20.87 -12.33 19.49
N PRO B 305 21.94 -13.08 19.19
CA PRO B 305 23.26 -12.46 19.27
C PRO B 305 23.51 -11.25 18.40
N ALA B 306 22.74 -11.12 17.32
CA ALA B 306 22.90 -9.96 16.44
C ALA B 306 22.58 -8.60 17.11
N VAL B 307 21.75 -8.57 18.18
CA VAL B 307 21.44 -7.31 18.89
C VAL B 307 22.55 -6.93 19.88
N LEU B 308 23.34 -7.92 20.34
CA LEU B 308 24.31 -7.69 21.39
C LEU B 308 25.58 -7.05 20.84
N GLY B 309 25.85 -5.82 21.23
CA GLY B 309 27.06 -5.14 20.83
C GLY B 309 27.07 -4.52 19.45
N THR B 310 25.89 -4.36 18.80
CA THR B 310 25.86 -3.72 17.49
C THR B 310 26.19 -2.21 17.57
N PHE B 311 25.75 -1.54 18.64
CA PHE B 311 25.94 -0.10 18.78
C PHE B 311 26.42 0.29 20.16
N TYR B 312 25.68 -0.15 21.20
CA TYR B 312 26.05 0.09 22.60
C TYR B 312 26.92 -1.07 23.05
N PHE B 313 28.16 -0.81 23.46
CA PHE B 313 29.09 -1.87 23.85
C PHE B 313 28.90 -2.18 25.33
N PRO B 314 28.39 -3.40 25.64
CA PRO B 314 28.15 -3.74 27.06
C PRO B 314 29.42 -4.04 27.89
N LEU B 315 29.33 -3.96 29.20
CA LEU B 315 30.36 -4.57 30.08
C LEU B 315 30.43 -6.08 29.85
N LEU B 316 29.27 -6.70 29.70
CA LEU B 316 29.12 -8.15 29.50
C LEU B 316 27.88 -8.44 28.65
N SER B 317 28.06 -9.20 27.57
CA SER B 317 27.01 -9.70 26.68
C SER B 317 26.77 -11.19 26.94
N VAL B 318 25.50 -11.58 27.04
CA VAL B 318 25.06 -12.94 27.37
C VAL B 318 23.93 -13.40 26.45
N VAL B 319 24.11 -14.55 25.81
CA VAL B 319 23.06 -15.19 25.00
C VAL B 319 22.26 -16.10 25.93
N ALA B 320 21.06 -15.71 26.29
CA ALA B 320 20.21 -16.48 27.19
C ALA B 320 18.78 -15.98 27.12
N ASP B 321 17.86 -16.87 27.46
CA ASP B 321 16.46 -16.54 27.66
C ASP B 321 16.29 -15.66 28.88
N ALA B 322 15.43 -14.63 28.76
CA ALA B 322 15.25 -13.65 29.87
C ALA B 322 14.72 -14.25 31.15
N LYS B 323 13.62 -15.00 31.08
CA LYS B 323 13.05 -15.68 32.26
C LYS B 323 14.11 -16.59 32.92
N THR B 324 14.75 -17.39 32.09
CA THR B 324 15.75 -18.34 32.57
C THR B 324 16.91 -17.62 33.30
N PHE B 325 17.42 -16.56 32.70
CA PHE B 325 18.55 -15.82 33.27
C PHE B 325 18.17 -15.24 34.62
N MET B 326 16.99 -14.66 34.72
CA MET B 326 16.49 -14.17 36.01
C MET B 326 16.39 -15.24 37.08
N GLU B 327 15.91 -16.43 36.70
CA GLU B 327 15.82 -17.55 37.61
C GLU B 327 17.24 -17.97 38.05
N GLN B 328 18.21 -17.99 37.13
CA GLN B 328 19.60 -18.31 37.48
C GLN B 328 20.15 -17.28 38.49
N LEU B 329 19.77 -15.99 38.26
CA LEU B 329 20.26 -14.92 39.13
C LEU B 329 19.67 -15.06 40.54
N ILE B 330 18.39 -15.34 40.64
CA ILE B 330 17.72 -15.55 41.94
C ILE B 330 18.39 -16.69 42.74
N GLU B 331 18.81 -17.74 42.05
CA GLU B 331 19.48 -18.89 42.69
C GLU B 331 20.90 -18.54 43.17
N VAL B 332 21.64 -17.68 42.45
CA VAL B 332 23.02 -17.29 42.79
C VAL B 332 23.15 -16.14 43.79
N LEU B 333 22.12 -15.30 43.92
CA LEU B 333 22.22 -14.10 44.79
C LEU B 333 22.54 -14.40 46.26
N PRO B 334 21.91 -15.41 46.88
CA PRO B 334 22.27 -15.64 48.29
C PRO B 334 23.72 -15.93 48.58
N GLY B 335 24.45 -16.51 47.63
CA GLY B 335 25.89 -16.74 47.75
C GLY B 335 26.77 -15.75 47.02
N THR B 336 26.23 -14.57 46.68
CA THR B 336 27.01 -13.53 46.08
C THR B 336 27.57 -12.61 47.17
N SER B 337 28.85 -12.29 47.10
CA SER B 337 29.46 -11.42 48.11
C SER B 337 28.79 -10.06 48.14
N GLY B 338 28.48 -9.55 49.33
CA GLY B 338 27.82 -8.28 49.50
C GLY B 338 26.33 -8.35 49.54
N PHE B 339 25.74 -9.46 49.07
CA PHE B 339 24.28 -9.58 49.12
C PHE B 339 23.74 -9.80 50.54
N LYS B 340 22.72 -9.04 50.88
CA LYS B 340 21.96 -9.24 52.10
C LYS B 340 20.46 -9.16 51.82
N ALA B 341 19.66 -10.05 52.37
CA ALA B 341 18.21 -10.00 52.25
C ALA B 341 17.67 -8.89 53.14
N VAL B 342 17.13 -7.84 52.50
CA VAL B 342 16.53 -6.67 53.15
C VAL B 342 15.27 -6.33 52.36
N ARG B 343 14.23 -5.89 53.06
CA ARG B 343 12.99 -5.40 52.38
C ARG B 343 13.34 -4.26 51.40
N TYR B 344 12.75 -4.28 50.20
CA TYR B 344 13.15 -3.28 49.18
C TYR B 344 12.94 -1.82 49.64
N GLN B 345 11.92 -1.60 50.45
CA GLN B 345 11.57 -0.25 50.98
C GLN B 345 12.63 0.30 51.92
N GLU B 346 13.52 -0.56 52.41
CA GLU B 346 14.60 -0.16 53.32
C GLU B 346 15.98 -0.02 52.66
N ARG B 347 16.05 -0.24 51.34
CA ARG B 347 17.35 -0.10 50.65
C ARG B 347 17.67 1.38 50.51
N GLU B 348 18.95 1.71 50.44
CA GLU B 348 19.36 3.13 50.33
C GLU B 348 18.99 3.85 49.05
N ASN B 349 18.72 3.08 47.98
CA ASN B 349 18.33 3.61 46.67
C ASN B 349 16.81 3.80 46.52
N PHE B 350 15.97 3.36 47.46
CA PHE B 350 14.51 3.36 47.33
C PHE B 350 13.96 4.77 47.26
N ARG B 351 14.40 5.65 48.16
CA ARG B 351 13.82 6.99 48.23
C ARG B 351 14.00 7.73 46.90
N GLN B 352 15.19 7.72 46.34
CA GLN B 352 15.44 8.36 45.03
C GLN B 352 14.45 7.92 43.95
N ALA B 353 14.22 6.62 43.84
CA ALA B 353 13.30 6.10 42.83
C ALA B 353 11.87 6.52 43.04
N THR B 354 11.40 6.42 44.31
CA THR B 354 10.03 6.85 44.62
C THR B 354 9.81 8.37 44.39
N GLU B 355 10.83 9.18 44.62
CA GLU B 355 10.78 10.61 44.35
C GLU B 355 10.62 10.87 42.84
N PHE B 356 11.37 10.16 42.00
CA PHE B 356 11.20 10.28 40.55
C PHE B 356 9.76 9.96 40.13
N ARG B 357 9.23 8.84 40.63
CA ARG B 357 7.88 8.40 40.25
C ARG B 357 6.83 9.38 40.74
N ALA B 358 7.00 9.87 41.99
CA ALA B 358 6.08 10.85 42.53
C ALA B 358 6.00 12.13 41.70
N ALA B 359 7.15 12.63 41.26
CA ALA B 359 7.21 13.83 40.43
C ALA B 359 6.47 13.65 39.10
N TRP B 360 6.67 12.48 38.47
CA TRP B 360 5.96 12.14 37.23
C TRP B 360 4.47 12.02 37.43
N ASP B 361 4.08 11.32 38.50
CA ASP B 361 2.67 11.17 38.79
C ASP B 361 1.98 12.53 39.01
N GLY B 362 2.69 13.44 39.67
CA GLY B 362 2.14 14.78 39.91
C GLY B 362 1.93 15.53 38.60
N TRP B 363 2.89 15.41 37.68
CA TRP B 363 2.78 16.02 36.36
C TRP B 363 1.63 15.41 35.57
N VAL B 364 1.47 14.10 35.56
CA VAL B 364 0.34 13.46 34.89
C VAL B 364 -1.00 13.94 35.44
N ARG B 365 -1.12 14.00 36.78
CA ARG B 365 -2.32 14.58 37.40
C ARG B 365 -2.63 15.98 36.89
N GLU B 366 -1.62 16.84 36.79
CA GLU B 366 -1.84 18.18 36.20
C GLU B 366 -2.37 18.10 34.76
N GLN B 367 -1.81 17.19 33.96
CA GLN B 367 -2.23 17.07 32.55
C GLN B 367 -3.68 16.56 32.39
N GLU B 368 -4.13 15.79 33.38
CA GLU B 368 -5.54 15.34 33.44
CA GLU B 368 -5.32 14.98 33.16
C GLU B 368 -6.44 16.43 33.97
C GLU B 368 -6.53 15.55 33.83
N SER B 369 -5.83 17.38 34.69
N SER B 369 -6.37 16.60 34.64
CA SER B 369 -6.54 18.43 35.36
CA SER B 369 -7.39 17.07 35.57
C SER B 369 -6.99 19.19 34.20
C SER B 369 -8.29 18.24 35.06
N GLY B 370 -8.26 19.11 34.10
N GLY B 370 -7.97 18.96 33.96
CA GLY B 370 -8.91 20.04 33.36
C GLY B 370 -10.09 19.46 32.62
N ASP B 371 -11.19 20.20 32.66
CA ASP B 371 -12.38 19.84 31.91
C ASP B 371 -12.48 20.72 30.67
N GLY B 372 -13.54 20.59 29.91
CA GLY B 372 -13.78 21.52 28.80
C GLY B 372 -13.10 21.07 27.50
N MET B 373 -13.18 21.93 26.51
CA MET B 373 -12.70 21.73 25.16
C MET B 373 -11.75 22.85 24.78
N PRO B 374 -10.71 22.55 24.02
CA PRO B 374 -10.31 21.19 23.58
C PRO B 374 -9.89 20.31 24.77
N ALA B 375 -10.13 19.02 24.67
CA ALA B 375 -9.85 18.11 25.77
C ALA B 375 -8.36 17.79 25.82
N SER B 376 -7.80 17.59 27.00
CA SER B 376 -6.48 16.94 27.19
C SER B 376 -6.55 15.43 26.91
N MET B 377 -5.64 14.89 26.08
CA MET B 377 -5.56 13.44 25.80
C MET B 377 -5.20 12.64 27.06
N PHE B 378 -4.48 13.26 28.01
CA PHE B 378 -4.29 12.64 29.33
C PHE B 378 -5.60 12.48 30.12
N ARG B 379 -6.50 13.46 30.00
CA ARG B 379 -7.87 13.35 30.57
C ARG B 379 -8.64 12.21 29.93
N ALA B 380 -8.60 12.09 28.59
CA ALA B 380 -9.25 10.96 27.91
C ALA B 380 -8.72 9.60 28.47
N MET B 381 -7.40 9.46 28.64
CA MET B 381 -6.83 8.22 29.17
C MET B 381 -7.21 7.95 30.65
N ALA B 382 -7.29 9.02 31.44
CA ALA B 382 -7.78 8.86 32.80
C ALA B 382 -9.22 8.30 32.87
N GLU B 383 -10.06 8.72 31.93
CA GLU B 383 -11.42 8.19 31.82
C GLU B 383 -11.41 6.71 31.38
N VAL B 384 -10.56 6.33 30.44
CA VAL B 384 -10.40 4.92 30.08
C VAL B 384 -9.99 4.10 31.28
N ARG B 385 -9.02 4.59 32.04
CA ARG B 385 -8.53 3.80 33.17
C ARG B 385 -9.65 3.48 34.18
N LYS B 386 -10.67 4.33 34.29
CA LYS B 386 -11.79 4.13 35.24
C LYS B 386 -12.65 2.93 34.84
N VAL B 387 -12.60 2.53 33.57
CA VAL B 387 -13.35 1.43 33.02
C VAL B 387 -12.51 0.29 32.43
N GLN B 388 -11.25 0.24 32.81
CA GLN B 388 -10.26 -0.67 32.22
C GLN B 388 -9.99 -1.89 33.14
N ARG B 389 -10.01 -3.07 32.54
CA ARG B 389 -9.72 -4.36 33.14
C ARG B 389 -8.25 -4.74 32.92
N PRO B 390 -7.70 -5.69 33.74
CA PRO B 390 -6.28 -6.02 33.58
C PRO B 390 -5.87 -6.65 32.24
N GLU B 391 -6.79 -7.39 31.60
CA GLU B 391 -6.50 -7.95 30.28
C GLU B 391 -6.82 -7.06 29.06
N ASP B 392 -7.32 -5.86 29.31
CA ASP B 392 -7.68 -4.93 28.22
C ASP B 392 -6.41 -4.43 27.49
N ILE B 393 -6.61 -4.08 26.25
CA ILE B 393 -5.58 -3.66 25.33
C ILE B 393 -5.74 -2.19 24.93
N ILE B 394 -4.63 -1.45 24.98
CA ILE B 394 -4.51 -0.06 24.57
C ILE B 394 -3.77 0.01 23.23
N VAL B 395 -4.38 0.64 22.23
CA VAL B 395 -3.81 0.79 20.88
C VAL B 395 -3.67 2.29 20.63
N THR B 396 -2.63 2.65 19.90
CA THR B 396 -2.41 4.03 19.44
C THR B 396 -1.96 4.01 18.00
N ASP B 397 -2.17 5.12 17.30
CA ASP B 397 -1.49 5.43 16.03
C ASP B 397 -0.27 6.33 16.29
N ILE B 398 0.25 6.91 15.23
CA ILE B 398 1.51 7.65 15.23
C ILE B 398 1.27 9.16 15.08
N GLY B 399 1.80 9.96 16.01
CA GLY B 399 1.58 11.41 15.95
C GLY B 399 1.79 12.03 17.33
N ASN B 400 1.37 13.31 17.48
CA ASN B 400 1.40 13.93 18.83
C ASN B 400 0.73 13.04 19.86
N HIS B 401 -0.40 12.42 19.47
CA HIS B 401 -1.24 11.62 20.38
C HIS B 401 -0.49 10.40 20.93
N THR B 402 0.60 9.93 20.29
CA THR B 402 1.29 8.76 20.77
C THR B 402 1.78 8.94 22.25
N LEU B 403 2.29 10.15 22.57
CA LEU B 403 2.90 10.40 23.88
C LEU B 403 1.85 10.31 25.00
N PRO B 404 0.69 10.99 24.88
CA PRO B 404 -0.32 10.79 25.97
C PRO B 404 -0.92 9.38 26.05
N MET B 405 -0.95 8.68 24.91
CA MET B 405 -1.40 7.28 24.97
C MET B 405 -0.38 6.42 25.75
N PHE B 406 0.92 6.58 25.49
CA PHE B 406 1.95 5.86 26.25
C PHE B 406 1.99 6.31 27.74
N GLY B 407 1.82 7.61 27.97
CA GLY B 407 1.95 8.16 29.31
C GLY B 407 0.72 7.89 30.20
N GLY B 408 -0.46 7.73 29.61
CA GLY B 408 -1.68 7.45 30.35
C GLY B 408 -2.07 5.98 30.45
N ALA B 409 -1.37 5.12 29.73
CA ALA B 409 -1.48 3.66 29.84
C ALA B 409 -0.71 3.19 31.06
N ILE B 410 -1.44 2.64 32.05
CA ILE B 410 -0.84 2.02 33.26
C ILE B 410 -1.24 0.56 33.31
N LEU B 411 -0.27 -0.31 33.03
CA LEU B 411 -0.54 -1.70 32.63
C LEU B 411 -0.01 -2.71 33.65
N GLN B 412 -0.63 -3.89 33.66
CA GLN B 412 -0.38 -4.92 34.66
C GLN B 412 -0.08 -6.27 34.03
N ARG B 413 -0.19 -6.41 32.71
CA ARG B 413 0.11 -7.69 32.04
C ARG B 413 0.86 -7.38 30.76
N PRO B 414 1.54 -8.40 30.19
CA PRO B 414 2.24 -8.14 28.93
C PRO B 414 1.41 -8.03 27.64
N ARG B 415 2.03 -7.43 26.61
CA ARG B 415 1.45 -7.36 25.26
C ARG B 415 0.08 -6.67 25.23
N ARG B 416 -0.13 -5.66 26.09
CA ARG B 416 -1.38 -4.87 26.13
C ARG B 416 -1.26 -3.51 25.45
N LEU B 417 -0.10 -3.19 24.88
CA LEU B 417 0.12 -1.86 24.28
C LEU B 417 0.57 -2.10 22.83
N VAL B 418 -0.19 -1.62 21.84
CA VAL B 418 -0.05 -2.01 20.42
C VAL B 418 0.02 -0.79 19.52
N THR B 419 1.00 -0.81 18.62
CA THR B 419 1.13 0.16 17.52
C THR B 419 2.19 -0.30 16.53
N SER B 420 2.44 0.52 15.49
CA SER B 420 3.59 0.29 14.58
C SER B 420 4.85 0.78 15.32
N MET B 421 5.30 -0.03 16.31
CA MET B 421 6.36 0.37 17.24
C MET B 421 7.70 0.58 16.48
N ALA B 422 8.11 -0.32 15.59
CA ALA B 422 9.43 -0.27 14.97
C ALA B 422 9.59 0.79 13.89
N GLU B 423 8.52 1.07 13.14
CA GLU B 423 8.58 1.88 11.94
C GLU B 423 7.74 3.14 11.96
N GLY B 424 6.86 3.28 12.91
CA GLY B 424 6.01 4.47 12.99
C GLY B 424 5.22 4.73 11.72
N ILE B 425 4.56 3.72 11.18
CA ILE B 425 3.80 3.84 9.94
C ILE B 425 2.34 4.32 10.23
N LEU B 426 2.05 5.51 9.79
CA LEU B 426 0.72 6.13 9.99
C LEU B 426 -0.40 5.23 9.43
N GLY B 427 -1.50 5.15 10.19
CA GLY B 427 -2.73 4.47 9.84
C GLY B 427 -2.85 3.04 10.40
N CYS B 428 -1.78 2.54 11.00
CA CYS B 428 -1.75 1.21 11.67
C CYS B 428 -2.82 0.95 12.70
N GLY B 429 -3.24 1.99 13.42
CA GLY B 429 -3.94 1.82 14.71
C GLY B 429 -5.26 1.08 14.61
N PHE B 430 -6.16 1.57 13.76
CA PHE B 430 -7.52 0.99 13.67
C PHE B 430 -7.43 -0.53 13.26
N PRO B 431 -6.75 -0.84 12.12
CA PRO B 431 -6.69 -2.27 11.76
C PRO B 431 -5.89 -3.15 12.72
N MET B 432 -4.82 -2.63 13.34
CA MET B 432 -4.12 -3.43 14.36
C MET B 432 -5.05 -3.70 15.53
N ALA B 433 -5.90 -2.75 15.89
CA ALA B 433 -6.85 -2.93 16.99
C ALA B 433 -7.87 -4.05 16.64
N LEU B 434 -8.35 -4.09 15.39
CA LEU B 434 -9.29 -5.15 14.97
C LEU B 434 -8.60 -6.51 15.06
N GLY B 435 -7.33 -6.60 14.60
CA GLY B 435 -6.54 -7.85 14.70
C GLY B 435 -6.36 -8.30 16.13
N ALA B 436 -6.01 -7.36 16.99
CA ALA B 436 -5.83 -7.69 18.40
C ALA B 436 -7.15 -8.16 19.00
N GLN B 437 -8.27 -7.55 18.65
CA GLN B 437 -9.57 -7.96 19.19
C GLN B 437 -9.92 -9.40 18.74
N LEU B 438 -9.62 -9.73 17.48
CA LEU B 438 -9.84 -11.12 16.94
C LEU B 438 -9.05 -12.15 17.71
N ALA B 439 -7.83 -11.79 18.08
CA ALA B 439 -6.94 -12.70 18.82
C ALA B 439 -7.35 -12.85 20.31
N GLU B 440 -7.90 -11.79 20.85
CA GLU B 440 -8.10 -11.63 22.33
C GLU B 440 -9.53 -11.30 22.58
N PRO B 441 -10.46 -12.24 22.32
CA PRO B 441 -11.89 -11.93 22.50
C PRO B 441 -12.28 -11.69 23.98
N ASN B 442 -11.45 -12.00 25.00
CA ASN B 442 -11.78 -11.59 26.38
C ASN B 442 -11.16 -10.26 26.77
N SER B 443 -10.63 -9.50 25.82
CA SER B 443 -10.09 -8.16 26.07
C SER B 443 -11.02 -7.11 25.48
N ARG B 444 -11.30 -6.04 26.24
CA ARG B 444 -11.81 -4.79 25.70
C ARG B 444 -10.62 -4.05 25.08
N VAL B 445 -10.79 -3.48 23.89
CA VAL B 445 -9.70 -2.87 23.09
C VAL B 445 -10.09 -1.39 22.98
N PHE B 446 -9.25 -0.53 23.54
CA PHE B 446 -9.40 0.94 23.45
C PHE B 446 -8.33 1.50 22.53
N LEU B 447 -8.74 2.18 21.47
CA LEU B 447 -7.84 2.83 20.50
C LEU B 447 -7.96 4.34 20.65
N GLY B 448 -6.80 4.97 20.87
CA GLY B 448 -6.65 6.40 20.77
C GLY B 448 -5.91 6.69 19.48
N THR B 449 -6.63 7.27 18.52
CA THR B 449 -6.07 7.58 17.17
C THR B 449 -6.21 9.05 16.79
N GLY B 450 -5.19 9.60 16.17
CA GLY B 450 -5.32 10.84 15.46
C GLY B 450 -6.32 10.79 14.33
N ASP B 451 -6.72 11.95 13.87
CA ASP B 451 -7.59 12.12 12.70
C ASP B 451 -6.87 11.84 11.38
N GLY B 452 -5.64 12.33 11.25
CA GLY B 452 -4.83 12.00 10.08
C GLY B 452 -4.57 10.49 9.91
N ALA B 453 -4.37 9.82 11.05
CA ALA B 453 -4.22 8.36 11.07
C ALA B 453 -5.53 7.62 10.70
N LEU B 454 -6.68 8.03 11.30
CA LEU B 454 -7.93 7.28 11.11
C LEU B 454 -8.34 7.28 9.65
N TYR B 455 -7.99 8.37 8.96
CA TYR B 455 -8.24 8.52 7.51
C TYR B 455 -7.78 7.32 6.68
N TYR B 456 -6.70 6.66 7.05
CA TYR B 456 -6.16 5.56 6.27
C TYR B 456 -7.07 4.35 6.12
N HIS B 457 -7.47 3.73 7.24
CA HIS B 457 -8.14 2.43 7.21
C HIS B 457 -9.47 2.39 7.95
N PHE B 458 -10.14 3.54 8.05
CA PHE B 458 -11.52 3.52 8.59
C PHE B 458 -12.54 2.76 7.67
N ASN B 459 -12.15 2.53 6.42
CA ASN B 459 -12.92 1.62 5.52
C ASN B 459 -13.13 0.20 6.17
N GLU B 460 -12.23 -0.17 7.06
CA GLU B 460 -12.33 -1.43 7.79
C GLU B 460 -13.44 -1.45 8.85
N PHE B 461 -14.23 -0.37 9.03
CA PHE B 461 -15.44 -0.44 9.86
C PHE B 461 -16.37 -1.52 9.27
N ARG B 462 -16.27 -1.83 7.95
CA ARG B 462 -17.04 -2.96 7.43
C ARG B 462 -16.76 -4.28 8.16
N VAL B 463 -15.48 -4.55 8.45
CA VAL B 463 -15.08 -5.76 9.16
C VAL B 463 -15.55 -5.67 10.61
N ALA B 464 -15.30 -4.52 11.25
CA ALA B 464 -15.66 -4.38 12.66
C ALA B 464 -17.16 -4.62 12.87
N VAL B 465 -18.01 -4.09 11.96
CA VAL B 465 -19.47 -4.24 12.12
C VAL B 465 -19.93 -5.67 11.80
N GLU B 466 -19.48 -6.21 10.67
CA GLU B 466 -19.90 -7.57 10.27
C GLU B 466 -19.44 -8.65 11.25
N HIS B 467 -18.23 -8.53 11.78
CA HIS B 467 -17.68 -9.52 12.71
C HIS B 467 -17.91 -9.15 14.20
N LYS B 468 -18.69 -8.08 14.44
CA LYS B 468 -19.16 -7.72 15.79
C LYS B 468 -17.94 -7.54 16.72
N LEU B 469 -16.94 -6.76 16.27
CA LEU B 469 -15.69 -6.47 17.02
C LEU B 469 -15.81 -5.15 17.75
N PRO B 470 -16.13 -5.19 19.07
CA PRO B 470 -16.56 -3.98 19.79
C PRO B 470 -15.41 -3.10 20.28
N VAL B 471 -14.47 -2.80 19.40
CA VAL B 471 -13.37 -1.87 19.65
C VAL B 471 -13.91 -0.51 19.93
N ILE B 472 -13.39 0.15 20.97
CA ILE B 472 -13.83 1.50 21.37
C ILE B 472 -12.74 2.46 20.87
N THR B 473 -13.07 3.19 19.80
CA THR B 473 -12.12 4.14 19.17
C THR B 473 -12.42 5.60 19.53
N MET B 474 -11.42 6.25 20.13
CA MET B 474 -11.43 7.70 20.38
C MET B 474 -10.65 8.38 19.20
N VAL B 475 -11.33 9.16 18.38
CA VAL B 475 -10.65 9.94 17.35
C VAL B 475 -10.38 11.34 17.87
N PHE B 476 -9.10 11.68 18.02
CA PHE B 476 -8.68 12.95 18.55
C PHE B 476 -8.63 13.92 17.39
N THR B 477 -9.53 14.91 17.36
CA THR B 477 -9.60 15.82 16.21
C THR B 477 -8.85 17.13 16.47
N ASN B 478 -7.93 17.47 15.58
CA ASN B 478 -7.30 18.79 15.55
C ASN B 478 -7.21 19.37 14.13
N GLU B 479 -7.79 18.70 13.14
CA GLU B 479 -7.74 19.12 11.72
C GLU B 479 -6.31 19.36 11.21
N SER B 480 -5.40 18.52 11.66
CA SER B 480 -3.98 18.65 11.40
C SER B 480 -3.23 17.35 11.66
N TYR B 481 -2.12 17.22 10.93
CA TYR B 481 -0.97 16.36 11.29
C TYR B 481 -0.24 17.16 12.35
N GLY B 482 -0.71 17.06 13.60
CA GLY B 482 -0.31 17.93 14.69
C GLY B 482 1.16 17.80 15.03
N ALA B 483 1.73 16.58 15.02
CA ALA B 483 3.15 16.45 15.26
C ALA B 483 3.97 17.33 14.30
N ASN B 484 3.59 17.33 13.01
CA ASN B 484 4.32 18.10 12.00
C ASN B 484 3.99 19.59 12.07
N TRP B 485 2.73 19.98 12.39
CA TRP B 485 2.44 21.41 12.63
C TRP B 485 3.45 21.92 13.68
N THR B 486 3.59 21.15 14.77
CA THR B 486 4.35 21.56 15.97
C THR B 486 5.87 21.54 15.70
N LEU B 487 6.38 20.45 15.15
CA LEU B 487 7.78 20.34 14.81
C LEU B 487 8.19 21.43 13.83
N MET B 488 7.40 21.64 12.78
CA MET B 488 7.71 22.68 11.76
C MET B 488 7.68 24.08 12.37
N ASN B 489 6.77 24.31 13.31
CA ASN B 489 6.74 25.62 13.96
C ASN B 489 8.00 25.82 14.80
N HIS B 490 8.44 24.81 15.52
CA HIS B 490 9.69 24.87 16.26
C HIS B 490 10.89 25.12 15.31
N GLN B 491 10.92 24.37 14.20
CA GLN B 491 12.04 24.35 13.26
C GLN B 491 12.20 25.57 12.37
N PHE B 492 11.10 26.02 11.77
CA PHE B 492 11.06 27.09 10.76
C PHE B 492 10.25 28.33 11.17
N GLY B 493 9.43 28.22 12.22
CA GLY B 493 8.44 29.23 12.60
C GLY B 493 7.22 29.23 11.72
N GLN B 494 7.05 28.21 10.86
CA GLN B 494 5.97 28.15 9.87
C GLN B 494 5.71 26.68 9.50
N ASN B 495 4.46 26.27 9.44
CA ASN B 495 4.07 24.90 8.98
C ASN B 495 3.64 24.92 7.51
N ASN B 496 3.74 23.77 6.86
CA ASN B 496 3.33 23.58 5.45
C ASN B 496 2.94 22.10 5.31
N TRP B 497 1.84 21.83 4.59
CA TRP B 497 1.32 20.47 4.24
C TRP B 497 0.66 19.76 5.44
N THR B 498 0.32 20.47 6.51
CA THR B 498 -0.15 19.86 7.77
C THR B 498 -1.66 19.91 7.99
N GLU B 499 -2.39 20.81 7.33
CA GLU B 499 -3.78 21.11 7.67
C GLU B 499 -4.74 20.41 6.73
N PHE B 500 -5.88 19.95 7.24
CA PHE B 500 -6.95 19.33 6.41
C PHE B 500 -8.32 19.39 7.10
N MET B 501 -9.37 19.11 6.34
CA MET B 501 -10.72 18.94 6.84
C MET B 501 -10.99 17.53 7.29
N ASN B 502 -11.87 17.42 8.29
CA ASN B 502 -12.43 16.14 8.72
C ASN B 502 -13.85 15.96 8.19
N PRO B 503 -14.28 14.71 7.92
CA PRO B 503 -15.69 14.45 7.77
C PRO B 503 -16.43 14.60 9.13
N ASP B 504 -17.74 14.57 9.09
CA ASP B 504 -18.53 14.32 10.29
C ASP B 504 -18.28 12.88 10.70
N TRP B 505 -17.35 12.63 11.65
CA TRP B 505 -16.99 11.26 12.02
C TRP B 505 -18.17 10.50 12.67
N VAL B 506 -19.05 11.19 13.38
CA VAL B 506 -20.23 10.53 13.90
C VAL B 506 -21.12 9.99 12.77
N GLY B 507 -21.31 10.82 11.74
CA GLY B 507 -22.01 10.43 10.52
C GLY B 507 -21.38 9.25 9.81
N ILE B 508 -20.04 9.22 9.72
CA ILE B 508 -19.31 8.07 9.18
C ILE B 508 -19.67 6.81 9.95
N ALA B 509 -19.55 6.87 11.28
CA ALA B 509 -19.84 5.70 12.11
C ALA B 509 -21.28 5.21 11.86
N LYS B 510 -22.22 6.13 11.90
CA LYS B 510 -23.65 5.81 11.67
C LYS B 510 -23.92 5.17 10.30
N ALA B 511 -23.22 5.64 9.27
CA ALA B 511 -23.36 5.12 7.91
C ALA B 511 -22.88 3.67 7.81
N PHE B 512 -21.99 3.22 8.71
CA PHE B 512 -21.53 1.83 8.79
C PHE B 512 -22.33 0.94 9.76
N GLY B 513 -23.19 1.54 10.57
CA GLY B 513 -23.87 0.82 11.64
C GLY B 513 -23.08 0.67 12.92
N ALA B 514 -22.02 1.44 13.09
CA ALA B 514 -21.27 1.54 14.34
C ALA B 514 -21.93 2.54 15.29
N TYR B 515 -21.63 2.46 16.58
CA TYR B 515 -22.04 3.50 17.51
C TYR B 515 -21.17 4.75 17.30
N GLY B 516 -21.77 5.95 17.25
CA GLY B 516 -21.04 7.20 17.10
C GLY B 516 -21.51 8.26 18.07
N GLU B 517 -20.56 9.03 18.61
CA GLU B 517 -20.91 10.17 19.50
C GLU B 517 -19.77 11.18 19.50
N SER B 518 -20.10 12.46 19.49
CA SER B 518 -19.14 13.56 19.61
C SER B 518 -19.28 14.21 20.97
N VAL B 519 -18.16 14.56 21.60
CA VAL B 519 -18.16 15.36 22.83
C VAL B 519 -17.78 16.82 22.58
N ARG B 520 -17.75 17.27 21.32
CA ARG B 520 -17.41 18.66 21.01
C ARG B 520 -18.24 19.68 21.81
N GLU B 521 -19.54 19.42 21.99
CA GLU B 521 -20.44 20.35 22.71
C GLU B 521 -20.55 19.98 24.17
N THR B 522 -20.46 18.71 24.52
CA THR B 522 -20.78 18.27 25.88
C THR B 522 -19.59 18.08 26.83
N GLY B 523 -18.41 17.81 26.29
CA GLY B 523 -17.25 17.46 27.11
C GLY B 523 -17.40 16.11 27.81
N ASP B 524 -18.43 15.33 27.49
CA ASP B 524 -18.80 14.16 28.32
C ASP B 524 -18.09 12.86 27.86
N ILE B 525 -16.77 12.83 28.07
CA ILE B 525 -15.96 11.67 27.71
C ILE B 525 -16.40 10.43 28.52
N ALA B 526 -16.62 10.57 29.83
CA ALA B 526 -17.01 9.44 30.66
C ALA B 526 -18.33 8.84 30.17
N GLY B 527 -19.32 9.70 29.89
CA GLY B 527 -20.63 9.20 29.40
C GLY B 527 -20.54 8.53 28.05
N ALA B 528 -19.68 9.05 27.19
CA ALA B 528 -19.55 8.53 25.82
C ALA B 528 -18.90 7.14 25.90
N LEU B 529 -17.89 6.95 26.75
CA LEU B 529 -17.27 5.63 26.93
C LEU B 529 -18.30 4.63 27.40
N GLN B 530 -19.10 5.01 28.41
CA GLN B 530 -20.10 4.08 28.95
C GLN B 530 -21.16 3.72 27.88
N ARG B 531 -21.67 4.71 27.13
CA ARG B 531 -22.66 4.43 26.10
C ARG B 531 -22.06 3.54 24.96
N ALA B 532 -20.80 3.80 24.62
CA ALA B 532 -20.10 3.00 23.64
C ALA B 532 -19.97 1.52 24.08
N ILE B 533 -19.57 1.29 25.35
CA ILE B 533 -19.52 -0.06 25.95
C ILE B 533 -20.91 -0.72 25.91
N ASP B 534 -21.92 0.03 26.36
CA ASP B 534 -23.31 -0.46 26.43
C ASP B 534 -23.86 -0.89 25.07
N SER B 535 -23.39 -0.28 23.97
CA SER B 535 -23.95 -0.61 22.67
C SER B 535 -23.61 -2.02 22.20
N GLY B 536 -22.49 -2.56 22.64
CA GLY B 536 -22.02 -3.82 22.10
C GLY B 536 -21.43 -3.82 20.69
N LYS B 537 -21.32 -2.65 20.09
CA LYS B 537 -20.85 -2.46 18.72
C LYS B 537 -19.50 -1.84 18.70
N PRO B 538 -18.80 -1.94 17.56
CA PRO B 538 -17.62 -1.03 17.39
C PRO B 538 -18.16 0.42 17.54
N ALA B 539 -17.33 1.27 18.16
CA ALA B 539 -17.72 2.63 18.55
C ALA B 539 -16.69 3.65 18.08
N LEU B 540 -17.15 4.86 17.75
CA LEU B 540 -16.30 5.98 17.42
C LEU B 540 -16.76 7.21 18.23
N ILE B 541 -15.85 7.71 19.07
CA ILE B 541 -16.09 8.86 19.96
C ILE B 541 -15.17 9.99 19.43
N GLU B 542 -15.75 11.07 18.94
CA GLU B 542 -15.01 12.22 18.42
C GLU B 542 -14.69 13.17 19.59
N ILE B 543 -13.41 13.40 19.82
CA ILE B 543 -12.87 14.20 20.89
C ILE B 543 -11.95 15.29 20.32
N PRO B 544 -12.43 16.56 20.28
CA PRO B 544 -11.52 17.63 19.91
C PRO B 544 -10.34 17.82 20.87
N VAL B 545 -9.15 18.05 20.31
CA VAL B 545 -7.89 18.22 21.06
C VAL B 545 -7.08 19.39 20.46
N SER B 546 -5.99 19.75 21.11
CA SER B 546 -5.10 20.79 20.59
C SER B 546 -4.21 20.27 19.47
N LYS B 547 -3.68 21.19 18.66
CA LYS B 547 -2.68 20.83 17.63
C LYS B 547 -1.34 20.42 18.18
N THR B 548 -1.03 20.78 19.42
CA THR B 548 0.35 20.74 19.93
C THR B 548 0.66 19.80 21.08
N GLN B 549 -0.37 19.36 21.83
CA GLN B 549 -0.15 18.49 22.98
C GLN B 549 0.48 17.18 22.51
N GLY B 550 1.50 16.73 23.23
CA GLY B 550 2.06 15.38 23.06
C GLY B 550 3.47 15.34 22.52
N LEU B 551 3.70 14.43 21.57
CA LEU B 551 5.07 14.05 21.09
C LEU B 551 5.99 15.26 20.91
N ALA B 552 5.52 16.27 20.16
CA ALA B 552 6.39 17.36 19.70
C ALA B 552 6.55 18.50 20.74
N SER B 553 5.88 18.39 21.92
CA SER B 553 5.87 19.55 22.90
C SER B 553 6.14 19.17 24.37
N ASP B 554 5.59 18.04 24.85
CA ASP B 554 5.61 17.76 26.28
C ASP B 554 6.95 17.28 26.79
N PRO B 555 7.49 17.92 27.85
CA PRO B 555 8.82 17.55 28.39
C PRO B 555 8.75 16.33 29.27
N VAL B 556 9.29 15.22 28.77
CA VAL B 556 9.31 13.96 29.49
C VAL B 556 10.74 13.51 29.74
N GLY B 557 11.74 14.38 29.63
CA GLY B 557 13.11 13.99 29.90
C GLY B 557 13.85 13.42 28.74
N GLY B 558 13.31 13.53 27.53
CA GLY B 558 13.98 13.01 26.34
C GLY B 558 15.21 13.78 25.92
N VAL B 559 16.07 13.11 25.17
CA VAL B 559 17.24 13.75 24.56
C VAL B 559 17.26 13.68 23.04
N GLY B 560 16.35 12.93 22.43
CA GLY B 560 16.30 12.71 21.01
C GLY B 560 14.96 12.20 20.57
N PRO B 561 14.86 11.67 19.32
CA PRO B 561 15.90 11.59 18.27
C PRO B 561 16.13 12.98 17.65
N ASN B 562 17.03 13.05 16.68
CA ASN B 562 17.43 14.29 16.01
C ASN B 562 16.58 14.44 14.73
N LEU B 563 15.29 14.69 14.93
CA LEU B 563 14.32 14.81 13.79
C LEU B 563 14.51 16.13 13.04
N LEU B 564 14.97 17.16 13.75
CA LEU B 564 15.07 18.53 13.24
C LEU B 564 16.51 18.90 13.00
N LEU B 565 17.14 18.12 12.15
CA LEU B 565 18.57 18.20 11.99
C LEU B 565 18.96 19.54 11.34
N LYS B 566 20.20 19.97 11.59
CA LYS B 566 20.75 21.21 11.07
C LYS B 566 21.66 20.93 9.84
N GLY B 567 21.47 21.66 8.77
CA GLY B 567 22.30 21.34 7.60
C GLY B 567 23.73 21.74 7.83
N ARG B 568 24.65 21.10 7.11
CA ARG B 568 26.09 21.43 7.11
C ARG B 568 26.39 22.04 5.73
N GLU B 569 27.35 22.94 5.64
CA GLU B 569 27.83 23.42 4.36
C GLU B 569 28.85 22.39 3.82
N ILE B 570 28.59 21.93 2.61
CA ILE B 570 29.36 20.82 2.00
C ILE B 570 30.26 21.39 0.93
N PRO B 571 31.56 20.98 0.92
CA PRO B 571 32.42 21.49 -0.15
C PRO B 571 32.02 20.87 -1.45
C PRO B 571 32.01 21.06 -1.60
N VAL B 572 32.13 21.67 -2.49
N VAL B 572 32.09 21.95 -2.61
CA VAL B 572 32.08 21.12 -3.84
CA VAL B 572 31.86 21.51 -4.02
C VAL B 572 33.27 20.23 -4.16
C VAL B 572 33.12 20.94 -4.64
N ASP B 573 33.07 19.52 -5.26
N ASP B 573 32.95 19.83 -5.39
CA ASP B 573 34.11 18.80 -5.92
CA ASP B 573 34.05 18.98 -5.90
C ASP B 573 34.91 19.75 -6.88
N THR B 574 36.20 19.92 -6.62
CA THR B 574 37.09 20.64 -7.55
C THR B 574 38.06 19.77 -8.34
N GLY B 575 37.83 18.45 -8.34
CA GLY B 575 38.65 17.51 -9.12
C GLY B 575 38.83 17.79 -10.61
N GLY B 576 37.90 18.52 -11.21
CA GLY B 576 37.94 18.85 -12.65
C GLY B 576 36.78 18.34 -13.50
N SER B 577 36.12 17.30 -13.05
CA SER B 577 34.96 16.76 -13.76
C SER B 577 33.77 17.73 -13.71
N MET B 578 32.90 17.62 -14.71
CA MET B 578 31.77 18.56 -14.90
C MET B 578 30.43 17.98 -14.41
N TYR B 579 29.43 18.83 -14.25
CA TYR B 579 28.04 18.40 -14.13
C TYR B 579 27.44 18.04 -15.49
N PRO B 580 26.39 17.17 -15.49
CA PRO B 580 25.65 16.99 -16.75
C PRO B 580 25.12 18.32 -17.32
N GLY B 581 25.18 18.55 -18.65
CA GLY B 581 24.75 19.78 -19.23
C GLY B 581 25.69 20.98 -19.10
N GLU B 582 26.73 20.87 -18.28
CA GLU B 582 27.69 21.96 -18.06
C GLU B 582 28.47 22.26 -19.36
N ASN B 583 28.62 21.28 -20.24
CA ASN B 583 29.26 21.52 -21.51
C ASN B 583 28.76 22.80 -22.23
N LEU B 584 27.48 23.09 -22.17
CA LEU B 584 26.93 24.23 -22.89
C LEU B 584 27.47 25.58 -22.32
N LEU B 585 27.86 25.57 -21.05
CA LEU B 585 28.40 26.75 -20.36
C LEU B 585 29.83 27.09 -20.68
N HIS B 586 30.55 26.20 -21.35
CA HIS B 586 31.94 26.45 -21.76
C HIS B 586 32.08 26.85 -23.20
N LEU B 587 30.97 26.93 -23.92
CA LEU B 587 30.97 27.42 -25.32
C LEU B 587 30.89 28.97 -25.28
N LYS B 588 31.62 29.65 -26.13
CA LYS B 588 31.69 31.13 -25.97
C LYS B 588 31.02 31.97 -27.07
MG MG C . -19.85 -5.09 -6.57
O1 P6G D . 12.94 9.78 -27.61
C2 P6G D . 12.93 10.12 -28.90
C3 P6G D . 12.75 8.91 -29.80
O4 P6G D . 12.64 7.66 -29.05
C5 P6G D . 12.12 6.61 -29.88
C6 P6G D . 12.85 5.31 -29.57
O7 P6G D . 13.34 4.73 -30.79
C8 P6G D . 14.53 3.97 -30.60
C9 P6G D . 14.35 2.56 -31.16
O10 P6G D . 15.34 2.29 -32.16
C11 P6G D . 16.11 1.12 -31.89
C12 P6G D . 16.59 0.49 -33.18
O13 P6G D . 16.19 -0.88 -33.22
C14 P6G D . 16.31 -1.43 -34.54
C15 P6G D . 15.45 -2.68 -34.64
O16 P6G D . 16.11 -3.76 -33.95
PA FAD E . -0.35 0.67 -24.43
O1A FAD E . -1.33 1.78 -24.64
O2A FAD E . -0.19 0.02 -23.16
O5B FAD E . 1.14 1.09 -24.93
C5B FAD E . 1.38 1.92 -26.06
C4B FAD E . 2.07 1.17 -27.19
O4B FAD E . 2.27 2.12 -28.27
C3B FAD E . 3.38 0.55 -26.80
O3B FAD E . 3.75 -0.60 -27.59
C2B FAD E . 4.29 1.77 -27.14
O2B FAD E . 5.67 1.47 -27.34
C1B FAD E . 3.69 2.33 -28.43
N9A FAD E . 3.93 3.76 -28.75
C8A FAD E . 3.99 4.83 -27.89
N7A FAD E . 4.15 5.99 -28.56
C5A FAD E . 4.23 5.62 -29.87
C6A FAD E . 4.40 6.34 -31.04
N6A FAD E . 4.67 7.66 -31.02
N1A FAD E . 4.39 5.68 -32.25
C2A FAD E . 4.25 4.31 -32.30
N3A FAD E . 4.11 3.54 -31.20
C4A FAD E . 4.03 4.23 -30.03
N1 FAD E . -7.69 -3.76 -23.52
C2 FAD E . -8.25 -3.96 -24.76
O2 FAD E . -7.68 -3.50 -25.75
N3 FAD E . -9.46 -4.61 -24.85
C4 FAD E . -10.20 -5.04 -23.77
O4 FAD E . -11.31 -5.58 -23.94
C4X FAD E . -9.57 -4.91 -22.50
N5 FAD E . -10.24 -5.34 -21.42
C5X FAD E . -9.64 -5.13 -20.18
C6 FAD E . -10.31 -5.54 -19.02
C7 FAD E . -9.79 -5.44 -17.69
C7M FAD E . -10.54 -5.89 -16.48
C8 FAD E . -8.56 -4.74 -17.58
C8M FAD E . -7.87 -4.50 -16.24
C9 FAD E . -7.88 -4.34 -18.75
C9A FAD E . -8.39 -4.48 -20.05
N10 FAD E . -7.75 -4.00 -21.22
C10 FAD E . -8.36 -4.20 -22.42
C1' FAD E . -6.46 -3.20 -21.20
C2' FAD E . -5.21 -4.05 -21.45
O2' FAD E . -4.88 -4.80 -20.28
C3' FAD E . -4.02 -3.16 -21.93
O3' FAD E . -3.83 -2.16 -20.92
C4' FAD E . -4.22 -2.51 -23.30
O4' FAD E . -4.88 -3.37 -24.25
C5' FAD E . -2.89 -2.10 -23.88
O5' FAD E . -3.07 -1.20 -25.00
P FAD E . -2.07 -1.05 -26.20
O1P FAD E . -1.67 -2.39 -26.80
O2P FAD E . -2.59 0.01 -27.11
O3P FAD E . -0.64 -0.55 -25.53
N1' TPP F . -7.56 -6.89 -4.98
C2' TPP F . -6.90 -6.03 -5.80
CM2 TPP F . -6.00 -4.98 -5.22
N3' TPP F . -6.94 -6.07 -7.14
C4' TPP F . -7.72 -7.01 -7.76
N4' TPP F . -7.74 -7.12 -9.09
C5' TPP F . -8.55 -7.91 -6.93
C6' TPP F . -8.35 -7.75 -5.63
C7' TPP F . -9.46 -8.96 -7.59
N3 TPP F . -10.67 -8.35 -8.21
C2 TPP F . -10.75 -7.90 -9.49
S1 TPP F . -12.27 -7.33 -9.90
C5 TPP F . -12.91 -7.71 -8.38
C4 TPP F . -11.87 -8.26 -7.52
CM4 TPP F . -12.16 -8.65 -6.12
C6 TPP F . -14.34 -7.44 -8.00
C7 TPP F . -14.53 -5.96 -7.65
O7 TPP F . -15.81 -5.76 -7.05
PA TPP F . -16.65 -4.47 -7.39
O1A TPP F . -17.80 -4.49 -6.43
O2A TPP F . -15.80 -3.22 -7.41
O3A TPP F . -17.16 -4.73 -8.87
PB TPP F . -18.27 -5.83 -9.51
O1B TPP F . -17.46 -7.05 -9.87
O2B TPP F . -18.74 -5.06 -10.71
O3B TPP F . -19.31 -6.07 -8.42
O2 CXO G . 6.87 12.51 10.69
C2 CXO G . 7.02 11.92 11.76
C3 CXO G . 7.12 12.80 13.02
C4 CXO G . 7.67 12.05 14.24
C5 CXO G . 7.00 10.69 14.46
C6 CXO G . 6.93 9.94 13.14
C1 CXO G . 6.98 10.54 11.90
O1 CXO G . 6.90 9.72 10.83
O1 P6G H . 21.36 2.26 1.27
C2 P6G H . 21.44 3.11 2.41
C3 P6G H . 20.04 3.30 2.86
O4 P6G H . 19.44 2.08 3.19
C5 P6G H . 18.13 2.28 3.75
C6 P6G H . 17.52 0.94 3.89
O7 P6G H . 18.18 0.01 4.68
C8 P6G H . 17.41 -1.21 4.72
C9 P6G H . 18.13 -2.44 5.23
O10 P6G H . 19.52 -2.25 5.53
O1 P6G I . -22.32 17.55 11.25
C2 P6G I . -22.69 17.33 9.89
C3 P6G I . -21.57 17.86 9.03
O4 P6G I . -21.55 17.25 7.75
C5 P6G I . -20.89 17.98 6.73
C6 P6G I . -19.39 17.76 6.82
O7 P6G I . -18.72 19.03 6.83
O1 P6G J . 13.60 -1.83 -17.52
C2 P6G J . 13.57 -0.95 -16.41
C3 P6G J . 14.41 -1.53 -15.29
O4 P6G J . 13.66 -2.64 -14.87
C5 P6G J . 13.93 -3.13 -13.57
C6 P6G J . 12.81 -4.05 -13.14
O7 P6G J . 12.59 -5.08 -14.09
C8 P6G J . 11.45 -5.89 -13.86
C9 P6G J . 11.03 -6.50 -15.20
O10 P6G J . 12.15 -7.21 -15.72
O1 P6G K . -2.68 24.31 2.97
C2 P6G K . -3.63 25.28 3.44
C3 P6G K . -4.53 24.62 4.48
O4 P6G K . -5.35 23.63 3.85
C5 P6G K . -6.28 22.92 4.65
C6 P6G K . -7.51 23.75 4.58
O7 P6G K . -8.55 23.31 5.41
C8 P6G K . -9.54 22.41 4.99
C9 P6G K . -10.81 23.18 4.74
O10 P6G K . -10.84 23.51 3.38
C11 P6G K . -12.11 23.99 2.95
C12 P6G K . -12.00 24.60 1.58
O13 P6G K . -10.89 25.45 1.52
C14 P6G K . -10.77 26.06 0.24
C15 P6G K . -9.52 25.51 -0.32
O16 P6G K . -8.54 26.28 0.31
C17 P6G K . -8.00 27.37 -0.43
MG MG L . -4.38 15.27 14.10
PA FAD M . 11.59 -5.48 20.63
O1A FAD M . 10.43 -5.71 21.54
O2A FAD M . 11.41 -4.85 19.34
O5B FAD M . 12.36 -6.86 20.36
C5B FAD M . 12.48 -7.93 21.42
C4B FAD M . 13.88 -8.03 21.87
O4B FAD M . 13.89 -9.04 22.88
C3B FAD M . 14.87 -8.46 20.75
O3B FAD M . 16.17 -7.96 20.99
C2B FAD M . 14.80 -9.97 20.84
O2B FAD M . 15.82 -10.68 20.24
C1B FAD M . 14.69 -10.16 22.37
N9A FAD M . 14.04 -11.42 22.81
C8A FAD M . 12.91 -12.04 22.26
N7A FAD M . 12.58 -13.13 22.96
C5A FAD M . 13.49 -13.20 24.01
C6A FAD M . 13.65 -14.12 25.06
N6A FAD M . 12.92 -15.26 25.22
N1A FAD M . 14.67 -13.89 25.95
C2A FAD M . 15.51 -12.80 25.76
N3A FAD M . 15.45 -11.91 24.75
C4A FAD M . 14.42 -12.14 23.89
N1 FAD M . 10.02 2.76 22.56
C2 FAD M . 10.42 2.97 23.83
O2 FAD M . 10.95 2.09 24.51
N3 FAD M . 10.24 4.24 24.36
C4 FAD M . 9.60 5.31 23.71
O4 FAD M . 9.46 6.37 24.31
C4X FAD M . 9.17 5.04 22.39
N5 FAD M . 8.52 6.02 21.68
C5X FAD M . 8.10 5.74 20.39
C6 FAD M . 7.46 6.72 19.64
C7 FAD M . 7.03 6.48 18.33
C7M FAD M . 6.30 7.59 17.60
C8 FAD M . 7.23 5.20 17.79
C8M FAD M . 6.75 4.86 16.40
C9 FAD M . 7.89 4.19 18.54
C9A FAD M . 8.35 4.45 19.82
N10 FAD M . 8.93 3.44 20.57
C10 FAD M . 9.38 3.75 21.86
C1' FAD M . 9.08 2.03 20.07
C2' FAD M . 10.49 1.69 19.51
O2' FAD M . 10.65 2.28 18.19
C3' FAD M . 10.81 0.18 19.53
O3' FAD M . 9.76 -0.44 18.80
C4' FAD M . 10.96 -0.43 20.93
O4' FAD M . 11.66 0.44 21.86
C5' FAD M . 11.71 -1.75 20.78
O5' FAD M . 11.59 -2.44 22.06
P FAD M . 12.63 -3.48 22.59
O1P FAD M . 14.03 -2.89 22.60
O2P FAD M . 12.10 -4.05 23.84
O3P FAD M . 12.76 -4.62 21.44
N1' TPP N . 2.90 8.78 6.25
C2' TPP N . 3.10 7.55 6.77
CM2 TPP N . 2.56 6.37 5.99
N3' TPP N . 3.76 7.32 7.94
C4' TPP N . 4.26 8.43 8.61
N4' TPP N . 4.98 8.16 9.69
C5' TPP N . 3.93 9.81 8.14
C6' TPP N . 3.36 9.79 6.97
C7' TPP N . 4.47 10.98 8.89
N3 TPP N . 3.67 11.25 10.14
C2 TPP N . 3.92 10.72 11.34
S1 TPP N . 3.00 11.23 12.61
C5 TPP N . 2.14 12.24 11.54
C4 TPP N . 2.61 12.13 10.20
CM4 TPP N . 2.08 12.86 9.03
C6 TPP N . 0.95 13.05 12.07
C7 TPP N . -0.30 12.19 12.07
O7 TPP N . -1.41 13.03 12.31
PA TPP N . -2.61 12.56 13.31
O1A TPP N . -3.74 13.53 13.16
O2A TPP N . -2.95 11.09 13.15
O3A TPP N . -1.97 12.73 14.78
PB TPP N . -1.52 14.11 15.61
O1B TPP N . -0.08 14.37 15.32
O2B TPP N . -1.71 13.65 17.03
O3B TPP N . -2.47 15.20 15.17
O2 CXO O . -10.15 -11.22 -9.91
C2 CXO O . -10.17 -10.68 -11.03
C3 CXO O . -11.33 -11.14 -11.91
C4 CXO O . -11.13 -10.74 -13.36
C5 CXO O . -10.77 -9.28 -13.49
C6 CXO O . -9.62 -8.91 -12.55
C1 CXO O . -9.32 -9.65 -11.44
O1 CXO O . -8.24 -9.27 -10.71
O1 P6G P . 19.16 -6.36 6.57
C2 P6G P . 18.32 -5.92 5.51
C3 P6G P . 18.39 -6.89 4.34
O4 P6G P . 17.19 -7.66 4.20
C5 P6G P . 17.31 -8.79 3.36
C6 P6G P . 16.35 -9.90 3.75
O7 P6G P . 16.83 -10.59 4.89
C8 P6G P . 16.56 -11.99 4.96
C9 P6G P . 16.94 -12.59 6.31
O10 P6G P . 17.59 -11.65 7.18
O1 P6G Q . 10.14 -10.17 -14.44
C2 P6G Q . 8.80 -9.75 -14.61
C3 P6G Q . 8.02 -9.83 -13.29
O4 P6G Q . 7.51 -11.16 -13.15
C5 P6G Q . 6.97 -11.49 -11.91
C6 P6G Q . 6.48 -12.88 -12.00
O7 P6G Q . 7.61 -13.74 -12.15
C8 P6G Q . 7.41 -15.09 -11.86
C9 P6G Q . 8.56 -15.95 -12.28
O10 P6G Q . 9.66 -15.60 -11.43
O1 P6G R . -15.27 -10.15 22.40
C2 P6G R . -15.92 -9.10 23.17
C3 P6G R . -14.89 -8.25 23.91
O4 P6G R . -15.34 -7.69 25.17
C5 P6G R . -14.64 -7.91 26.40
C6 P6G R . -15.66 -7.82 27.50
O7 P6G R . -15.43 -8.33 28.79
C8 P6G R . -16.54 -8.25 29.73
C9 P6G R . -16.80 -6.78 29.94
O10 P6G R . -17.82 -6.37 30.85
C11 P6G R . -18.06 -4.97 30.95
C12 P6G R . -16.91 -4.36 31.68
O13 P6G R . -16.95 -2.97 31.88
C14 P6G R . -15.83 -2.33 32.53
C15 P6G R . -15.42 -3.08 33.79
O16 P6G R . -14.50 -2.35 34.60
C17 P6G R . -13.75 -3.04 35.58
O1 P6G S . 2.45 20.22 29.13
C2 P6G S . 3.65 20.89 29.55
C3 P6G S . 3.80 20.90 31.07
O4 P6G S . 3.44 22.18 31.62
C5 P6G S . 2.44 22.42 32.62
C6 P6G S . 1.25 21.53 32.43
O7 P6G S . 0.10 22.01 33.13
C8 P6G S . -1.16 21.34 33.00
C9 P6G S . -1.96 21.91 31.86
O10 P6G S . -2.07 21.05 30.76
C11 P6G S . -3.30 20.44 30.42
C12 P6G S . -3.27 20.05 28.95
O13 P6G S . -2.04 20.42 28.35
C14 P6G S . -2.17 20.79 26.98
C15 P6G S . -0.82 20.94 26.31
O16 P6G S . -0.83 21.93 25.27
C17 P6G S . -2.01 22.12 24.46
#